data_6E1S
# 
_entry.id   6E1S 
# 
_audit_conform.dict_name       mmcif_pdbx.dic 
_audit_conform.dict_version    5.379 
_audit_conform.dict_location   http://mmcif.pdb.org/dictionaries/ascii/mmcif_pdbx.dic 
# 
loop_
_database_2.database_id 
_database_2.database_code 
_database_2.pdbx_database_accession 
_database_2.pdbx_DOI 
PDB   6E1S         pdb_00006e1s 10.2210/pdb6e1s/pdb 
WWPDB D_1000235503 ?            ?                   
# 
_pdbx_database_status.status_code                     REL 
_pdbx_database_status.status_code_sf                  REL 
_pdbx_database_status.status_code_mr                  ? 
_pdbx_database_status.entry_id                        6E1S 
_pdbx_database_status.recvd_initial_deposition_date   2018-07-10 
_pdbx_database_status.SG_entry                        N 
_pdbx_database_status.deposit_site                    RCSB 
_pdbx_database_status.process_site                    RCSB 
_pdbx_database_status.status_code_cs                  ? 
_pdbx_database_status.methods_development_category    ? 
_pdbx_database_status.pdb_format_compatible           Y 
_pdbx_database_status.status_code_nmr_data            ? 
# 
loop_
_audit_author.name 
_audit_author.pdbx_ordinal 
_audit_author.identifier_ORCID 
'Numata, T.'          1 ? 
'Connelly, C.M.'      2 ? 
'Schneekloth, J.S.'   3 ? 
;Ferre-D'Amare, A.R.
;
4 ? 
# 
_citation.abstract                  ? 
_citation.abstract_id_CAS           ? 
_citation.book_id_ISBN              ? 
_citation.book_publisher            ? 
_citation.book_publisher_city       ? 
_citation.book_title                ? 
_citation.coordinate_linkage        ? 
_citation.country                   UK 
_citation.database_id_Medline       ? 
_citation.details                   ? 
_citation.id                        primary 
_citation.journal_abbrev            'Nat Commun' 
_citation.journal_id_ASTM           ? 
_citation.journal_id_CSD            ? 
_citation.journal_id_ISSN           2041-1723 
_citation.journal_full              ? 
_citation.journal_issue             ? 
_citation.journal_volume            10 
_citation.language                  ? 
_citation.page_first                1501 
_citation.page_last                 1501 
_citation.title                     
'Synthetic ligands for PreQ1riboswitches provide structural and mechanistic insights into targeting RNA tertiary structure.' 
_citation.year                      2019 
_citation.database_id_CSD           ? 
_citation.pdbx_database_id_DOI      10.1038/s41467-019-09493-3 
_citation.pdbx_database_id_PubMed   30940810 
_citation.unpublished_flag          ? 
# 
loop_
_citation_author.citation_id 
_citation_author.name 
_citation_author.ordinal 
_citation_author.identifier_ORCID 
primary 'Connelly, C.M.'        1 ? 
primary 'Numata, T.'            2 ? 
primary 'Boer, R.E.'            3 ? 
primary 'Moon, M.H.'            4 ? 
primary 'Sinniah, R.S.'         5 ? 
primary 'Barchi, J.J.'          6 ? 
primary 
;Ferre-D'Amare, A.R.
;
7 ? 
primary 'Schneekloth Jr., J.S.' 8 ? 
# 
_cell.angle_alpha                  90.000 
_cell.angle_alpha_esd              ? 
_cell.angle_beta                   90.000 
_cell.angle_beta_esd               ? 
_cell.angle_gamma                  120.000 
_cell.angle_gamma_esd              ? 
_cell.entry_id                     6E1S 
_cell.details                      ? 
_cell.formula_units_Z              ? 
_cell.length_a                     115.395 
_cell.length_a_esd                 ? 
_cell.length_b                     115.395 
_cell.length_b_esd                 ? 
_cell.length_c                     58.784 
_cell.length_c_esd                 ? 
_cell.volume                       ? 
_cell.volume_esd                   ? 
_cell.Z_PDB                        12 
_cell.reciprocal_angle_alpha       ? 
_cell.reciprocal_angle_beta        ? 
_cell.reciprocal_angle_gamma       ? 
_cell.reciprocal_angle_alpha_esd   ? 
_cell.reciprocal_angle_beta_esd    ? 
_cell.reciprocal_angle_gamma_esd   ? 
_cell.reciprocal_length_a          ? 
_cell.reciprocal_length_b          ? 
_cell.reciprocal_length_c          ? 
_cell.reciprocal_length_a_esd      ? 
_cell.reciprocal_length_b_esd      ? 
_cell.reciprocal_length_c_esd      ? 
_cell.pdbx_unique_axis             ? 
# 
_symmetry.entry_id                         6E1S 
_symmetry.cell_setting                     ? 
_symmetry.Int_Tables_number                182 
_symmetry.space_group_name_Hall            ? 
_symmetry.space_group_name_H-M             'P 63 2 2' 
_symmetry.pdbx_full_space_group_name_H-M   ? 
# 
loop_
_entity.id 
_entity.type 
_entity.src_method 
_entity.pdbx_description 
_entity.formula_weight 
_entity.pdbx_number_of_molecules 
_entity.pdbx_ec 
_entity.pdbx_mutation 
_entity.pdbx_fragment 
_entity.details 
1 polymer     syn 'RNA (33-MER)'                                 10333.194 1  ? 'A13N, A14N' ? ? 
2 non-polymer man '2-[(dibenzo[b,d]furan-2-yl)oxy]ethan-1-amine' 227.259   1  ? ?            ? ? 
3 water       nat water                                          18.015    66 ? ?            ? ? 
# 
_entity_poly.entity_id                      1 
_entity_poly.type                           polyribonucleotide 
_entity_poly.nstd_linkage                   no 
_entity_poly.nstd_monomer                   no 
_entity_poly.pdbx_seq_one_letter_code       'CUGGGUCGCAGU(N)(N)CCCCAGUUAACAAAACAAG' 
_entity_poly.pdbx_seq_one_letter_code_can   CUGGGUCGCAGUNNCCCCAGUUAACAAAACAAG 
_entity_poly.pdbx_strand_id                 A 
_entity_poly.pdbx_target_identifier         ? 
# 
loop_
_entity_poly_seq.entity_id 
_entity_poly_seq.num 
_entity_poly_seq.mon_id 
_entity_poly_seq.hetero 
1 1  C n 
1 2  U n 
1 3  G n 
1 4  G n 
1 5  G n 
1 6  U n 
1 7  C n 
1 8  G n 
1 9  C n 
1 10 A n 
1 11 G n 
1 12 U n 
1 13 N n 
1 14 N n 
1 15 C n 
1 16 C n 
1 17 C n 
1 18 C n 
1 19 A n 
1 20 G n 
1 21 U n 
1 22 U n 
1 23 A n 
1 24 A n 
1 25 C n 
1 26 A n 
1 27 A n 
1 28 A n 
1 29 A n 
1 30 C n 
1 31 A n 
1 32 A n 
1 33 G n 
# 
_pdbx_entity_src_syn.entity_id              1 
_pdbx_entity_src_syn.pdbx_src_id            1 
_pdbx_entity_src_syn.pdbx_alt_source_flag   sample 
_pdbx_entity_src_syn.pdbx_beg_seq_num       1 
_pdbx_entity_src_syn.pdbx_end_seq_num       33 
_pdbx_entity_src_syn.organism_scientific    'Caldanaerobacter subterraneus subsp. tengcongensis' 
_pdbx_entity_src_syn.organism_common_name   ? 
_pdbx_entity_src_syn.ncbi_taxonomy_id       119072 
_pdbx_entity_src_syn.details                ? 
# 
_struct_ref.id                         1 
_struct_ref.db_name                    PDB 
_struct_ref.db_code                    6E1S 
_struct_ref.pdbx_db_accession          6E1S 
_struct_ref.pdbx_db_isoform            ? 
_struct_ref.entity_id                  1 
_struct_ref.pdbx_seq_one_letter_code   ? 
_struct_ref.pdbx_align_begin           1 
# 
_struct_ref_seq.align_id                      1 
_struct_ref_seq.ref_id                        1 
_struct_ref_seq.pdbx_PDB_id_code              6E1S 
_struct_ref_seq.pdbx_strand_id                A 
_struct_ref_seq.seq_align_beg                 1 
_struct_ref_seq.pdbx_seq_align_beg_ins_code   ? 
_struct_ref_seq.seq_align_end                 33 
_struct_ref_seq.pdbx_seq_align_end_ins_code   ? 
_struct_ref_seq.pdbx_db_accession             6E1S 
_struct_ref_seq.db_align_beg                  1 
_struct_ref_seq.pdbx_db_align_beg_ins_code    ? 
_struct_ref_seq.db_align_end                  33 
_struct_ref_seq.pdbx_db_align_end_ins_code    ? 
_struct_ref_seq.pdbx_auth_seq_align_beg       1 
_struct_ref_seq.pdbx_auth_seq_align_end       33 
# 
loop_
_chem_comp.id 
_chem_comp.type 
_chem_comp.mon_nstd_flag 
_chem_comp.name 
_chem_comp.pdbx_synonyms 
_chem_comp.formula 
_chem_comp.formula_weight 
A   'RNA linking' y "ADENOSINE-5'-MONOPHOSPHATE"                   ?                                   'C10 H14 N5 O7 P' 347.221 
C   'RNA linking' y "CYTIDINE-5'-MONOPHOSPHATE"                    ?                                   'C9 H14 N3 O8 P'  323.197 
G   'RNA linking' y "GUANOSINE-5'-MONOPHOSPHATE"                   ?                                   'C10 H14 N5 O8 P' 363.221 
HLV non-polymer   . '2-[(dibenzo[b,d]furan-2-yl)oxy]ethan-1-amine' ?                                   'C14 H13 N O2'    227.259 
HOH non-polymer   . WATER                                          ?                                   'H2 O'            18.015  
N   'RNA linking' . 
;ANY 5'-MONOPHOSPHATE NUCLEOTIDE
;
"1-DEOXY-RIBOFURANOSE-5'-PHOSPHATE" 'C5 H11 O7 P'     214.110 
U   'RNA linking' y "URIDINE-5'-MONOPHOSPHATE"                     ?                                   'C9 H13 N2 O9 P'  324.181 
# 
_exptl.absorpt_coefficient_mu     ? 
_exptl.absorpt_correction_T_max   ? 
_exptl.absorpt_correction_T_min   ? 
_exptl.absorpt_correction_type    ? 
_exptl.absorpt_process_details    ? 
_exptl.entry_id                   6E1S 
_exptl.crystals_number            1 
_exptl.details                    ? 
_exptl.method                     'X-RAY DIFFRACTION' 
_exptl.method_details             ? 
# 
_exptl_crystal.colour                      ? 
_exptl_crystal.density_diffrn              ? 
_exptl_crystal.density_Matthews            5.19 
_exptl_crystal.density_method              ? 
_exptl_crystal.density_percent_sol         76.3 
_exptl_crystal.description                 ? 
_exptl_crystal.F_000                       ? 
_exptl_crystal.id                          1 
_exptl_crystal.preparation                 ? 
_exptl_crystal.size_max                    ? 
_exptl_crystal.size_mid                    ? 
_exptl_crystal.size_min                    ? 
_exptl_crystal.size_rad                    ? 
_exptl_crystal.colour_lustre               ? 
_exptl_crystal.colour_modifier             ? 
_exptl_crystal.colour_primary              ? 
_exptl_crystal.density_meas                ? 
_exptl_crystal.density_meas_esd            ? 
_exptl_crystal.density_meas_gt             ? 
_exptl_crystal.density_meas_lt             ? 
_exptl_crystal.density_meas_temp           ? 
_exptl_crystal.density_meas_temp_esd       ? 
_exptl_crystal.density_meas_temp_gt        ? 
_exptl_crystal.density_meas_temp_lt        ? 
_exptl_crystal.pdbx_crystal_image_url      ? 
_exptl_crystal.pdbx_crystal_image_format   ? 
_exptl_crystal.pdbx_mosaicity              ? 
_exptl_crystal.pdbx_mosaicity_esd          ? 
# 
_exptl_crystal_grow.apparatus       ? 
_exptl_crystal_grow.atmosphere      ? 
_exptl_crystal_grow.crystal_id      1 
_exptl_crystal_grow.details         ? 
_exptl_crystal_grow.method          'VAPOR DIFFUSION, HANGING DROP' 
_exptl_crystal_grow.method_ref      ? 
_exptl_crystal_grow.pH              5.6 
_exptl_crystal_grow.pressure        ? 
_exptl_crystal_grow.pressure_esd    ? 
_exptl_crystal_grow.seeding         ? 
_exptl_crystal_grow.seeding_ref     ? 
_exptl_crystal_grow.temp            294 
_exptl_crystal_grow.temp_details    ? 
_exptl_crystal_grow.temp_esd        ? 
_exptl_crystal_grow.time            ? 
_exptl_crystal_grow.pdbx_details    '0.01 M magnesium acetate, 0.05 M MES (pH 5.6), 2.6 M ammonium sulfate' 
_exptl_crystal_grow.pdbx_pH_range   ? 
# 
_diffrn.ambient_environment    ? 
_diffrn.ambient_temp           100 
_diffrn.ambient_temp_details   ? 
_diffrn.ambient_temp_esd       ? 
_diffrn.crystal_id             1 
_diffrn.crystal_support        ? 
_diffrn.crystal_treatment      ? 
_diffrn.details                ? 
_diffrn.id                     1 
_diffrn.ambient_pressure       ? 
_diffrn.ambient_pressure_esd   ? 
_diffrn.ambient_pressure_gt    ? 
_diffrn.ambient_pressure_lt    ? 
_diffrn.ambient_temp_gt        ? 
_diffrn.ambient_temp_lt        ? 
# 
_diffrn_detector.details                      ? 
_diffrn_detector.detector                     PIXEL 
_diffrn_detector.diffrn_id                    1 
_diffrn_detector.type                         'DECTRIS PILATUS3 6M' 
_diffrn_detector.area_resol_mean              ? 
_diffrn_detector.dtime                        ? 
_diffrn_detector.pdbx_frames_total            ? 
_diffrn_detector.pdbx_collection_time_total   ? 
_diffrn_detector.pdbx_collection_date         2017-11-07 
# 
_diffrn_radiation.collimation                      ? 
_diffrn_radiation.diffrn_id                        1 
_diffrn_radiation.filter_edge                      ? 
_diffrn_radiation.inhomogeneity                    ? 
_diffrn_radiation.monochromator                    ? 
_diffrn_radiation.polarisn_norm                    ? 
_diffrn_radiation.polarisn_ratio                   ? 
_diffrn_radiation.probe                            ? 
_diffrn_radiation.type                             ? 
_diffrn_radiation.xray_symbol                      ? 
_diffrn_radiation.wavelength_id                    1 
_diffrn_radiation.pdbx_monochromatic_or_laue_m_l   M 
_diffrn_radiation.pdbx_wavelength_list             ? 
_diffrn_radiation.pdbx_wavelength                  ? 
_diffrn_radiation.pdbx_diffrn_protocol             'SINGLE WAVELENGTH' 
_diffrn_radiation.pdbx_analyzer                    ? 
_diffrn_radiation.pdbx_scattering_type             x-ray 
# 
_diffrn_radiation_wavelength.id           1 
_diffrn_radiation_wavelength.wavelength   1.0 
_diffrn_radiation_wavelength.wt           1.0 
# 
_diffrn_source.current                     ? 
_diffrn_source.details                     ? 
_diffrn_source.diffrn_id                   1 
_diffrn_source.power                       ? 
_diffrn_source.size                        ? 
_diffrn_source.source                      SYNCHROTRON 
_diffrn_source.target                      ? 
_diffrn_source.type                        'ALS BEAMLINE 5.0.2' 
_diffrn_source.voltage                     ? 
_diffrn_source.take-off_angle              ? 
_diffrn_source.pdbx_wavelength_list        1.0 
_diffrn_source.pdbx_wavelength             ? 
_diffrn_source.pdbx_synchrotron_beamline   5.0.2 
_diffrn_source.pdbx_synchrotron_site       ALS 
# 
_reflns.B_iso_Wilson_estimate            34.810 
_reflns.entry_id                         6E1S 
_reflns.data_reduction_details           ? 
_reflns.data_reduction_method            ? 
_reflns.d_resolution_high                1.800 
_reflns.d_resolution_low                 57.700 
_reflns.details                          ? 
_reflns.limit_h_max                      ? 
_reflns.limit_h_min                      ? 
_reflns.limit_k_max                      ? 
_reflns.limit_k_min                      ? 
_reflns.limit_l_max                      ? 
_reflns.limit_l_min                      ? 
_reflns.number_all                       ? 
_reflns.number_obs                       21898 
_reflns.observed_criterion               ? 
_reflns.observed_criterion_F_max         ? 
_reflns.observed_criterion_F_min         ? 
_reflns.observed_criterion_I_max         ? 
_reflns.observed_criterion_I_min         ? 
_reflns.observed_criterion_sigma_F       ? 
_reflns.observed_criterion_sigma_I       ? 
_reflns.percent_possible_obs             100.000 
_reflns.R_free_details                   ? 
_reflns.Rmerge_F_all                     ? 
_reflns.Rmerge_F_obs                     ? 
_reflns.Friedel_coverage                 ? 
_reflns.number_gt                        ? 
_reflns.threshold_expression             ? 
_reflns.pdbx_redundancy                  25.400 
_reflns.pdbx_Rmerge_I_obs                0.081 
_reflns.pdbx_Rmerge_I_all                ? 
_reflns.pdbx_Rsym_value                  ? 
_reflns.pdbx_netI_over_av_sigmaI         ? 
_reflns.pdbx_netI_over_sigmaI            15.700 
_reflns.pdbx_res_netI_over_av_sigmaI_2   ? 
_reflns.pdbx_res_netI_over_sigmaI_2      ? 
_reflns.pdbx_chi_squared                 ? 
_reflns.pdbx_scaling_rejects             411 
_reflns.pdbx_d_res_high_opt              ? 
_reflns.pdbx_d_res_low_opt               ? 
_reflns.pdbx_d_res_opt_method            ? 
_reflns.phase_calculation_details        ? 
_reflns.pdbx_Rrim_I_all                  0.083 
_reflns.pdbx_Rpim_I_all                  0.017 
_reflns.pdbx_d_opt                       ? 
_reflns.pdbx_number_measured_all         555856 
_reflns.pdbx_diffrn_id                   1 
_reflns.pdbx_ordinal                     1 
_reflns.pdbx_CC_half                     0.998 
_reflns.pdbx_R_split                     ? 
# 
loop_
_reflns_shell.d_res_high 
_reflns_shell.d_res_low 
_reflns_shell.meanI_over_sigI_all 
_reflns_shell.meanI_over_sigI_obs 
_reflns_shell.number_measured_all 
_reflns_shell.number_measured_obs 
_reflns_shell.number_possible 
_reflns_shell.number_unique_all 
_reflns_shell.number_unique_obs 
_reflns_shell.percent_possible_all 
_reflns_shell.percent_possible_obs 
_reflns_shell.Rmerge_F_all 
_reflns_shell.Rmerge_F_obs 
_reflns_shell.Rmerge_I_all 
_reflns_shell.Rmerge_I_obs 
_reflns_shell.meanI_over_sigI_gt 
_reflns_shell.meanI_over_uI_all 
_reflns_shell.meanI_over_uI_gt 
_reflns_shell.number_measured_gt 
_reflns_shell.number_unique_gt 
_reflns_shell.percent_possible_gt 
_reflns_shell.Rmerge_F_gt 
_reflns_shell.Rmerge_I_gt 
_reflns_shell.pdbx_redundancy 
_reflns_shell.pdbx_Rsym_value 
_reflns_shell.pdbx_chi_squared 
_reflns_shell.pdbx_netI_over_sigmaI_all 
_reflns_shell.pdbx_netI_over_sigmaI_obs 
_reflns_shell.pdbx_Rrim_I_all 
_reflns_shell.pdbx_Rpim_I_all 
_reflns_shell.pdbx_rejects 
_reflns_shell.pdbx_ordinal 
_reflns_shell.pdbx_diffrn_id 
_reflns_shell.pdbx_CC_half 
_reflns_shell.pdbx_R_split 
1.800 1.850  ? ? 37780 ? ? ? 1573 99.900 ? ? ? ? 4.302 ? ? ? ? ? ? ? ? 24.000 ? ? ? 1.000  4.394 0.885 ? 1 1 0.843 ? 
8.050 57.700 ? ? 6761  ? ? ? 313  99.900 ? ? ? ? 0.045 ? ? ? ? ? ? ? ? 21.600 ? ? ? 48.000 0.047 0.011 ? 2 1 0.996 ? 
# 
_refine.aniso_B[1][1]                            ? 
_refine.aniso_B[1][2]                            ? 
_refine.aniso_B[1][3]                            ? 
_refine.aniso_B[2][2]                            ? 
_refine.aniso_B[2][3]                            ? 
_refine.aniso_B[3][3]                            ? 
_refine.B_iso_max                                137.650 
_refine.B_iso_mean                               49.4878 
_refine.B_iso_min                                23.360 
_refine.correlation_coeff_Fo_to_Fc               ? 
_refine.correlation_coeff_Fo_to_Fc_free          ? 
_refine.details                                  ? 
_refine.diff_density_max                         ? 
_refine.diff_density_max_esd                     ? 
_refine.diff_density_min                         ? 
_refine.diff_density_min_esd                     ? 
_refine.diff_density_rms                         ? 
_refine.diff_density_rms_esd                     ? 
_refine.entry_id                                 6E1S 
_refine.pdbx_refine_id                           'X-RAY DIFFRACTION' 
_refine.ls_abs_structure_details                 ? 
_refine.ls_abs_structure_Flack                   ? 
_refine.ls_abs_structure_Flack_esd               ? 
_refine.ls_abs_structure_Rogers                  ? 
_refine.ls_abs_structure_Rogers_esd              ? 
_refine.ls_d_res_high                            1.8000 
_refine.ls_d_res_low                             57.6980 
_refine.ls_extinction_coef                       ? 
_refine.ls_extinction_coef_esd                   ? 
_refine.ls_extinction_expression                 ? 
_refine.ls_extinction_method                     ? 
_refine.ls_goodness_of_fit_all                   ? 
_refine.ls_goodness_of_fit_all_esd               ? 
_refine.ls_goodness_of_fit_obs                   ? 
_refine.ls_goodness_of_fit_obs_esd               ? 
_refine.ls_hydrogen_treatment                    ? 
_refine.ls_matrix_type                           ? 
_refine.ls_number_constraints                    ? 
_refine.ls_number_parameters                     ? 
_refine.ls_number_reflns_all                     ? 
_refine.ls_number_reflns_obs                     21838 
_refine.ls_number_reflns_R_free                  1090 
_refine.ls_number_reflns_R_work                  20748 
_refine.ls_number_restraints                     ? 
_refine.ls_percent_reflns_obs                    99.7500 
_refine.ls_percent_reflns_R_free                 4.9900 
_refine.ls_R_factor_all                          ? 
_refine.ls_R_factor_obs                          0.1969 
_refine.ls_R_factor_R_free                       0.2045 
_refine.ls_R_factor_R_free_error                 ? 
_refine.ls_R_factor_R_free_error_details         ? 
_refine.ls_R_factor_R_work                       0.1965 
_refine.ls_R_Fsqd_factor_obs                     ? 
_refine.ls_R_I_factor_obs                        ? 
_refine.ls_redundancy_reflns_all                 ? 
_refine.ls_redundancy_reflns_obs                 ? 
_refine.ls_restrained_S_all                      ? 
_refine.ls_restrained_S_obs                      ? 
_refine.ls_shift_over_esd_max                    ? 
_refine.ls_shift_over_esd_mean                   ? 
_refine.ls_structure_factor_coef                 ? 
_refine.ls_weighting_details                     ? 
_refine.ls_weighting_scheme                      ? 
_refine.ls_wR_factor_all                         ? 
_refine.ls_wR_factor_obs                         ? 
_refine.ls_wR_factor_R_free                      ? 
_refine.ls_wR_factor_R_work                      ? 
_refine.occupancy_max                            ? 
_refine.occupancy_min                            ? 
_refine.solvent_model_details                    'FLAT BULK SOLVENT MODEL' 
_refine.solvent_model_param_bsol                 ? 
_refine.solvent_model_param_ksol                 ? 
_refine.ls_R_factor_gt                           ? 
_refine.ls_goodness_of_fit_gt                    ? 
_refine.ls_goodness_of_fit_ref                   ? 
_refine.ls_shift_over_su_max                     ? 
_refine.ls_shift_over_su_max_lt                  ? 
_refine.ls_shift_over_su_mean                    ? 
_refine.ls_shift_over_su_mean_lt                 ? 
_refine.pdbx_ls_sigma_I                          ? 
_refine.pdbx_ls_sigma_F                          1.350 
_refine.pdbx_ls_sigma_Fsqd                       ? 
_refine.pdbx_data_cutoff_high_absF               ? 
_refine.pdbx_data_cutoff_high_rms_absF           ? 
_refine.pdbx_data_cutoff_low_absF                ? 
_refine.pdbx_isotropic_thermal_model             ? 
_refine.pdbx_ls_cross_valid_method               THROUGHOUT 
_refine.pdbx_method_to_determine_struct          'MOLECULAR REPLACEMENT' 
_refine.pdbx_starting_model                      3Q50 
_refine.pdbx_stereochemistry_target_values       ML 
_refine.pdbx_R_Free_selection_details            ? 
_refine.pdbx_stereochem_target_val_spec_case     ? 
_refine.pdbx_overall_ESU_R                       ? 
_refine.pdbx_overall_ESU_R_Free                  ? 
_refine.pdbx_solvent_vdw_probe_radii             1.1100 
_refine.pdbx_solvent_ion_probe_radii             ? 
_refine.pdbx_solvent_shrinkage_radii             0.9000 
_refine.pdbx_real_space_R                        ? 
_refine.pdbx_density_correlation                 ? 
_refine.pdbx_pd_number_of_powder_patterns        ? 
_refine.pdbx_pd_number_of_points                 ? 
_refine.pdbx_pd_meas_number_of_points            ? 
_refine.pdbx_pd_proc_ls_prof_R_factor            ? 
_refine.pdbx_pd_proc_ls_prof_wR_factor           ? 
_refine.pdbx_pd_Marquardt_correlation_coeff      ? 
_refine.pdbx_pd_Fsqrd_R_factor                   ? 
_refine.pdbx_pd_ls_matrix_band_width             ? 
_refine.pdbx_overall_phase_error                 28.8700 
_refine.pdbx_overall_SU_R_free_Cruickshank_DPI   ? 
_refine.pdbx_overall_SU_R_free_Blow_DPI          ? 
_refine.pdbx_overall_SU_R_Blow_DPI               ? 
_refine.pdbx_TLS_residual_ADP_flag               ? 
_refine.pdbx_diffrn_id                           1 
_refine.overall_SU_B                             ? 
_refine.overall_SU_ML                            0.2700 
_refine.overall_SU_R_Cruickshank_DPI             ? 
_refine.overall_SU_R_free                        ? 
_refine.overall_FOM_free_R_set                   ? 
_refine.overall_FOM_work_R_set                   ? 
_refine.pdbx_average_fsc_overall                 ? 
_refine.pdbx_average_fsc_work                    ? 
_refine.pdbx_average_fsc_free                    ? 
# 
_refine_hist.cycle_id                         final 
_refine_hist.pdbx_refine_id                   'X-RAY DIFFRACTION' 
_refine_hist.d_res_high                       1.8000 
_refine_hist.d_res_low                        57.6980 
_refine_hist.pdbx_number_atoms_ligand         17 
_refine_hist.number_atoms_solvent             66 
_refine_hist.number_atoms_total               757 
_refine_hist.pdbx_number_residues_total       33 
_refine_hist.pdbx_B_iso_mean_ligand           33.17 
_refine_hist.pdbx_B_iso_mean_solvent          50.26 
_refine_hist.pdbx_number_atoms_protein        0 
_refine_hist.pdbx_number_atoms_nucleic_acid   674 
# 
loop_
_refine_ls_restr.pdbx_refine_id 
_refine_ls_restr.criterion 
_refine_ls_restr.dev_ideal 
_refine_ls_restr.dev_ideal_target 
_refine_ls_restr.number 
_refine_ls_restr.rejects 
_refine_ls_restr.type 
_refine_ls_restr.weight 
_refine_ls_restr.pdbx_restraint_function 
'X-RAY DIFFRACTION' ? 0.005  ? 771  ? f_bond_d           ? ? 
'X-RAY DIFFRACTION' ? 0.930  ? 1194 ? f_angle_d          ? ? 
'X-RAY DIFFRACTION' ? 0.042  ? 157  ? f_chiral_restr     ? ? 
'X-RAY DIFFRACTION' ? 0.011  ? 32   ? f_plane_restr      ? ? 
'X-RAY DIFFRACTION' ? 13.665 ? 381  ? f_dihedral_angle_d ? ? 
# 
loop_
_refine_ls_shell.pdbx_refine_id 
_refine_ls_shell.d_res_high 
_refine_ls_shell.d_res_low 
_refine_ls_shell.number_reflns_all 
_refine_ls_shell.number_reflns_obs 
_refine_ls_shell.number_reflns_R_free 
_refine_ls_shell.number_reflns_R_work 
_refine_ls_shell.percent_reflns_obs 
_refine_ls_shell.percent_reflns_R_free 
_refine_ls_shell.R_factor_all 
_refine_ls_shell.R_factor_obs 
_refine_ls_shell.R_factor_R_free 
_refine_ls_shell.R_factor_R_free_error 
_refine_ls_shell.R_factor_R_work 
_refine_ls_shell.redundancy_reflns_all 
_refine_ls_shell.redundancy_reflns_obs 
_refine_ls_shell.wR_factor_all 
_refine_ls_shell.wR_factor_obs 
_refine_ls_shell.wR_factor_R_free 
_refine_ls_shell.wR_factor_R_work 
_refine_ls_shell.pdbx_total_number_of_bins_used 
_refine_ls_shell.pdbx_phase_error 
_refine_ls_shell.pdbx_fsc_work 
_refine_ls_shell.pdbx_fsc_free 
'X-RAY DIFFRACTION' 1.8001 1.8820  2643 . 130 2513 99.0000  . . . 0.4228 0.0000 0.4055 . . . . . . 8 . . . 
'X-RAY DIFFRACTION' 1.8820 1.9812  2667 . 141 2526 100.0000 . . . 0.3963 0.0000 0.3456 . . . . . . 8 . . . 
'X-RAY DIFFRACTION' 1.9812 2.1054  2693 . 133 2560 100.0000 . . . 0.3125 0.0000 0.3294 . . . . . . 8 . . . 
'X-RAY DIFFRACTION' 2.1054 2.2679  2698 . 133 2565 100.0000 . . . 0.3743 0.0000 0.2928 . . . . . . 8 . . . 
'X-RAY DIFFRACTION' 2.2679 2.4962  2695 . 138 2557 100.0000 . . . 0.2455 0.0000 0.2706 . . . . . . 8 . . . 
'X-RAY DIFFRACTION' 2.4962 2.8574  2728 . 125 2603 100.0000 . . . 0.2911 0.0000 0.2741 . . . . . . 8 . . . 
'X-RAY DIFFRACTION' 2.8574 3.5999  2777 . 143 2634 100.0000 . . . 0.1992 0.0000 0.1662 . . . . . . 8 . . . 
'X-RAY DIFFRACTION' 3.5999 57.7271 2937 . 147 2790 100.0000 . . . 0.1214 0.0000 0.1309 . . . . . . 8 . . . 
# 
_struct.entry_id                     6E1S 
_struct.title                        
'Crystal structure of a class I PreQ1 riboswitch complexed with a synthetic compound 1: 2-[(dibenzo[b,d]furan-2-yl)oxy]ethan-1-amine' 
_struct.pdbx_model_details           ? 
_struct.pdbx_formula_weight          ? 
_struct.pdbx_formula_weight_method   ? 
_struct.pdbx_model_type_details      ? 
_struct.pdbx_CASP_flag               N 
# 
_struct_keywords.entry_id        6E1S 
_struct_keywords.text            'PreQ1 riboswitch, Synthetic compound, Complex, RNA' 
_struct_keywords.pdbx_keywords   RNA 
# 
loop_
_struct_asym.id 
_struct_asym.pdbx_blank_PDB_chainid_flag 
_struct_asym.pdbx_modified 
_struct_asym.entity_id 
_struct_asym.details 
A N N 1 ? 
B N N 2 ? 
C N N 3 ? 
# 
loop_
_struct_conn.id 
_struct_conn.conn_type_id 
_struct_conn.pdbx_leaving_atom_flag 
_struct_conn.pdbx_PDB_id 
_struct_conn.ptnr1_label_asym_id 
_struct_conn.ptnr1_label_comp_id 
_struct_conn.ptnr1_label_seq_id 
_struct_conn.ptnr1_label_atom_id 
_struct_conn.pdbx_ptnr1_label_alt_id 
_struct_conn.pdbx_ptnr1_PDB_ins_code 
_struct_conn.pdbx_ptnr1_standard_comp_id 
_struct_conn.ptnr1_symmetry 
_struct_conn.ptnr2_label_asym_id 
_struct_conn.ptnr2_label_comp_id 
_struct_conn.ptnr2_label_seq_id 
_struct_conn.ptnr2_label_atom_id 
_struct_conn.pdbx_ptnr2_label_alt_id 
_struct_conn.pdbx_ptnr2_PDB_ins_code 
_struct_conn.ptnr1_auth_asym_id 
_struct_conn.ptnr1_auth_comp_id 
_struct_conn.ptnr1_auth_seq_id 
_struct_conn.ptnr2_auth_asym_id 
_struct_conn.ptnr2_auth_comp_id 
_struct_conn.ptnr2_auth_seq_id 
_struct_conn.ptnr2_symmetry 
_struct_conn.pdbx_ptnr3_label_atom_id 
_struct_conn.pdbx_ptnr3_label_seq_id 
_struct_conn.pdbx_ptnr3_label_comp_id 
_struct_conn.pdbx_ptnr3_label_asym_id 
_struct_conn.pdbx_ptnr3_label_alt_id 
_struct_conn.pdbx_ptnr3_PDB_ins_code 
_struct_conn.details 
_struct_conn.pdbx_dist_value 
_struct_conn.pdbx_value_order 
_struct_conn.pdbx_role 
covale1  covale both ? A U 12 "O3'" ? ? ? 1_555 A N 13 P  ? ? A U 12 A N 13 1_555 ? ? ? ? ? ? ?             1.607 ? ? 
covale2  covale both ? A N 14 "O3'" ? ? ? 1_555 A C 15 P  ? ? A N 14 A C 15 1_555 ? ? ? ? ? ? ?             1.614 ? ? 
hydrog1  hydrog ?    ? A C 1  N3    ? ? ? 1_555 A G 20 N1 ? ? A C 1  A G 20 1_555 ? ? ? ? ? ? WATSON-CRICK  ?     ? ? 
hydrog2  hydrog ?    ? A C 1  N4    ? ? ? 1_555 A G 20 O6 ? ? A C 1  A G 20 1_555 ? ? ? ? ? ? WATSON-CRICK  ?     ? ? 
hydrog3  hydrog ?    ? A C 1  O2    ? ? ? 1_555 A G 20 N2 ? ? A C 1  A G 20 1_555 ? ? ? ? ? ? WATSON-CRICK  ?     ? ? 
hydrog4  hydrog ?    ? A U 2  N3    ? ? ? 1_555 A A 19 N1 ? ? A U 2  A A 19 1_555 ? ? ? ? ? ? WATSON-CRICK  ?     ? ? 
hydrog5  hydrog ?    ? A U 2  O4    ? ? ? 1_555 A A 19 N6 ? ? A U 2  A A 19 1_555 ? ? ? ? ? ? WATSON-CRICK  ?     ? ? 
hydrog6  hydrog ?    ? A G 3  N1    ? ? ? 1_555 A C 18 N3 ? ? A G 3  A C 18 1_555 ? ? ? ? ? ? WATSON-CRICK  ?     ? ? 
hydrog7  hydrog ?    ? A G 3  N2    ? ? ? 1_555 A C 18 O2 ? ? A G 3  A C 18 1_555 ? ? ? ? ? ? WATSON-CRICK  ?     ? ? 
hydrog8  hydrog ?    ? A G 3  O6    ? ? ? 1_555 A C 18 N4 ? ? A G 3  A C 18 1_555 ? ? ? ? ? ? WATSON-CRICK  ?     ? ? 
hydrog9  hydrog ?    ? A G 4  N1    ? ? ? 1_555 A C 17 N3 ? ? A G 4  A C 17 1_555 ? ? ? ? ? ? WATSON-CRICK  ?     ? ? 
hydrog10 hydrog ?    ? A G 4  N2    ? ? ? 1_555 A C 17 O2 ? ? A G 4  A C 17 1_555 ? ? ? ? ? ? WATSON-CRICK  ?     ? ? 
hydrog11 hydrog ?    ? A G 4  O6    ? ? ? 1_555 A C 17 N4 ? ? A G 4  A C 17 1_555 ? ? ? ? ? ? WATSON-CRICK  ?     ? ? 
hydrog12 hydrog ?    ? A G 5  N1    ? ? ? 1_555 A C 16 N3 ? ? A G 5  A C 16 1_555 ? ? ? ? ? ? WATSON-CRICK  ?     ? ? 
hydrog13 hydrog ?    ? A G 5  N2    ? ? ? 1_555 A C 16 O2 ? ? A G 5  A C 16 1_555 ? ? ? ? ? ? WATSON-CRICK  ?     ? ? 
hydrog14 hydrog ?    ? A G 5  O6    ? ? ? 1_555 A C 16 N4 ? ? A G 5  A C 16 1_555 ? ? ? ? ? ? WATSON-CRICK  ?     ? ? 
hydrog15 hydrog ?    ? A G 5  N2    ? ? ? 1_555 A A 27 N1 ? ? A G 5  A A 27 1_555 ? ? ? ? ? ? TYPE_10_PAIR  ?     ? ? 
hydrog16 hydrog ?    ? A G 5  N3    ? ? ? 1_555 A A 27 N6 ? ? A G 5  A A 27 1_555 ? ? ? ? ? ? TYPE_10_PAIR  ?     ? ? 
hydrog17 hydrog ?    ? A U 6  N3    ? ? ? 1_555 A A 28 N7 ? ? A U 6  A A 28 1_555 ? ? ? ? ? ? HOOGSTEEN     ?     ? ? 
hydrog18 hydrog ?    ? A U 6  O4    ? ? ? 1_555 A A 28 N6 ? ? A U 6  A A 28 1_555 ? ? ? ? ? ? HOOGSTEEN     ?     ? ? 
hydrog19 hydrog ?    ? A C 7  N4    ? ? ? 1_555 A G 11 N7 ? ? A C 7  A G 11 1_555 ? ? ? ? ? ? 'C-G PAIR'    ?     ? ? 
hydrog20 hydrog ?    ? A C 7  O2    ? ? ? 1_555 A A 29 N6 ? ? A C 7  A A 29 1_555 ? ? ? ? ? ? 'C-A MISPAIR' ?     ? ? 
hydrog21 hydrog ?    ? A C 7  O2    ? ? ? 1_555 A C 30 N4 ? ? A C 7  A C 30 1_555 ? ? ? ? ? ? 'C-C MISPAIR' ?     ? ? 
hydrog22 hydrog ?    ? A G 8  N2    ? ? ? 1_555 A A 31 N1 ? ? A G 8  A A 31 1_555 ? ? ? ? ? ? TYPE_10_PAIR  ?     ? ? 
hydrog23 hydrog ?    ? A G 8  N3    ? ? ? 1_555 A A 31 N6 ? ? A G 8  A A 31 1_555 ? ? ? ? ? ? TYPE_10_PAIR  ?     ? ? 
hydrog24 hydrog ?    ? A C 9  N3    ? ? ? 1_555 A G 33 N1 ? ? A C 9  A G 33 1_555 ? ? ? ? ? ? WATSON-CRICK  ?     ? ? 
hydrog25 hydrog ?    ? A C 9  N4    ? ? ? 1_555 A G 33 O6 ? ? A C 9  A G 33 1_555 ? ? ? ? ? ? WATSON-CRICK  ?     ? ? 
hydrog26 hydrog ?    ? A C 9  O2    ? ? ? 1_555 A G 33 N2 ? ? A C 9  A G 33 1_555 ? ? ? ? ? ? WATSON-CRICK  ?     ? ? 
hydrog27 hydrog ?    ? A A 10 N3    ? ? ? 1_555 A A 32 N6 ? ? A A 10 A A 32 1_555 ? ? ? ? ? ? 'A-A MISPAIR' ?     ? ? 
hydrog28 hydrog ?    ? A G 11 N1    ? ? ? 1_555 A C 30 N3 ? ? A G 11 A C 30 1_555 ? ? ? ? ? ? WATSON-CRICK  ?     ? ? 
hydrog29 hydrog ?    ? A G 11 N2    ? ? ? 1_555 A C 30 O2 ? ? A G 11 A C 30 1_555 ? ? ? ? ? ? WATSON-CRICK  ?     ? ? 
hydrog30 hydrog ?    ? A G 11 O6    ? ? ? 1_555 A C 30 N4 ? ? A G 11 A C 30 1_555 ? ? ? ? ? ? WATSON-CRICK  ?     ? ? 
hydrog31 hydrog ?    ? A C 16 O2    ? ? ? 1_555 A A 28 N6 ? ? A C 16 A A 28 1_555 ? ? ? ? ? ? 'C-A MISPAIR' ?     ? ? 
hydrog32 hydrog ?    ? A C 17 O2    ? ? ? 1_555 A A 26 N6 ? ? A C 17 A A 26 1_555 ? ? ? ? ? ? 'C-A MISPAIR' ?     ? ? 
# 
loop_
_struct_conn_type.id 
_struct_conn_type.criteria 
_struct_conn_type.reference 
covale ? ? 
hydrog ? ? 
# 
_struct_site.id                   AC1 
_struct_site.pdbx_evidence_code   Software 
_struct_site.pdbx_auth_asym_id    A 
_struct_site.pdbx_auth_comp_id    HLV 
_struct_site.pdbx_auth_seq_id     101 
_struct_site.pdbx_auth_ins_code   ? 
_struct_site.pdbx_num_residues    8 
_struct_site.details              'binding site for residue HLV A 101' 
# 
loop_
_struct_site_gen.id 
_struct_site_gen.site_id 
_struct_site_gen.pdbx_num_res 
_struct_site_gen.label_comp_id 
_struct_site_gen.label_asym_id 
_struct_site_gen.label_seq_id 
_struct_site_gen.pdbx_auth_ins_code 
_struct_site_gen.auth_comp_id 
_struct_site_gen.auth_asym_id 
_struct_site_gen.auth_seq_id 
_struct_site_gen.label_atom_id 
_struct_site_gen.label_alt_id 
_struct_site_gen.symmetry 
_struct_site_gen.details 
1 AC1 8 G   A 5  ? G   A 5   . ? 1_555 ? 
2 AC1 8 U   A 6  ? U   A 6   . ? 1_555 ? 
3 AC1 8 C   A 7  ? C   A 7   . ? 1_555 ? 
4 AC1 8 G   A 11 ? G   A 11  . ? 1_555 ? 
5 AC1 8 C   A 15 ? C   A 15  . ? 1_555 ? 
6 AC1 8 C   A 16 ? C   A 16  . ? 1_555 ? 
7 AC1 8 A   A 29 ? A   A 29  . ? 1_555 ? 
8 AC1 8 HOH C .  ? HOH A 214 . ? 1_555 ? 
# 
_atom_sites.entry_id                    6E1S 
_atom_sites.fract_transf_matrix[1][1]   -0.00126808 
_atom_sites.fract_transf_matrix[1][2]   -0.00862550 
_atom_sites.fract_transf_matrix[1][3]   -0.00491145 
_atom_sites.fract_transf_matrix[2][1]   -0.00360405 
_atom_sites.fract_transf_matrix[2][2]   -0.00800729 
_atom_sites.fract_transf_matrix[2][3]   0.00479940 
_atom_sites.fract_transf_matrix[3][1]   -0.01583575 
_atom_sites.fract_transf_matrix[3][2]   0.00466633 
_atom_sites.fract_transf_matrix[3][3]   -0.00410641 
_atom_sites.fract_transf_vector[1]      0.512427 
_atom_sites.fract_transf_vector[2]      0.384278 
_atom_sites.fract_transf_vector[3]      0.459583 
# 
loop_
_atom_type.symbol 
C 
N 
O 
P 
# 
loop_
_atom_site.group_PDB 
_atom_site.id 
_atom_site.type_symbol 
_atom_site.label_atom_id 
_atom_site.label_alt_id 
_atom_site.label_comp_id 
_atom_site.label_asym_id 
_atom_site.label_entity_id 
_atom_site.label_seq_id 
_atom_site.pdbx_PDB_ins_code 
_atom_site.Cartn_x 
_atom_site.Cartn_y 
_atom_site.Cartn_z 
_atom_site.occupancy 
_atom_site.B_iso_or_equiv 
_atom_site.pdbx_formal_charge 
_atom_site.auth_seq_id 
_atom_site.auth_comp_id 
_atom_site.auth_asym_id 
_atom_site.auth_atom_id 
_atom_site.pdbx_PDB_model_num 
ATOM   1   O "O5'" . C   A 1 1  ? -0.882  -10.624 12.284  1.00 64.33  ? 1   C   A "O5'" 1 
ATOM   2   C "C5'" . C   A 1 1  ? -1.323  -11.002 10.984  1.00 52.67  ? 1   C   A "C5'" 1 
ATOM   3   C "C4'" . C   A 1 1  ? -2.796  -11.330 10.980  1.00 53.69  ? 1   C   A "C4'" 1 
ATOM   4   O "O4'" . C   A 1 1  ? -3.486  -10.457 11.913  1.00 51.65  ? 1   C   A "O4'" 1 
ATOM   5   C "C3'" . C   A 1 1  ? -3.515  -11.115 9.658   1.00 53.91  ? 1   C   A "C3'" 1 
ATOM   6   O "O3'" . C   A 1 1  ? -3.369  -12.208 8.764   1.00 49.10  ? 1   C   A "O3'" 1 
ATOM   7   C "C2'" . C   A 1 1  ? -4.951  -10.855 10.092  1.00 51.52  ? 1   C   A "C2'" 1 
ATOM   8   O "O2'" . C   A 1 1  ? -5.598  -12.071 10.429  1.00 56.26  ? 1   C   A "O2'" 1 
ATOM   9   C "C1'" . C   A 1 1  ? -4.734  -10.065 11.382  1.00 49.38  ? 1   C   A "C1'" 1 
ATOM   10  N N1    . C   A 1 1  ? -4.686  -8.602  11.160  1.00 36.98  ? 1   C   A N1    1 
ATOM   11  C C2    . C   A 1 1  ? -5.839  -7.904  10.778  1.00 39.74  ? 1   C   A C2    1 
ATOM   12  O O2    . C   A 1 1  ? -6.905  -8.525  10.632  1.00 39.87  ? 1   C   A O2    1 
ATOM   13  N N3    . C   A 1 1  ? -5.764  -6.564  10.601  1.00 32.88  ? 1   C   A N3    1 
ATOM   14  C C4    . C   A 1 1  ? -4.613  -5.915  10.760  1.00 30.46  ? 1   C   A C4    1 
ATOM   15  N N4    . C   A 1 1  ? -4.607  -4.599  10.565  1.00 34.36  ? 1   C   A N4    1 
ATOM   16  C C5    . C   A 1 1  ? -3.422  -6.594  11.144  1.00 33.53  ? 1   C   A C5    1 
ATOM   17  C C6    . C   A 1 1  ? -3.513  -7.918  11.325  1.00 37.65  ? 1   C   A C6    1 
ATOM   18  P P     . U   A 1 2  ? -3.086  -11.936 7.206   1.00 53.39  ? 2   U   A P     1 
ATOM   19  O OP1   . U   A 1 2  ? -2.834  -13.218 6.502   1.00 59.18  ? 2   U   A OP1   1 
ATOM   20  O OP2   . U   A 1 2  ? -2.068  -10.861 7.100   1.00 47.98  ? 2   U   A OP2   1 
ATOM   21  O "O5'" . U   A 1 2  ? -4.486  -11.370 6.667   1.00 50.72  ? 2   U   A "O5'" 1 
ATOM   22  C "C5'" . U   A 1 2  ? -5.666  -12.157 6.732   1.00 44.08  ? 2   U   A "C5'" 1 
ATOM   23  C "C4'" . U   A 1 2  ? -6.893  -11.350 6.373   1.00 39.24  ? 2   U   A "C4'" 1 
ATOM   24  O "O4'" . U   A 1 2  ? -7.105  -10.319 7.377   1.00 51.29  ? 2   U   A "O4'" 1 
ATOM   25  C "C3'" . U   A 1 2  ? -6.819  -10.571 5.068   1.00 38.89  ? 2   U   A "C3'" 1 
ATOM   26  O "O3'" . U   A 1 2  ? -7.041  -11.359 3.903   1.00 45.89  ? 2   U   A "O3'" 1 
ATOM   27  C "C2'" . U   A 1 2  ? -7.857  -9.485  5.291   1.00 46.12  ? 2   U   A "C2'" 1 
ATOM   28  O "O2'" . U   A 1 2  ? -9.160  -10.041 5.210   1.00 44.93  ? 2   U   A "O2'" 1 
ATOM   29  C "C1'" . U   A 1 2  ? -7.605  -9.151  6.760   1.00 50.61  ? 2   U   A "C1'" 1 
ATOM   30  N N1    . U   A 1 2  ? -6.621  -8.056  6.938   1.00 43.05  ? 2   U   A N1    1 
ATOM   31  C C2    . U   A 1 2  ? -7.087  -6.770  6.756   1.00 38.17  ? 2   U   A C2    1 
ATOM   32  O O2    . U   A 1 2  ? -8.245  -6.533  6.444   1.00 38.59  ? 2   U   A O2    1 
ATOM   33  N N3    . U   A 1 2  ? -6.167  -5.773  6.941   1.00 32.32  ? 2   U   A N3    1 
ATOM   34  C C4    . U   A 1 2  ? -4.835  -5.931  7.297   1.00 36.64  ? 2   U   A C4    1 
ATOM   35  O O4    . U   A 1 2  ? -4.128  -4.930  7.433   1.00 32.59  ? 2   U   A O4    1 
ATOM   36  C C5    . U   A 1 2  ? -4.410  -7.296  7.461   1.00 35.14  ? 2   U   A C5    1 
ATOM   37  C C6    . U   A 1 2  ? -5.305  -8.285  7.290   1.00 45.71  ? 2   U   A C6    1 
ATOM   38  P P     . G   A 1 3  ? -6.388  -10.921 2.497   1.00 56.12  ? 3   G   A P     1 
ATOM   39  O OP1   . G   A 1 3  ? -6.715  -11.971 1.499   1.00 62.02  ? 3   G   A OP1   1 
ATOM   40  O OP2   . G   A 1 3  ? -4.971  -10.488 2.696   1.00 52.38  ? 3   G   A OP2   1 
ATOM   41  O "O5'" . G   A 1 3  ? -7.198  -9.616  2.073   1.00 54.02  ? 3   G   A "O5'" 1 
ATOM   42  C "C5'" . G   A 1 3  ? -8.545  -9.705  1.642   1.00 47.56  ? 3   G   A "C5'" 1 
ATOM   43  C "C4'" . G   A 1 3  ? -9.107  -8.339  1.346   1.00 38.39  ? 3   G   A "C4'" 1 
ATOM   44  O "O4'" . G   A 1 3  ? -9.092  -7.530  2.553   1.00 39.53  ? 3   G   A "O4'" 1 
ATOM   45  C "C3'" . G   A 1 3  ? -8.337  -7.490  0.350   1.00 40.38  ? 3   G   A "C3'" 1 
ATOM   46  O "O3'" . G   A 1 3  ? -8.552  -7.858  -1.003  1.00 47.99  ? 3   G   A "O3'" 1 
ATOM   47  C "C2'" . G   A 1 3  ? -8.842  -6.097  0.686   1.00 39.20  ? 3   G   A "C2'" 1 
ATOM   48  O "O2'" . G   A 1 3  ? -10.181 -5.946  0.230   1.00 46.01  ? 3   G   A "O2'" 1 
ATOM   49  C "C1'" . G   A 1 3  ? -8.885  -6.173  2.209   1.00 38.60  ? 3   G   A "C1'" 1 
ATOM   50  N N9    . G   A 1 3  ? -7.632  -5.691  2.818   1.00 38.22  ? 3   G   A N9    1 
ATOM   51  C C8    . G   A 1 3  ? -6.584  -6.444  3.307   1.00 35.75  ? 3   G   A C8    1 
ATOM   52  N N7    . G   A 1 3  ? -5.609  -5.705  3.751   1.00 34.12  ? 3   G   A N7    1 
ATOM   53  C C5    . G   A 1 3  ? -6.027  -4.392  3.562   1.00 34.79  ? 3   G   A C5    1 
ATOM   54  C C6    . G   A 1 3  ? -5.385  -3.158  3.862   1.00 38.83  ? 3   G   A C6    1 
ATOM   55  O O6    . G   A 1 3  ? -4.277  -2.951  4.394   1.00 31.26  ? 3   G   A O6    1 
ATOM   56  N N1    . G   A 1 3  ? -6.161  -2.074  3.481   1.00 38.14  ? 3   G   A N1    1 
ATOM   57  C C2    . G   A 1 3  ? -7.399  -2.149  2.897   1.00 35.76  ? 3   G   A C2    1 
ATOM   58  N N2    . G   A 1 3  ? -7.992  -0.979  2.603   1.00 31.74  ? 3   G   A N2    1 
ATOM   59  N N3    . G   A 1 3  ? -8.006  -3.294  2.617   1.00 34.85  ? 3   G   A N3    1 
ATOM   60  C C4    . G   A 1 3  ? -7.270  -4.370  2.973   1.00 43.06  ? 3   G   A C4    1 
ATOM   61  P P     . G   A 1 4  ? -7.365  -7.745  -2.081  1.00 56.24  ? 4   G   A P     1 
ATOM   62  O OP1   . G   A 1 4  ? -7.865  -8.504  -3.247  1.00 55.33  ? 4   G   A OP1   1 
ATOM   63  O OP2   . G   A 1 4  ? -6.056  -8.102  -1.468  1.00 52.46  ? 4   G   A OP2   1 
ATOM   64  O "O5'" . G   A 1 4  ? -7.238  -6.185  -2.415  1.00 48.21  ? 4   G   A "O5'" 1 
ATOM   65  C "C5'" . G   A 1 4  ? -8.309  -5.472  -3.014  1.00 54.40  ? 4   G   A "C5'" 1 
ATOM   66  C "C4'" . G   A 1 4  ? -8.248  -3.993  -2.714  1.00 49.30  ? 4   G   A "C4'" 1 
ATOM   67  O "O4'" . G   A 1 4  ? -8.129  -3.759  -1.281  1.00 45.85  ? 4   G   A "O4'" 1 
ATOM   68  C "C3'" . G   A 1 4  ? -7.080  -3.205  -3.286  1.00 45.19  ? 4   G   A "C3'" 1 
ATOM   69  O "O3'" . G   A 1 4  ? -7.200  -2.934  -4.668  1.00 49.23  ? 4   G   A "O3'" 1 
ATOM   70  C "C2'" . G   A 1 4  ? -7.127  -1.952  -2.429  1.00 46.53  ? 4   G   A "C2'" 1 
ATOM   71  O "O2'" . G   A 1 4  ? -8.257  -1.164  -2.781  1.00 42.93  ? 4   G   A "O2'" 1 
ATOM   72  C "C1'" . G   A 1 4  ? -7.412  -2.560  -1.063  1.00 39.02  ? 4   G   A "C1'" 1 
ATOM   73  N N9    . G   A 1 4  ? -6.153  -2.863  -0.356  1.00 40.10  ? 4   G   A N9    1 
ATOM   74  C C8    . G   A 1 4  ? -5.581  -4.086  -0.108  1.00 39.17  ? 4   G   A C8    1 
ATOM   75  N N7    . G   A 1 4  ? -4.453  -3.984  0.555   1.00 40.40  ? 4   G   A N7    1 
ATOM   76  C C5    . G   A 1 4  ? -4.275  -2.618  0.741   1.00 40.35  ? 4   G   A C5    1 
ATOM   77  C C6    . G   A 1 4  ? -3.237  -1.900  1.392   1.00 37.71  ? 4   G   A C6    1 
ATOM   78  O O6    . G   A 1 4  ? -2.239  -2.362  1.941   1.00 37.50  ? 4   G   A O6    1 
ATOM   79  N N1    . G   A 1 4  ? -3.452  -0.520  1.357   1.00 32.75  ? 4   G   A N1    1 
ATOM   80  C C2    . G   A 1 4  ? -4.540  0.085   0.774   1.00 40.23  ? 4   G   A C2    1 
ATOM   81  N N2    . G   A 1 4  ? -4.597  1.427   0.825   1.00 32.43  ? 4   G   A N2    1 
ATOM   82  N N3    . G   A 1 4  ? -5.508  -0.577  0.161   1.00 38.83  ? 4   G   A N3    1 
ATOM   83  C C4    . G   A 1 4  ? -5.318  -1.914  0.188   1.00 38.26  ? 4   G   A C4    1 
ATOM   84  P P     . G   A 1 5  ? -5.890  -2.695  -5.573  1.00 52.39  ? 5   G   A P     1 
ATOM   85  O OP1   . G   A 1 5  ? -6.388  -2.603  -6.971  1.00 51.04  ? 5   G   A OP1   1 
ATOM   86  O OP2   . G   A 1 5  ? -4.841  -3.679  -5.180  1.00 50.61  ? 5   G   A OP2   1 
ATOM   87  O "O5'" . G   A 1 5  ? -5.349  -1.258  -5.131  1.00 50.19  ? 5   G   A "O5'" 1 
ATOM   88  C "C5'" . G   A 1 5  ? -6.140  -0.086  -5.281  1.00 48.71  ? 5   G   A "C5'" 1 
ATOM   89  C "C4'" . G   A 1 5  ? -5.427  1.143   -4.766  1.00 42.52  ? 5   G   A "C4'" 1 
ATOM   90  O "O4'" . G   A 1 5  ? -5.186  1.024   -3.341  1.00 44.51  ? 5   G   A "O4'" 1 
ATOM   91  C "C3'" . G   A 1 5  ? -4.049  1.407   -5.362  1.00 41.84  ? 5   G   A "C3'" 1 
ATOM   92  O "O3'" . G   A 1 5  ? -4.140  2.071   -6.604  1.00 52.65  ? 5   G   A "O3'" 1 
ATOM   93  C "C2'" . G   A 1 5  ? -3.368  2.234   -4.279  1.00 45.29  ? 5   G   A "C2'" 1 
ATOM   94  O "O2'" . G   A 1 5  ? -3.800  3.590   -4.344  1.00 47.75  ? 5   G   A "O2'" 1 
ATOM   95  C "C1'" . G   A 1 5  ? -3.939  1.599   -3.010  1.00 38.99  ? 5   G   A "C1'" 1 
ATOM   96  N N9    . G   A 1 5  ? -3.074  0.533   -2.465  1.00 42.47  ? 5   G   A N9    1 
ATOM   97  C C8    . G   A 1 5  ? -3.207  -0.824  -2.658  1.00 41.72  ? 5   G   A C8    1 
ATOM   98  N N7    . G   A 1 5  ? -2.292  -1.525  -2.039  1.00 47.26  ? 5   G   A N7    1 
ATOM   99  C C5    . G   A 1 5  ? -1.507  -0.578  -1.391  1.00 38.92  ? 5   G   A C5    1 
ATOM   100 C C6    . G   A 1 5  ? -0.364  -0.736  -0.559  1.00 39.02  ? 5   G   A C6    1 
ATOM   101 O O6    . G   A 1 5  ? 0.206   -1.775  -0.203  1.00 40.46  ? 5   G   A O6    1 
ATOM   102 N N1    . G   A 1 5  ? 0.124   0.489   -0.110  1.00 38.65  ? 5   G   A N1    1 
ATOM   103 C C2    . G   A 1 5  ? -0.429  1.714   -0.416  1.00 34.05  ? 5   G   A C2    1 
ATOM   104 N N2    . G   A 1 5  ? 0.185   2.773   0.126   1.00 35.75  ? 5   G   A N2    1 
ATOM   105 N N3    . G   A 1 5  ? -1.488  1.880   -1.196  1.00 34.43  ? 5   G   A N3    1 
ATOM   106 C C4    . G   A 1 5  ? -1.978  0.698   -1.642  1.00 39.73  ? 5   G   A C4    1 
ATOM   107 P P     . U   A 1 6  ? -2.928  2.027   -7.654  1.00 60.78  ? 6   U   A P     1 
ATOM   108 O OP1   . U   A 1 6  ? -3.549  1.761   -8.975  1.00 60.13  ? 6   U   A OP1   1 
ATOM   109 O OP2   . U   A 1 6  ? -1.856  1.142   -7.126  1.00 52.87  ? 6   U   A OP2   1 
ATOM   110 O "O5'" . U   A 1 6  ? -2.377  3.519   -7.649  1.00 71.59  ? 6   U   A "O5'" 1 
ATOM   111 C "C5'" . U   A 1 6  ? -3.224  4.599   -8.004  1.00 59.36  ? 6   U   A "C5'" 1 
ATOM   112 C "C4'" . U   A 1 6  ? -2.647  5.916   -7.563  1.00 53.34  ? 6   U   A "C4'" 1 
ATOM   113 O "O4'" . U   A 1 6  ? -2.617  5.982   -6.116  1.00 51.10  ? 6   U   A "O4'" 1 
ATOM   114 C "C3'" . U   A 1 6  ? -1.203  6.185   -7.944  1.00 54.14  ? 6   U   A "C3'" 1 
ATOM   115 O "O3'" . U   A 1 6  ? -1.004  6.527   -9.304  1.00 58.72  ? 6   U   A "O3'" 1 
ATOM   116 C "C2'" . U   A 1 6  ? -0.827  7.284   -6.963  1.00 56.61  ? 6   U   A "C2'" 1 
ATOM   117 O "O2'" . U   A 1 6  ? -1.411  8.520   -7.345  1.00 60.36  ? 6   U   A "O2'" 1 
ATOM   118 C "C1'" . U   A 1 6  ? -1.534  6.792   -5.702  1.00 52.61  ? 6   U   A "C1'" 1 
ATOM   119 N N1    . U   A 1 6  ? -0.614  6.000   -4.861  1.00 49.23  ? 6   U   A N1    1 
ATOM   120 C C2    . U   A 1 6  ? 0.276   6.740   -4.113  1.00 51.69  ? 6   U   A C2    1 
ATOM   121 O O2    . U   A 1 6  ? 0.291   7.959   -4.117  1.00 55.75  ? 6   U   A O2    1 
ATOM   122 N N3    . U   A 1 6  ? 1.140   6.006   -3.344  1.00 48.40  ? 6   U   A N3    1 
ATOM   123 C C4    . U   A 1 6  ? 1.215   4.634   -3.258  1.00 45.13  ? 6   U   A C4    1 
ATOM   124 O O4    . U   A 1 6  ? 2.062   4.136   -2.510  1.00 47.39  ? 6   U   A O4    1 
ATOM   125 C C5    . U   A 1 6  ? 0.264   3.934   -4.078  1.00 44.55  ? 6   U   A C5    1 
ATOM   126 C C6    . U   A 1 6  ? -0.597  4.623   -4.843  1.00 48.00  ? 6   U   A C6    1 
ATOM   127 P P     . C   A 1 7  ? 0.214   5.861   -10.125 1.00 61.39  ? 7   C   A P     1 
ATOM   128 O OP1   . C   A 1 7  ? 0.286   6.532   -11.447 1.00 60.49  ? 7   C   A OP1   1 
ATOM   129 O OP2   . C   A 1 7  ? 0.059   4.382   -10.076 1.00 66.25  ? 7   C   A OP2   1 
ATOM   130 O "O5'" . C   A 1 7  ? 1.510   6.212   -9.257  1.00 66.43  ? 7   C   A "O5'" 1 
ATOM   131 C "C5'" . C   A 1 7  ? 1.884   7.558   -8.987  1.00 58.34  ? 7   C   A "C5'" 1 
ATOM   132 C "C4'" . C   A 1 7  ? 2.947   7.655   -7.915  1.00 53.01  ? 7   C   A "C4'" 1 
ATOM   133 O "O4'" . C   A 1 7  ? 2.541   6.948   -6.713  1.00 53.15  ? 7   C   A "O4'" 1 
ATOM   134 C "C3'" . C   A 1 7  ? 4.297   7.046   -8.247  1.00 53.63  ? 7   C   A "C3'" 1 
ATOM   135 O "O3'" . C   A 1 7  ? 5.069   7.843   -9.126  1.00 55.35  ? 7   C   A "O3'" 1 
ATOM   136 C "C2'" . C   A 1 7  ? 4.914   6.854   -6.866  1.00 53.67  ? 7   C   A "C2'" 1 
ATOM   137 O "O2'" . C   A 1 7  ? 5.409   8.080   -6.352  1.00 52.51  ? 7   C   A "O2'" 1 
ATOM   138 C "C1'" . C   A 1 7  ? 3.685   6.445   -6.043  1.00 51.89  ? 7   C   A "C1'" 1 
ATOM   139 N N1    . C   A 1 7  ? 3.586   4.969   -5.928  1.00 51.65  ? 7   C   A N1    1 
ATOM   140 C C2    . C   A 1 7  ? 4.488   4.327   -5.071  1.00 52.88  ? 7   C   A C2    1 
ATOM   141 O O2    . C   A 1 7  ? 5.301   4.997   -4.424  1.00 52.22  ? 7   C   A O2    1 
ATOM   142 N N3    . C   A 1 7  ? 4.457   2.985   -4.950  1.00 48.11  ? 7   C   A N3    1 
ATOM   143 C C4    . C   A 1 7  ? 3.590   2.266   -5.652  1.00 45.20  ? 7   C   A C4    1 
ATOM   144 N N4    . C   A 1 7  ? 3.634   0.940   -5.477  1.00 43.49  ? 7   C   A N4    1 
ATOM   145 C C5    . C   A 1 7  ? 2.655   2.883   -6.540  1.00 40.98  ? 7   C   A C5    1 
ATOM   146 C C6    . C   A 1 7  ? 2.695   4.223   -6.654  1.00 44.06  ? 7   C   A C6    1 
ATOM   147 P P     . G   A 1 8  ? 5.703   7.177   -10.436 1.00 61.08  ? 8   G   A P     1 
ATOM   148 O OP1   . G   A 1 8  ? 6.389   8.241   -11.212 1.00 67.26  ? 8   G   A OP1   1 
ATOM   149 O OP2   . G   A 1 8  ? 4.688   6.324   -11.102 1.00 61.08  ? 8   G   A OP2   1 
ATOM   150 O "O5'" . G   A 1 8  ? 6.799   6.182   -9.856  1.00 68.59  ? 8   G   A "O5'" 1 
ATOM   151 C "C5'" . G   A 1 8  ? 7.838   6.652   -9.018  1.00 60.01  ? 8   G   A "C5'" 1 
ATOM   152 C "C4'" . G   A 1 8  ? 8.651   5.513   -8.465  1.00 56.22  ? 8   G   A "C4'" 1 
ATOM   153 O "O4'" . G   A 1 8  ? 7.892   4.801   -7.446  1.00 58.14  ? 8   G   A "O4'" 1 
ATOM   154 C "C3'" . G   A 1 8  ? 9.051   4.421   -9.444  1.00 53.29  ? 8   G   A "C3'" 1 
ATOM   155 O "O3'" . G   A 1 8  ? 10.136  4.784   -10.290 1.00 59.94  ? 8   G   A "O3'" 1 
ATOM   156 C "C2'" . G   A 1 8  ? 9.362   3.261   -8.504  1.00 57.45  ? 8   G   A "C2'" 1 
ATOM   157 O "O2'" . G   A 1 8  ? 10.637  3.427   -7.904  1.00 57.84  ? 8   G   A "O2'" 1 
ATOM   158 C "C1'" . G   A 1 8  ? 8.269   3.439   -7.436  1.00 59.11  ? 8   G   A "C1'" 1 
ATOM   159 N N9    . G   A 1 8  ? 7.115   2.595   -7.799  1.00 53.97  ? 8   G   A N9    1 
ATOM   160 C C8    . G   A 1 8  ? 6.006   2.907   -8.547  1.00 48.54  ? 8   G   A C8    1 
ATOM   161 N N7    . G   A 1 8  ? 5.234   1.872   -8.756  1.00 54.27  ? 8   G   A N7    1 
ATOM   162 C C5    . G   A 1 8  ? 5.889   0.813   -8.136  1.00 50.22  ? 8   G   A C5    1 
ATOM   163 C C6    . G   A 1 8  ? 5.555   -0.562  -8.024  1.00 50.90  ? 8   G   A C6    1 
ATOM   164 O O6    . G   A 1 8  ? 4.562   -1.135  -8.471  1.00 50.02  ? 8   G   A O6    1 
ATOM   165 N N1    . G   A 1 8  ? 6.508   -1.291  -7.317  1.00 44.14  ? 8   G   A N1    1 
ATOM   166 C C2    . G   A 1 8  ? 7.653   -0.753  -6.775  1.00 46.58  ? 8   G   A C2    1 
ATOM   167 N N2    . G   A 1 8  ? 8.476   -1.587  -6.119  1.00 47.17  ? 8   G   A N2    1 
ATOM   168 N N3    . G   A 1 8  ? 7.970   0.526   -6.866  1.00 44.26  ? 8   G   A N3    1 
ATOM   169 C C4    . G   A 1 8  ? 7.057   1.243   -7.555  1.00 48.17  ? 8   G   A C4    1 
ATOM   170 P P     . C   A 1 9  ? 10.048  4.614   -11.893 1.00 61.39  ? 9   C   A P     1 
ATOM   171 O OP1   . C   A 1 9  ? 11.244  5.259   -12.483 1.00 63.06  ? 9   C   A OP1   1 
ATOM   172 O OP2   . C   A 1 9  ? 8.697   5.004   -12.367 1.00 70.46  ? 9   C   A OP2   1 
ATOM   173 O "O5'" . C   A 1 9  ? 10.217  3.051   -12.132 1.00 63.91  ? 9   C   A "O5'" 1 
ATOM   174 C "C5'" . C   A 1 9  ? 10.116  2.490   -13.428 1.00 54.22  ? 9   C   A "C5'" 1 
ATOM   175 C "C4'" . C   A 1 9  ? 10.765  1.130   -13.473 1.00 54.77  ? 9   C   A "C4'" 1 
ATOM   176 O "O4'" . C   A 1 9  ? 12.202  1.279   -13.376 1.00 61.32  ? 9   C   A "O4'" 1 
ATOM   177 C "C3'" . C   A 1 9  ? 10.417  0.182   -12.332 1.00 54.05  ? 9   C   A "C3'" 1 
ATOM   178 O "O3'" . C   A 1 9  ? 9.185   -0.487  -12.524 1.00 61.19  ? 9   C   A "O3'" 1 
ATOM   179 C "C2'" . C   A 1 9  ? 11.610  -0.760  -12.316 1.00 58.44  ? 9   C   A "C2'" 1 
ATOM   180 O "O2'" . C   A 1 9  ? 11.503  -1.705  -13.373 1.00 57.77  ? 9   C   A "O2'" 1 
ATOM   181 C "C1'" . C   A 1 9  ? 12.753  0.198   -12.653 1.00 59.33  ? 9   C   A "C1'" 1 
ATOM   182 N N1    . C   A 1 9  ? 13.433  0.744   -11.457 1.00 54.07  ? 9   C   A N1    1 
ATOM   183 C C2    . C   A 1 9  ? 14.268  -0.068  -10.687 1.00 53.88  ? 9   C   A C2    1 
ATOM   184 O O2    . C   A 1 9  ? 14.410  -1.260  -10.994 1.00 54.53  ? 9   C   A O2    1 
ATOM   185 N N3    . C   A 1 9  ? 14.898  0.468   -9.616  1.00 53.11  ? 9   C   A N3    1 
ATOM   186 C C4    . C   A 1 9  ? 14.720  1.757   -9.313  1.00 53.81  ? 9   C   A C4    1 
ATOM   187 N N4    . C   A 1 9  ? 15.350  2.249   -8.245  1.00 51.83  ? 9   C   A N4    1 
ATOM   188 C C5    . C   A 1 9  ? 13.877  2.607   -10.085 1.00 52.60  ? 9   C   A C5    1 
ATOM   189 C C6    . C   A 1 9  ? 13.266  2.065   -11.142 1.00 53.45  ? 9   C   A C6    1 
ATOM   190 P P     . A   A 1 10 ? 8.179   -0.722  -11.297 1.00 53.47  ? 10  A   A P     1 
ATOM   191 O OP1   . A   A 1 10 ? 6.985   -1.430  -11.826 1.00 65.38  ? 10  A   A OP1   1 
ATOM   192 O OP2   . A   A 1 10 ? 7.987   0.575   -10.599 1.00 48.86  ? 10  A   A OP2   1 
ATOM   193 O "O5'" . A   A 1 10 ? 8.959   -1.716  -10.319 1.00 52.39  ? 10  A   A "O5'" 1 
ATOM   194 C "C5'" . A   A 1 10 ? 9.354   -3.016  -10.744 1.00 50.36  ? 10  A   A "C5'" 1 
ATOM   195 C "C4'" . A   A 1 10 ? 10.372  -3.619  -9.802  1.00 50.60  ? 10  A   A "C4'" 1 
ATOM   196 O "O4'" . A   A 1 10 ? 11.536  -2.759  -9.733  1.00 54.04  ? 10  A   A "O4'" 1 
ATOM   197 C "C3'" . A   A 1 10 ? 9.925   -3.780  -8.353  1.00 47.97  ? 10  A   A "C3'" 1 
ATOM   198 O "O3'" . A   A 1 10 ? 9.233   -4.998  -8.138  1.00 48.01  ? 10  A   A "O3'" 1 
ATOM   199 C "C2'" . A   A 1 10 ? 11.233  -3.695  -7.569  1.00 52.32  ? 10  A   A "C2'" 1 
ATOM   200 O "O2'" . A   A 1 10 ? 11.907  -4.946  -7.558  1.00 53.27  ? 10  A   A "O2'" 1 
ATOM   201 C "C1'" . A   A 1 10 ? 12.053  -2.739  -8.423  1.00 49.53  ? 10  A   A "C1'" 1 
ATOM   202 N N9    . A   A 1 10 ? 12.041  -1.350  -7.938  1.00 49.53  ? 10  A   A N9    1 
ATOM   203 C C8    . A   A 1 10 ? 11.283  -0.297  -8.388  1.00 48.49  ? 10  A   A C8    1 
ATOM   204 N N7    . A   A 1 10 ? 11.552  0.831   -7.782  1.00 47.90  ? 10  A   A N7    1 
ATOM   205 C C5    . A   A 1 10 ? 12.564  0.492   -6.890  1.00 47.82  ? 10  A   A C5    1 
ATOM   206 C C6    . A   A 1 10 ? 13.299  1.234   -5.956  1.00 47.44  ? 10  A   A C6    1 
ATOM   207 N N6    . A   A 1 10 ? 13.122  2.533   -5.736  1.00 46.94  ? 10  A   A N6    1 
ATOM   208 N N1    . A   A 1 10 ? 14.230  0.587   -5.229  1.00 51.85  ? 10  A   A N1    1 
ATOM   209 C C2    . A   A 1 10 ? 14.415  -0.721  -5.434  1.00 48.25  ? 10  A   A C2    1 
ATOM   210 N N3    . A   A 1 10 ? 13.796  -1.526  -6.285  1.00 50.56  ? 10  A   A N3    1 
ATOM   211 C C4    . A   A 1 10 ? 12.872  -0.847  -6.981  1.00 48.36  ? 10  A   A C4    1 
ATOM   212 P P     . G   A 1 11 ? 7.786   -5.018  -7.431  1.00 43.09  ? 11  G   A P     1 
ATOM   213 O OP1   . G   A 1 11 ? 7.331   -6.431  -7.419  1.00 42.53  ? 11  G   A OP1   1 
ATOM   214 O OP2   . G   A 1 11 ? 6.890   -3.987  -8.031  1.00 36.31  ? 11  G   A OP2   1 
ATOM   215 O "O5'" . G   A 1 11 ? 8.091   -4.597  -5.930  1.00 43.93  ? 11  G   A "O5'" 1 
ATOM   216 C "C5'" . G   A 1 11 ? 8.950   -5.386  -5.114  1.00 47.90  ? 11  G   A "C5'" 1 
ATOM   217 C "C4'" . G   A 1 11 ? 8.548   -5.333  -3.666  1.00 39.23  ? 11  G   A "C4'" 1 
ATOM   218 O "O4'" . G   A 1 11 ? 8.401   -3.943  -3.260  1.00 45.33  ? 11  G   A "O4'" 1 
ATOM   219 C "C3'" . G   A 1 11 ? 7.217   -6.010  -3.340  1.00 36.53  ? 11  G   A "C3'" 1 
ATOM   220 O "O3'" . G   A 1 11 ? 7.266   -6.475  -1.990  1.00 50.51  ? 11  G   A "O3'" 1 
ATOM   221 C "C2'" . G   A 1 11 ? 6.241   -4.837  -3.417  1.00 38.45  ? 11  G   A "C2'" 1 
ATOM   222 O "O2'" . G   A 1 11 ? 5.037   -5.033  -2.715  1.00 39.25  ? 11  G   A "O2'" 1 
ATOM   223 C "C1'" . G   A 1 11 ? 7.082   -3.719  -2.795  1.00 43.30  ? 11  G   A "C1'" 1 
ATOM   224 N N9    . G   A 1 11 ? 6.709   -2.354  -3.181  1.00 36.97  ? 11  G   A N9    1 
ATOM   225 C C8    . G   A 1 11 ? 5.796   -1.934  -4.122  1.00 36.72  ? 11  G   A C8    1 
ATOM   226 N N7    . G   A 1 11 ? 5.736   -0.631  -4.233  1.00 36.44  ? 11  G   A N7    1 
ATOM   227 C C5    . G   A 1 11 ? 6.678   -0.166  -3.323  1.00 38.67  ? 11  G   A C5    1 
ATOM   228 C C6    . G   A 1 11 ? 7.070   1.159   -2.987  1.00 44.73  ? 11  G   A C6    1 
ATOM   229 O O6    . G   A 1 11 ? 6.659   2.230   -3.445  1.00 39.81  ? 11  G   A O6    1 
ATOM   230 N N1    . G   A 1 11 ? 8.055   1.174   -2.005  1.00 40.90  ? 11  G   A N1    1 
ATOM   231 C C2    . G   A 1 11 ? 8.604   0.063   -1.417  1.00 42.25  ? 11  G   A C2    1 
ATOM   232 N N2    . G   A 1 11 ? 9.539   0.301   -0.482  1.00 40.46  ? 11  G   A N2    1 
ATOM   233 N N3    . G   A 1 11 ? 8.256   -1.180  -1.719  1.00 36.08  ? 11  G   A N3    1 
ATOM   234 C C4    . G   A 1 11 ? 7.289   -1.218  -2.668  1.00 37.52  ? 11  G   A C4    1 
ATOM   235 P P     . U   A 1 12 ? 8.048   -7.820  -1.575  1.00 63.68  ? 12  U   A P     1 
ATOM   236 O OP1   . U   A 1 12 ? 7.922   -7.930  -0.103  1.00 64.43  ? 12  U   A OP1   1 
ATOM   237 O OP2   . U   A 1 12 ? 9.419   -7.861  -2.139  1.00 68.36  ? 12  U   A OP2   1 
ATOM   238 O "O5'" . U   A 1 12 ? 7.158   -8.970  -2.215  1.00 53.35  ? 12  U   A "O5'" 1 
ATOM   239 C "C5'" . U   A 1 12 ? 5.796   -9.114  -1.826  1.00 38.16  ? 12  U   A "C5'" 1 
ATOM   240 C "C4'" . U   A 1 12 ? 5.529   -10.435 -1.151  1.00 39.51  ? 12  U   A "C4'" 1 
ATOM   241 O "O4'" . U   A 1 12 ? 6.096   -11.515 -1.952  1.00 46.52  ? 12  U   A "O4'" 1 
ATOM   242 C "C3'" . U   A 1 12 ? 6.116   -10.588 0.254   1.00 41.03  ? 12  U   A "C3'" 1 
ATOM   243 O "O3'" . U   A 1 12 ? 5.203   -11.311 1.075   1.00 46.67  ? 12  U   A "O3'" 1 
ATOM   244 C "C2'" . U   A 1 12 ? 7.356   -11.443 0.010   1.00 41.27  ? 12  U   A "C2'" 1 
ATOM   245 O "O2'" . U   A 1 12 ? 7.791   -12.181 1.134   1.00 43.22  ? 12  U   A "O2'" 1 
ATOM   246 C "C1'" . U   A 1 12 ? 6.876   -12.348 -1.121  1.00 39.70  ? 12  U   A "C1'" 1 
ATOM   247 N N1    . U   A 1 12 ? 7.975   -12.936 -1.899  1.00 38.72  ? 12  U   A N1    1 
ATOM   248 C C2    . U   A 1 12 ? 8.176   -14.295 -1.800  1.00 37.37  ? 12  U   A C2    1 
ATOM   249 O O2    . U   A 1 12 ? 7.455   -15.014 -1.135  1.00 42.40  ? 12  U   A O2    1 
ATOM   250 N N3    . U   A 1 12 ? 9.239   -14.779 -2.517  1.00 35.54  ? 12  U   A N3    1 
ATOM   251 C C4    . U   A 1 12 ? 10.113  -14.041 -3.292  1.00 35.08  ? 12  U   A C4    1 
ATOM   252 O O4    . U   A 1 12 ? 11.040  -14.602 -3.875  1.00 41.76  ? 12  U   A O4    1 
ATOM   253 C C5    . U   A 1 12 ? 9.843   -12.640 -3.339  1.00 38.26  ? 12  U   A C5    1 
ATOM   254 C C6    . U   A 1 12 ? 8.806   -12.147 -2.655  1.00 35.83  ? 12  U   A C6    1 
ATOM   255 P P     . N   A 1 13 ? 4.381   -10.561 2.235   1.00 63.79  ? 13  N   A P     1 
ATOM   256 O OP1   . N   A 1 13 ? 5.381   -10.003 3.222   1.00 59.26  ? 13  N   A OP1   1 
ATOM   257 O OP2   . N   A 1 13 ? 3.329   -11.517 2.732   1.00 73.55  ? 13  N   A OP2   1 
ATOM   258 O "O5'" . N   A 1 13 ? 3.668   -9.325  1.476   1.00 62.37  ? 13  N   A "O5'" 1 
ATOM   259 P P     . N   A 1 14 ? 2.765   -5.170  4.621   1.00 133.18 ? 14  N   A P     1 
ATOM   260 O OP1   . N   A 1 14 ? 3.108   -6.144  3.517   1.00 134.54 ? 14  N   A OP1   1 
ATOM   261 O OP2   . N   A 1 14 ? 3.365   -3.783  4.595   1.00 121.40 ? 14  N   A OP2   1 
ATOM   262 O "O5'" . N   A 1 14 ? 3.068   -5.817  6.049   1.00 134.70 ? 14  N   A "O5'" 1 
ATOM   263 C "C5'" . N   A 1 14 ? 3.019   -7.224  6.264   1.00 130.65 ? 14  N   A "C5'" 1 
ATOM   264 C "C4'" . N   A 1 14 ? 4.403   -7.801  6.451   1.00 133.29 ? 14  N   A "C4'" 1 
ATOM   265 O "O4'" . N   A 1 14 ? 5.026   -8.008  5.153   1.00 131.87 ? 14  N   A "O4'" 1 
ATOM   266 C "C3'" . N   A 1 14 ? 5.397   -6.934  7.217   1.00 134.15 ? 14  N   A "C3'" 1 
ATOM   267 O "O3'" . N   A 1 14 ? 5.279   -7.057  8.628   1.00 137.65 ? 14  N   A "O3'" 1 
ATOM   268 C "C2'" . N   A 1 14 ? 6.746   -7.391  6.665   1.00 124.42 ? 14  N   A "C2'" 1 
ATOM   269 O "O2'" . N   A 1 14 ? 7.158   -8.611  7.263   1.00 125.47 ? 14  N   A "O2'" 1 
ATOM   270 C "C1'" . N   A 1 14 ? 6.396   -7.671  5.207   1.00 122.03 ? 14  N   A "C1'" 1 
ATOM   271 P P     . C   A 1 15 ? 5.374   -5.759  9.582   1.00 131.66 ? 15  C   A P     1 
ATOM   272 O OP1   . C   A 1 15 ? 5.931   -6.174  10.896  1.00 122.08 ? 15  C   A OP1   1 
ATOM   273 O OP2   . C   A 1 15 ? 4.050   -5.079  9.541   1.00 133.45 ? 15  C   A OP2   1 
ATOM   274 O "O5'" . C   A 1 15 ? 6.466   -4.826  8.882   1.00 110.39 ? 15  C   A "O5'" 1 
ATOM   275 C "C5'" . C   A 1 15 ? 6.135   -3.509  8.471   1.00 92.34  ? 15  C   A "C5'" 1 
ATOM   276 C "C4'" . C   A 1 15 ? 7.232   -2.872  7.658   1.00 72.64  ? 15  C   A "C4'" 1 
ATOM   277 O "O4'" . C   A 1 15 ? 7.735   -3.805  6.682   1.00 67.53  ? 15  C   A "O4'" 1 
ATOM   278 C "C3'" . C   A 1 15 ? 6.817   -1.652  6.853   1.00 62.90  ? 15  C   A "C3'" 1 
ATOM   279 O "O3'" . C   A 1 15 ? 6.923   -0.480  7.637   1.00 66.40  ? 15  C   A "O3'" 1 
ATOM   280 C "C2'" . C   A 1 15 ? 7.785   -1.643  5.672   1.00 64.37  ? 15  C   A "C2'" 1 
ATOM   281 O "O2'" . C   A 1 15 ? 8.942   -0.884  5.982   1.00 67.65  ? 15  C   A "O2'" 1 
ATOM   282 C "C1'" . C   A 1 15 ? 8.169   -3.122  5.533   1.00 74.28  ? 15  C   A "C1'" 1 
ATOM   283 N N1    . C   A 1 15 ? 7.601   -3.782  4.329   1.00 92.48  ? 15  C   A N1    1 
ATOM   284 C C2    . C   A 1 15 ? 8.454   -3.967  3.231   1.00 96.86  ? 15  C   A C2    1 
ATOM   285 O O2    . C   A 1 15 ? 9.627   -3.551  3.323   1.00 97.30  ? 15  C   A O2    1 
ATOM   286 N N3    . C   A 1 15 ? 7.984   -4.588  2.111   1.00 92.13  ? 15  C   A N3    1 
ATOM   287 C C4    . C   A 1 15 ? 6.720   -5.020  2.054   1.00 88.37  ? 15  C   A C4    1 
ATOM   288 N N4    . C   A 1 15 ? 6.300   -5.622  0.932   1.00 74.99  ? 15  C   A N4    1 
ATOM   289 C C5    . C   A 1 15 ? 5.835   -4.846  3.162   1.00 91.48  ? 15  C   A C5    1 
ATOM   290 C C6    . C   A 1 15 ? 6.308   -4.235  4.266   1.00 94.93  ? 15  C   A C6    1 
ATOM   291 P P     . C   A 1 16 ? 5.622   0.351   8.063   1.00 55.67  ? 16  C   A P     1 
ATOM   292 O OP1   . C   A 1 16 ? 5.988   1.178   9.237   1.00 61.07  ? 16  C   A OP1   1 
ATOM   293 O OP2   . C   A 1 16 ? 4.451   -0.558  8.132   1.00 54.10  ? 16  C   A OP2   1 
ATOM   294 O "O5'" . C   A 1 16 ? 5.373   1.307   6.814   1.00 54.98  ? 16  C   A "O5'" 1 
ATOM   295 C "C5'" . C   A 1 16 ? 6.188   2.447   6.577   1.00 40.75  ? 16  C   A "C5'" 1 
ATOM   296 C "C4'" . C   A 1 16 ? 5.567   3.332   5.526   1.00 37.86  ? 16  C   A "C4'" 1 
ATOM   297 O "O4'" . C   A 1 16 ? 5.675   2.698   4.228   1.00 34.83  ? 16  C   A "O4'" 1 
ATOM   298 C "C3'" . C   A 1 16 ? 4.077   3.583   5.680   1.00 32.36  ? 16  C   A "C3'" 1 
ATOM   299 O "O3'" . C   A 1 16 ? 3.795   4.589   6.632   1.00 37.90  ? 16  C   A "O3'" 1 
ATOM   300 C "C2'" . C   A 1 16 ? 3.666   3.946   4.261   1.00 38.25  ? 16  C   A "C2'" 1 
ATOM   301 O "O2'" . C   A 1 16 ? 4.119   5.255   3.951   1.00 41.92  ? 16  C   A "O2'" 1 
ATOM   302 C "C1'" . C   A 1 16 ? 4.532   2.987   3.455   1.00 36.79  ? 16  C   A "C1'" 1 
ATOM   303 N N1    . C   A 1 16 ? 3.871   1.709   3.098   1.00 32.52  ? 16  C   A N1    1 
ATOM   304 C C2    . C   A 1 16 ? 2.901   1.672   2.091   1.00 32.83  ? 16  C   A C2    1 
ATOM   305 O O2    . C   A 1 16 ? 2.540   2.728   1.542   1.00 34.03  ? 16  C   A O2    1 
ATOM   306 N N3    . C   A 1 16 ? 2.353   0.486   1.741   1.00 35.19  ? 16  C   A N3    1 
ATOM   307 C C4    . C   A 1 16 ? 2.734   -0.639  2.346   1.00 30.16  ? 16  C   A C4    1 
ATOM   308 N N4    . C   A 1 16 ? 2.164   -1.786  1.956   1.00 31.72  ? 16  C   A N4    1 
ATOM   309 C C5    . C   A 1 16 ? 3.726   -0.636  3.364   1.00 31.24  ? 16  C   A C5    1 
ATOM   310 C C6    . C   A 1 16 ? 4.264   0.548   3.701   1.00 33.89  ? 16  C   A C6    1 
ATOM   311 P P     . C   A 1 17 ? 2.389   4.607   7.398   1.00 43.50  ? 17  C   A P     1 
ATOM   312 O OP1   . C   A 1 17 ? 2.494   5.712   8.382   1.00 44.37  ? 17  C   A OP1   1 
ATOM   313 O OP2   . C   A 1 17 ? 2.024   3.237   7.842   1.00 39.26  ? 17  C   A OP2   1 
ATOM   314 O "O5'" . C   A 1 17 ? 1.334   4.942   6.250   1.00 41.92  ? 17  C   A "O5'" 1 
ATOM   315 C "C5'" . C   A 1 17 ? 1.288   6.217   5.631   1.00 43.37  ? 17  C   A "C5'" 1 
ATOM   316 C "C4'" . C   A 1 17 ? 0.129   6.308   4.673   1.00 39.21  ? 17  C   A "C4'" 1 
ATOM   317 O "O4'" . C   A 1 17 ? 0.330   5.390   3.569   1.00 40.78  ? 17  C   A "O4'" 1 
ATOM   318 C "C3'" . C   A 1 17 ? -1.224  5.903   5.234   1.00 37.17  ? 17  C   A "C3'" 1 
ATOM   319 O "O3'" . C   A 1 17 ? -1.829  6.921   5.999   1.00 39.37  ? 17  C   A "O3'" 1 
ATOM   320 C "C2'" . C   A 1 17 ? -1.998  5.543   3.974   1.00 36.33  ? 17  C   A "C2'" 1 
ATOM   321 O "O2'" . C   A 1 17 ? -2.338  6.727   3.272   1.00 41.51  ? 17  C   A "O2'" 1 
ATOM   322 C "C1'" . C   A 1 17 ? -0.909  4.849   3.164   1.00 39.58  ? 17  C   A "C1'" 1 
ATOM   323 N N1    . C   A 1 17 ? -0.852  3.383   3.353   1.00 35.40  ? 17  C   A N1    1 
ATOM   324 C C2    . C   A 1 17 ? -1.722  2.561   2.633   1.00 36.79  ? 17  C   A C2    1 
ATOM   325 O O2    . C   A 1 17 ? -2.567  3.093   1.894   1.00 36.36  ? 17  C   A O2    1 
ATOM   326 N N3    . C   A 1 17 ? -1.618  1.215   2.764   1.00 27.85  ? 17  C   A N3    1 
ATOM   327 C C4    . C   A 1 17 ? -0.691  0.686   3.570   1.00 29.63  ? 17  C   A C4    1 
ATOM   328 N N4    . C   A 1 17 ? -0.613  -0.648  3.682   1.00 31.08  ? 17  C   A N4    1 
ATOM   329 C C5    . C   A 1 17 ? 0.200   1.504   4.317   1.00 29.82  ? 17  C   A C5    1 
ATOM   330 C C6    . C   A 1 17 ? 0.096   2.832   4.165   1.00 34.63  ? 17  C   A C6    1 
ATOM   331 P P     . C   A 1 18 ? -2.886  6.534   7.138   1.00 42.48  ? 18  C   A P     1 
ATOM   332 O OP1   . C   A 1 18 ? -3.208  7.793   7.850   1.00 41.96  ? 18  C   A OP1   1 
ATOM   333 O OP2   . C   A 1 18 ? -2.375  5.378   7.915   1.00 39.85  ? 18  C   A OP2   1 
ATOM   334 O "O5'" . C   A 1 18 ? -4.155  6.010   6.314   1.00 42.92  ? 18  C   A "O5'" 1 
ATOM   335 C "C5'" . C   A 1 18 ? -4.918  6.887   5.497   1.00 41.77  ? 18  C   A "C5'" 1 
ATOM   336 C "C4'" . C   A 1 18 ? -5.985  6.149   4.725   1.00 36.84  ? 18  C   A "C4'" 1 
ATOM   337 O "O4'" . C   A 1 18 ? -5.371  5.200   3.815   1.00 40.07  ? 18  C   A "O4'" 1 
ATOM   338 C "C3'" . C   A 1 18 ? -6.936  5.286   5.534   1.00 37.92  ? 18  C   A "C3'" 1 
ATOM   339 O "O3'" . C   A 1 18 ? -7.948  6.007   6.211   1.00 46.45  ? 18  C   A "O3'" 1 
ATOM   340 C "C2'" . C   A 1 18 ? -7.470  4.339   4.476   1.00 33.62  ? 18  C   A "C2'" 1 
ATOM   341 O "O2'" . C   A 1 18 ? -8.364  5.023   3.606   1.00 38.37  ? 18  C   A "O2'" 1 
ATOM   342 C "C1'" . C   A 1 18 ? -6.196  4.060   3.689   1.00 35.81  ? 18  C   A "C1'" 1 
ATOM   343 N N1    . C   A 1 18 ? -5.458  2.886   4.202   1.00 32.54  ? 18  C   A N1    1 
ATOM   344 C C2    . C   A 1 18 ? -5.867  1.618   3.776   1.00 33.44  ? 18  C   A C2    1 
ATOM   345 O O2    . C   A 1 18 ? -6.849  1.531   3.015   1.00 33.37  ? 18  C   A O2    1 
ATOM   346 N N3    . C   A 1 18 ? -5.183  0.525   4.196   1.00 30.47  ? 18  C   A N3    1 
ATOM   347 C C4    . C   A 1 18 ? -4.129  0.665   5.012   1.00 37.12  ? 18  C   A C4    1 
ATOM   348 N N4    . C   A 1 18 ? -3.491  -0.443  5.403   1.00 32.92  ? 18  C   A N4    1 
ATOM   349 C C5    . C   A 1 18 ? -3.689  1.944   5.467   1.00 33.74  ? 18  C   A C5    1 
ATOM   350 C C6    . C   A 1 18 ? -4.372  3.015   5.031   1.00 38.74  ? 18  C   A C6    1 
ATOM   351 P P     . A   A 1 19 ? -8.479  5.464   7.629   1.00 45.41  ? 19  A   A P     1 
ATOM   352 O OP1   . A   A 1 19 ? -9.285  6.560   8.218   1.00 44.39  ? 19  A   A OP1   1 
ATOM   353 O OP2   . A   A 1 19 ? -7.335  4.916   8.404   1.00 49.67  ? 19  A   A OP2   1 
ATOM   354 O "O5'" . A   A 1 19 ? -9.345  4.172   7.268   1.00 43.96  ? 19  A   A "O5'" 1 
ATOM   355 C "C5'" . A   A 1 19 ? -10.662 4.269   6.764   1.00 34.61  ? 19  A   A "C5'" 1 
ATOM   356 C "C4'" . A   A 1 19 ? -11.048 3.016   6.009   1.00 32.80  ? 19  A   A "C4'" 1 
ATOM   357 O "O4'" . A   A 1 19 ? -9.888  2.467   5.333   1.00 33.27  ? 19  A   A "O4'" 1 
ATOM   358 C "C3'" . A   A 1 19 ? -11.575 1.848   6.827   1.00 31.34  ? 19  A   A "C3'" 1 
ATOM   359 O "O3'" . A   A 1 19 ? -12.948 1.988   7.127   1.00 29.43  ? 19  A   A "O3'" 1 
ATOM   360 C "C2'" . A   A 1 19 ? -11.320 0.673   5.908   1.00 27.23  ? 19  A   A "C2'" 1 
ATOM   361 O "O2'" . A   A 1 19 ? -12.256 0.695   4.835   1.00 29.43  ? 19  A   A "O2'" 1 
ATOM   362 C "C1'" . A   A 1 19 ? -9.977  1.056   5.310   1.00 27.13  ? 19  A   A "C1'" 1 
ATOM   363 N N9    . A   A 1 19 ? -8.808  0.486   6.026   1.00 29.42  ? 19  A   A N9    1 
ATOM   364 C C8    . A   A 1 19 ? -7.827  1.201   6.662   1.00 35.73  ? 19  A   A C8    1 
ATOM   365 N N7    . A   A 1 19 ? -6.864  0.455   7.165   1.00 30.31  ? 19  A   A N7    1 
ATOM   366 C C5    . A   A 1 19 ? -7.232  -0.843  6.819   1.00 32.25  ? 19  A   A C5    1 
ATOM   367 C C6    . A   A 1 19 ? -6.617  -2.085  7.065   1.00 31.94  ? 19  A   A C6    1 
ATOM   368 N N6    . A   A 1 19 ? -5.449  -2.207  7.727   1.00 30.99  ? 19  A   A N6    1 
ATOM   369 N N1    . A   A 1 19 ? -7.222  -3.193  6.593   1.00 28.19  ? 19  A   A N1    1 
ATOM   370 C C2    . A   A 1 19 ? -8.390  -3.057  5.933   1.00 33.55  ? 19  A   A C2    1 
ATOM   371 N N3    . A   A 1 19 ? -9.061  -1.936  5.625   1.00 26.70  ? 19  A   A N3    1 
ATOM   372 C C4    . A   A 1 19 ? -8.425  -0.842  6.103   1.00 29.89  ? 19  A   A C4    1 
ATOM   373 P P     . G   A 1 20 ? -13.582 1.274   8.417   1.00 33.62  ? 20  G   A P     1 
ATOM   374 O OP1   . G   A 1 20 ? -14.986 1.785   8.499   1.00 36.37  ? 20  G   A OP1   1 
ATOM   375 O OP2   . G   A 1 20 ? -12.644 1.412   9.569   1.00 35.61  ? 20  G   A OP2   1 
ATOM   376 O "O5'" . G   A 1 20 ? -13.636 -0.273  8.044   1.00 33.44  ? 20  G   A "O5'" 1 
ATOM   377 C "C5'" . G   A 1 20 ? -14.477 -0.793  7.015   1.00 32.27  ? 20  G   A "C5'" 1 
ATOM   378 C "C4'" . G   A 1 20 ? -14.416 -2.304  7.002   1.00 33.39  ? 20  G   A "C4'" 1 
ATOM   379 O "O4'" . G   A 1 20 ? -13.019 -2.721  6.970   1.00 34.40  ? 20  G   A "O4'" 1 
ATOM   380 C "C3'" . G   A 1 20 ? -15.019 -2.979  8.230   1.00 32.08  ? 20  G   A "C3'" 1 
ATOM   381 O "O3'" . G   A 1 20 ? -15.468 -4.279  7.866   1.00 38.34  ? 20  G   A "O3'" 1 
ATOM   382 C "C2'" . G   A 1 20 ? -13.810 -3.144  9.142   1.00 33.86  ? 20  G   A "C2'" 1 
ATOM   383 O "O2'" . G   A 1 20 ? -13.954 -4.161  10.113  1.00 36.23  ? 20  G   A "O2'" 1 
ATOM   384 C "C1'" . G   A 1 20 ? -12.718 -3.481  8.137   1.00 31.89  ? 20  G   A "C1'" 1 
ATOM   385 N N9    . G   A 1 20 ? -11.366 -3.130  8.583   1.00 31.77  ? 20  G   A N9    1 
ATOM   386 C C8    . G   A 1 20 ? -10.852 -1.861  8.707   1.00 33.43  ? 20  G   A C8    1 
ATOM   387 N N7    . G   A 1 20 ? -9.610  -1.841  9.133   1.00 37.57  ? 20  G   A N7    1 
ATOM   388 C C5    . G   A 1 20 ? -9.285  -3.174  9.298   1.00 28.59  ? 20  G   A C5    1 
ATOM   389 C C6    . G   A 1 20 ? -8.068  -3.767  9.733   1.00 37.35  ? 20  G   A C6    1 
ATOM   390 O O6    . G   A 1 20 ? -7.019  -3.205  10.061  1.00 32.75  ? 20  G   A O6    1 
ATOM   391 N N1    . G   A 1 20 ? -8.151  -5.152  9.764   1.00 32.34  ? 20  G   A N1    1 
ATOM   392 C C2    . G   A 1 20 ? -9.268  -5.869  9.429   1.00 34.85  ? 20  G   A C2    1 
ATOM   393 N N2    . G   A 1 20 ? -9.154  -7.194  9.534   1.00 35.10  ? 20  G   A N2    1 
ATOM   394 N N3    . G   A 1 20 ? -10.406 -5.334  9.014   1.00 33.61  ? 20  G   A N3    1 
ATOM   395 C C4    . G   A 1 20 ? -10.344 -3.987  8.966   1.00 31.53  ? 20  G   A C4    1 
ATOM   396 P P     . U   A 1 21 ? -17.017 -4.586  7.622   1.00 42.74  ? 21  U   A P     1 
ATOM   397 O OP1   . U   A 1 21 ? -17.651 -3.387  7.043   1.00 33.70  ? 21  U   A OP1   1 
ATOM   398 O OP2   . U   A 1 21 ? -17.610 -5.241  8.809   1.00 46.34  ? 21  U   A OP2   1 
ATOM   399 O "O5'" . U   A 1 21 ? -16.964 -5.693  6.485   1.00 38.47  ? 21  U   A "O5'" 1 
ATOM   400 C "C5'" . U   A 1 21 ? -16.481 -5.412  5.176   1.00 34.69  ? 21  U   A "C5'" 1 
ATOM   401 C "C4'" . U   A 1 21 ? -16.347 -6.692  4.393   1.00 37.26  ? 21  U   A "C4'" 1 
ATOM   402 O "O4'" . U   A 1 21 ? -15.048 -7.263  4.699   1.00 39.59  ? 21  U   A "O4'" 1 
ATOM   403 C "C3'" . U   A 1 21 ? -17.373 -7.765  4.757   1.00 38.98  ? 21  U   A "C3'" 1 
ATOM   404 O "O3'" . U   A 1 21 ? -17.660 -8.580  3.612   1.00 45.71  ? 21  U   A "O3'" 1 
ATOM   405 C "C2'" . U   A 1 21 ? -16.629 -8.587  5.817   1.00 39.95  ? 21  U   A "C2'" 1 
ATOM   406 O "O2'" . U   A 1 21 ? -17.075 -9.917  5.972   1.00 47.69  ? 21  U   A "O2'" 1 
ATOM   407 C "C1'" . U   A 1 21 ? -15.207 -8.539  5.296   1.00 38.50  ? 21  U   A "C1'" 1 
ATOM   408 N N1    . U   A 1 21 ? -14.177 -8.673  6.344   1.00 44.93  ? 21  U   A N1    1 
ATOM   409 C C2    . U   A 1 21 ? -13.398 -9.805  6.332   1.00 54.89  ? 21  U   A C2    1 
ATOM   410 O O2    . U   A 1 21 ? -13.546 -10.683 5.505   1.00 53.27  ? 21  U   A O2    1 
ATOM   411 N N3    . U   A 1 21 ? -12.440 -9.867  7.320   1.00 55.62  ? 21  U   A N3    1 
ATOM   412 C C4    . U   A 1 21 ? -12.195 -8.927  8.300   1.00 58.62  ? 21  U   A C4    1 
ATOM   413 O O4    . U   A 1 21 ? -11.293 -9.124  9.118   1.00 59.50  ? 21  U   A O4    1 
ATOM   414 C C5    . U   A 1 21 ? -13.048 -7.778  8.245   1.00 47.78  ? 21  U   A C5    1 
ATOM   415 C C6    . U   A 1 21 ? -13.981 -7.692  7.289   1.00 44.27  ? 21  U   A C6    1 
ATOM   416 P P     . U   A 1 22 ? -19.124 -8.549  2.946   1.00 48.54  ? 22  U   A P     1 
ATOM   417 O OP1   . U   A 1 22 ? -20.124 -8.564  4.039   1.00 43.22  ? 22  U   A OP1   1 
ATOM   418 O OP2   . U   A 1 22 ? -19.181 -9.568  1.864   1.00 57.58  ? 22  U   A OP2   1 
ATOM   419 O "O5'" . U   A 1 22 ? -19.191 -7.103  2.281   1.00 43.76  ? 22  U   A "O5'" 1 
ATOM   420 C "C5'" . U   A 1 22 ? -18.692 -6.870  0.968   1.00 38.48  ? 22  U   A "C5'" 1 
ATOM   421 C "C4'" . U   A 1 22 ? -18.851 -5.423  0.570   1.00 40.79  ? 22  U   A "C4'" 1 
ATOM   422 O "O4'" . U   A 1 22 ? -20.263 -5.052  0.562   1.00 41.68  ? 22  U   A "O4'" 1 
ATOM   423 C "C3'" . U   A 1 22 ? -18.161 -4.436  1.491   1.00 35.09  ? 22  U   A "C3'" 1 
ATOM   424 O "O3'" . U   A 1 22 ? -17.690 -3.348  0.705   1.00 38.80  ? 22  U   A "O3'" 1 
ATOM   425 C "C2'" . U   A 1 22 ? -19.285 -3.977  2.421   1.00 34.93  ? 22  U   A "C2'" 1 
ATOM   426 O "O2'" . U   A 1 22 ? -19.078 -2.684  2.948   1.00 35.37  ? 22  U   A "O2'" 1 
ATOM   427 C "C1'" . U   A 1 22 ? -20.501 -4.010  1.492   1.00 37.39  ? 22  U   A "C1'" 1 
ATOM   428 N N1    . U   A 1 22 ? -21.787 -4.365  2.101   1.00 38.40  ? 22  U   A N1    1 
ATOM   429 C C2    . U   A 1 22 ? -22.852 -3.472  1.955   1.00 39.38  ? 22  U   A C2    1 
ATOM   430 O O2    . U   A 1 22 ? -22.732 -2.364  1.461   1.00 39.95  ? 22  U   A O2    1 
ATOM   431 N N3    . U   A 1 22 ? -24.061 -3.913  2.439   1.00 40.64  ? 22  U   A N3    1 
ATOM   432 C C4    . U   A 1 22 ? -24.317 -5.140  3.016   1.00 41.24  ? 22  U   A C4    1 
ATOM   433 O O4    . U   A 1 22 ? -25.462 -5.389  3.405   1.00 42.64  ? 22  U   A O4    1 
ATOM   434 C C5    . U   A 1 22 ? -23.187 -6.021  3.099   1.00 40.47  ? 22  U   A C5    1 
ATOM   435 C C6    . U   A 1 22 ? -21.995 -5.618  2.632   1.00 39.06  ? 22  U   A C6    1 
ATOM   436 P P     . A   A 1 23 ? -16.215 -3.409  0.069   1.00 39.06  ? 23  A   A P     1 
ATOM   437 O OP1   . A   A 1 23 ? -16.018 -2.258  -0.854  1.00 41.39  ? 23  A   A OP1   1 
ATOM   438 O OP2   . A   A 1 23 ? -15.938 -4.786  -0.408  1.00 38.08  ? 23  A   A OP2   1 
ATOM   439 O "O5'" . A   A 1 23 ? -15.267 -3.191  1.323   1.00 32.23  ? 23  A   A "O5'" 1 
ATOM   440 C "C5'" . A   A 1 23 ? -15.326 -2.015  2.112   1.00 30.90  ? 23  A   A "C5'" 1 
ATOM   441 C "C4'" . A   A 1 23 ? -14.077 -1.930  2.949   1.00 29.26  ? 23  A   A "C4'" 1 
ATOM   442 O "O4'" . A   A 1 23 ? -13.993 -3.108  3.770   1.00 30.45  ? 23  A   A "O4'" 1 
ATOM   443 C "C3'" . A   A 1 23 ? -12.786 -1.907  2.148   1.00 29.06  ? 23  A   A "C3'" 1 
ATOM   444 O "O3'" . A   A 1 23 ? -12.444 -0.563  1.863   1.00 33.17  ? 23  A   A "O3'" 1 
ATOM   445 C "C2'" . A   A 1 23 ? -11.779 -2.584  3.078   1.00 30.43  ? 23  A   A "C2'" 1 
ATOM   446 O "O2'" . A   A 1 23 ? -11.281 -1.635  3.997   1.00 30.71  ? 23  A   A "O2'" 1 
ATOM   447 C "C1'" . A   A 1 23 ? -12.660 -3.553  3.865   1.00 37.11  ? 23  A   A "C1'" 1 
ATOM   448 N N9    . A   A 1 23 ? -12.624 -4.943  3.381   1.00 36.38  ? 23  A   A N9    1 
ATOM   449 C C8    . A   A 1 23 ? -13.211 -5.472  2.254   1.00 41.31  ? 23  A   A C8    1 
ATOM   450 N N7    . A   A 1 23 ? -13.038 -6.766  2.146   1.00 40.26  ? 23  A   A N7    1 
ATOM   451 C C5    . A   A 1 23 ? -12.312 -7.110  3.288   1.00 37.95  ? 23  A   A C5    1 
ATOM   452 C C6    . A   A 1 23 ? -11.805 -8.330  3.774   1.00 43.39  ? 23  A   A C6    1 
ATOM   453 N N6    . A   A 1 23 ? -11.950 -9.504  3.153   1.00 42.98  ? 23  A   A N6    1 
ATOM   454 N N1    . A   A 1 23 ? -11.134 -8.306  4.947   1.00 41.26  ? 23  A   A N1    1 
ATOM   455 C C2    . A   A 1 23 ? -10.981 -7.141  5.589   1.00 36.66  ? 23  A   A C2    1 
ATOM   456 N N3    . A   A 1 23 ? -11.400 -5.928  5.236   1.00 38.35  ? 23  A   A N3    1 
ATOM   457 C C4    . A   A 1 23 ? -12.070 -5.993  4.064   1.00 34.88  ? 23  A   A C4    1 
ATOM   458 P P     . A   A 1 24 ? -11.557 -0.149  0.606   1.00 36.25  ? 24  A   A P     1 
ATOM   459 O OP1   . A   A 1 24 ? -11.783 -1.151  -0.454  1.00 32.77  ? 24  A   A OP1   1 
ATOM   460 O OP2   . A   A 1 24 ? -10.172 0.183   1.073   1.00 34.32  ? 24  A   A OP2   1 
ATOM   461 O "O5'" . A   A 1 24 ? -12.213 1.228   0.150   1.00 37.50  ? 24  A   A "O5'" 1 
ATOM   462 C "C5'" . A   A 1 24 ? -13.602 1.296   -0.144  1.00 37.17  ? 24  A   A "C5'" 1 
ATOM   463 C "C4'" . A   A 1 24 ? -14.075 2.722   -0.198  1.00 35.34  ? 24  A   A "C4'" 1 
ATOM   464 O "O4'" . A   A 1 24 ? -14.125 3.298   1.130   1.00 35.15  ? 24  A   A "O4'" 1 
ATOM   465 C "C3'" . A   A 1 24 ? -13.204 3.695   -0.961  1.00 38.47  ? 24  A   A "C3'" 1 
ATOM   466 O "O3'" . A   A 1 24 ? -13.343 3.570   -2.360  1.00 43.20  ? 24  A   A "O3'" 1 
ATOM   467 C "C2'" . A   A 1 24 ? -13.685 5.036   -0.427  1.00 39.74  ? 24  A   A "C2'" 1 
ATOM   468 O "O2'" . A   A 1 24 ? -14.916 5.377   -1.042  1.00 48.12  ? 24  A   A "O2'" 1 
ATOM   469 C "C1'" . A   A 1 24 ? -13.958 4.698   1.039   1.00 34.49  ? 24  A   A "C1'" 1 
ATOM   470 N N9    . A   A 1 24 ? -12.854 5.116   1.911   1.00 39.08  ? 24  A   A N9    1 
ATOM   471 C C8    . A   A 1 24 ? -11.800 4.349   2.350   1.00 36.42  ? 24  A   A C8    1 
ATOM   472 N N7    . A   A 1 24 ? -10.964 5.023   3.103   1.00 32.56  ? 24  A   A N7    1 
ATOM   473 C C5    . A   A 1 24 ? -11.489 6.306   3.151   1.00 41.72  ? 24  A   A C5    1 
ATOM   474 C C6    . A   A 1 24 ? -11.054 7.474   3.791   1.00 43.65  ? 24  A   A C6    1 
ATOM   475 N N6    . A   A 1 24 ? -9.944  7.522   4.532   1.00 40.53  ? 24  A   A N6    1 
ATOM   476 N N1    . A   A 1 24 ? -11.807 8.592   3.644   1.00 48.66  ? 24  A   A N1    1 
ATOM   477 C C2    . A   A 1 24 ? -12.919 8.518   2.898   1.00 50.36  ? 24  A   A C2    1 
ATOM   478 N N3    . A   A 1 24 ? -13.430 7.473   2.244   1.00 45.82  ? 24  A   A N3    1 
ATOM   479 C C4    . A   A 1 24 ? -12.659 6.382   2.414   1.00 41.73  ? 24  A   A C4    1 
ATOM   480 P P     . C   A 1 25 ? -12.111 3.933   -3.325  1.00 46.66  ? 25  C   A P     1 
ATOM   481 O OP1   . C   A 1 25 ? -12.494 3.473   -4.684  1.00 44.29  ? 25  C   A OP1   1 
ATOM   482 O OP2   . C   A 1 25 ? -10.842 3.443   -2.710  1.00 43.94  ? 25  C   A OP2   1 
ATOM   483 O "O5'" . C   A 1 25 ? -12.061 5.522   -3.293  1.00 56.10  ? 25  C   A "O5'" 1 
ATOM   484 C "C5'" . C   A 1 25 ? -13.215 6.289   -3.594  1.00 55.28  ? 25  C   A "C5'" 1 
ATOM   485 C "C4'" . C   A 1 25 ? -12.974 7.750   -3.326  1.00 56.71  ? 25  C   A "C4'" 1 
ATOM   486 O "O4'" . C   A 1 25 ? -12.909 8.002   -1.899  1.00 50.43  ? 25  C   A "O4'" 1 
ATOM   487 C "C3'" . C   A 1 25 ? -11.663 8.299   -3.852  1.00 57.44  ? 25  C   A "C3'" 1 
ATOM   488 O "O3'" . C   A 1 25 ? -11.712 8.562   -5.242  1.00 63.17  ? 25  C   A "O3'" 1 
ATOM   489 C "C2'" . C   A 1 25 ? -11.449 9.536   -2.985  1.00 56.27  ? 25  C   A "C2'" 1 
ATOM   490 O "O2'" . C   A 1 25 ? -12.248 10.616  -3.447  1.00 62.58  ? 25  C   A "O2'" 1 
ATOM   491 C "C1'" . C   A 1 25 ? -12.009 9.063   -1.640  1.00 57.81  ? 25  C   A "C1'" 1 
ATOM   492 N N1    . C   A 1 25 ? -10.952 8.593   -0.708  1.00 53.00  ? 25  C   A N1    1 
ATOM   493 C C2    . C   A 1 25 ? -10.355 9.549   0.122   1.00 60.39  ? 25  C   A C2    1 
ATOM   494 O O2    . C   A 1 25 ? -10.737 10.725  0.031   1.00 70.41  ? 25  C   A O2    1 
ATOM   495 N N3    . C   A 1 25 ? -9.385  9.180   0.994   1.00 53.26  ? 25  C   A N3    1 
ATOM   496 C C4    . C   A 1 25 ? -9.011  7.902   1.060   1.00 47.84  ? 25  C   A C4    1 
ATOM   497 N N4    . C   A 1 25 ? -8.058  7.584   1.934   1.00 49.74  ? 25  C   A N4    1 
ATOM   498 C C5    . C   A 1 25 ? -9.598  6.898   0.229   1.00 43.26  ? 25  C   A C5    1 
ATOM   499 C C6    . C   A 1 25 ? -10.556 7.282   -0.639  1.00 46.52  ? 25  C   A C6    1 
ATOM   500 P P     . A   A 1 26 ? -10.373 8.496   -6.126  1.00 70.86  ? 26  A   A P     1 
ATOM   501 O OP1   . A   A 1 26 ? -10.736 8.878   -7.522  1.00 74.80  ? 26  A   A OP1   1 
ATOM   502 O OP2   . A   A 1 26 ? -9.667  7.208   -5.881  1.00 56.29  ? 26  A   A OP2   1 
ATOM   503 O "O5'" . A   A 1 26 ? -9.506  9.690   -5.534  1.00 73.52  ? 26  A   A "O5'" 1 
ATOM   504 C "C5'" . A   A 1 26 ? -8.137  9.523   -5.216  1.00 63.48  ? 26  A   A "C5'" 1 
ATOM   505 C "C4'" . A   A 1 26 ? -7.787  10.317  -3.989  1.00 60.04  ? 26  A   A "C4'" 1 
ATOM   506 O "O4'" . A   A 1 26 ? -8.128  9.551   -2.812  1.00 63.75  ? 26  A   A "O4'" 1 
ATOM   507 C "C3'" . A   A 1 26 ? -6.318  10.649  -3.824  1.00 64.11  ? 26  A   A "C3'" 1 
ATOM   508 O "O3'" . A   A 1 26 ? -5.985  11.839  -4.517  1.00 71.32  ? 26  A   A "O3'" 1 
ATOM   509 C "C2'" . A   A 1 26 ? -6.156  10.773  -2.314  1.00 65.71  ? 26  A   A "C2'" 1 
ATOM   510 O "O2'" . A   A 1 26 ? -6.557  12.062  -1.873  1.00 65.86  ? 26  A   A "O2'" 1 
ATOM   511 C "C1'" . A   A 1 26 ? -7.176  9.760   -1.802  1.00 57.07  ? 26  A   A "C1'" 1 
ATOM   512 N N9    . A   A 1 26 ? -6.593  8.453   -1.450  1.00 50.50  ? 26  A   A N9    1 
ATOM   513 C C8    . A   A 1 26 ? -6.887  7.249   -2.040  1.00 45.70  ? 26  A   A C8    1 
ATOM   514 N N7    . A   A 1 26 ? -6.252  6.232   -1.514  1.00 45.76  ? 26  A   A N7    1 
ATOM   515 C C5    . A   A 1 26 ? -5.502  6.812   -0.498  1.00 44.39  ? 26  A   A C5    1 
ATOM   516 C C6    . A   A 1 26 ? -4.611  6.265   0.439   1.00 37.47  ? 26  A   A C6    1 
ATOM   517 N N6    . A   A 1 26 ? -4.339  4.961   0.500   1.00 36.10  ? 26  A   A N6    1 
ATOM   518 N N1    . A   A 1 26 ? -4.020  7.106   1.320   1.00 38.14  ? 26  A   A N1    1 
ATOM   519 C C2    . A   A 1 26 ? -4.313  8.412   1.252   1.00 46.02  ? 26  A   A C2    1 
ATOM   520 N N3    . A   A 1 26 ? -5.134  9.048   0.412   1.00 51.03  ? 26  A   A N3    1 
ATOM   521 C C4    . A   A 1 26 ? -5.706  8.180   -0.443  1.00 43.16  ? 26  A   A C4    1 
ATOM   522 P P     . A   A 1 27 ? -4.596  11.970  -5.305  1.00 76.27  ? 27  A   A P     1 
ATOM   523 O OP1   . A   A 1 27 ? -4.587  13.318  -5.928  1.00 79.17  ? 27  A   A OP1   1 
ATOM   524 O OP2   . A   A 1 27 ? -4.410  10.766  -6.163  1.00 67.76  ? 27  A   A OP2   1 
ATOM   525 O "O5'" . A   A 1 27 ? -3.510  11.929  -4.141  1.00 73.55  ? 27  A   A "O5'" 1 
ATOM   526 C "C5'" . A   A 1 27 ? -3.496  12.901  -3.102  1.00 68.37  ? 27  A   A "C5'" 1 
ATOM   527 C "C4'" . A   A 1 27 ? -2.439  12.573  -2.079  1.00 64.42  ? 27  A   A "C4'" 1 
ATOM   528 O "O4'" . A   A 1 27 ? -2.856  11.427  -1.303  1.00 65.63  ? 27  A   A "O4'" 1 
ATOM   529 C "C3'" . A   A 1 27 ? -1.090  12.175  -2.656  1.00 66.21  ? 27  A   A "C3'" 1 
ATOM   530 O "O3'" . A   A 1 27 ? -0.290  13.304  -2.929  1.00 71.33  ? 27  A   A "O3'" 1 
ATOM   531 C "C2'" . A   A 1 27 ? -0.500  11.263  -1.587  1.00 65.13  ? 27  A   A "C2'" 1 
ATOM   532 O "O2'" . A   A 1 27 ? 0.100   12.031  -0.557  1.00 70.31  ? 27  A   A "O2'" 1 
ATOM   533 C "C1'" . A   A 1 27 ? -1.750  10.604  -1.012  1.00 57.60  ? 27  A   A "C1'" 1 
ATOM   534 N N9    . A   A 1 27 ? -2.029  9.258   -1.542  1.00 51.91  ? 27  A   A N9    1 
ATOM   535 C C8    . A   A 1 27 ? -2.869  8.908   -2.570  1.00 48.31  ? 27  A   A C8    1 
ATOM   536 N N7    . A   A 1 27 ? -2.947  7.614   -2.771  1.00 46.64  ? 27  A   A N7    1 
ATOM   537 C C5    . A   A 1 27 ? -2.123  7.079   -1.790  1.00 48.94  ? 27  A   A C5    1 
ATOM   538 C C6    . A   A 1 27 ? -1.778  5.758   -1.456  1.00 41.63  ? 27  A   A C6    1 
ATOM   539 N N6    . A   A 1 27 ? -2.242  4.685   -2.102  1.00 40.13  ? 27  A   A N6    1 
ATOM   540 N N1    . A   A 1 27 ? -0.925  5.576   -0.423  1.00 39.65  ? 27  A   A N1    1 
ATOM   541 C C2    . A   A 1 27 ? -0.460  6.650   0.229   1.00 41.75  ? 27  A   A C2    1 
ATOM   542 N N3    . A   A 1 27 ? -0.708  7.939   0.010   1.00 44.32  ? 27  A   A N3    1 
ATOM   543 C C4    . A   A 1 27 ? -1.555  8.083   -1.024  1.00 48.90  ? 27  A   A C4    1 
ATOM   544 P P     . A   A 1 28 ? 0.782   13.271  -4.116  1.00 75.56  ? 28  A   A P     1 
ATOM   545 O OP1   . A   A 1 28 ? 0.699   14.569  -4.827  1.00 79.89  ? 28  A   A OP1   1 
ATOM   546 O OP2   . A   A 1 28 ? 0.636   11.992  -4.856  1.00 77.24  ? 28  A   A OP2   1 
ATOM   547 O "O5'" . A   A 1 28 ? 2.170   13.223  -3.345  1.00 83.89  ? 28  A   A "O5'" 1 
ATOM   548 C "C5'" . A   A 1 28 ? 2.269   13.708  -2.011  1.00 81.64  ? 28  A   A "C5'" 1 
ATOM   549 C "C4'" . A   A 1 28 ? 3.508   13.191  -1.328  1.00 77.72  ? 28  A   A "C4'" 1 
ATOM   550 O "O4'" . A   A 1 28 ? 3.236   11.895  -0.714  1.00 71.46  ? 28  A   A "O4'" 1 
ATOM   551 C "C3'" . A   A 1 28 ? 4.711   12.978  -2.251  1.00 74.20  ? 28  A   A "C3'" 1 
ATOM   552 O "O3'" . A   A 1 28 ? 5.905   13.300  -1.543  1.00 88.94  ? 28  A   A "O3'" 1 
ATOM   553 C "C2'" . A   A 1 28 ? 4.674   11.477  -2.496  1.00 61.28  ? 28  A   A "C2'" 1 
ATOM   554 O "O2'" . A   A 1 28 ? 5.902   10.908  -2.896  1.00 67.74  ? 28  A   A "O2'" 1 
ATOM   555 C "C1'" . A   A 1 28 ? 4.224   10.982  -1.128  1.00 63.70  ? 28  A   A "C1'" 1 
ATOM   556 N N9    . A   A 1 28 ? 3.702   9.614   -1.117  1.00 60.34  ? 28  A   A N9    1 
ATOM   557 C C8    . A   A 1 28 ? 3.134   8.917   -2.151  1.00 55.41  ? 28  A   A C8    1 
ATOM   558 N N7    . A   A 1 28 ? 2.816   7.686   -1.837  1.00 48.40  ? 28  A   A N7    1 
ATOM   559 C C5    . A   A 1 28 ? 3.215   7.558   -0.513  1.00 46.75  ? 28  A   A C5    1 
ATOM   560 C C6    . A   A 1 28 ? 3.152   6.492   0.402   1.00 40.17  ? 28  A   A C6    1 
ATOM   561 N N6    . A   A 1 28 ? 2.649   5.291   0.107   1.00 38.34  ? 28  A   A N6    1 
ATOM   562 N N1    . A   A 1 28 ? 3.636   6.697   1.648   1.00 44.19  ? 28  A   A N1    1 
ATOM   563 C C2    . A   A 1 28 ? 4.152   7.898   1.942   1.00 47.23  ? 28  A   A C2    1 
ATOM   564 N N3    . A   A 1 28 ? 4.267   8.974   1.166   1.00 49.22  ? 28  A   A N3    1 
ATOM   565 C C4    . A   A 1 28 ? 3.769   8.738   -0.059  1.00 49.84  ? 28  A   A C4    1 
ATOM   566 P P     . A   A 1 29 ? 7.214   13.810  -2.331  1.00 90.32  ? 29  A   A P     1 
ATOM   567 O OP1   . A   A 1 29 ? 7.241   15.292  -2.211  1.00 84.58  ? 29  A   A OP1   1 
ATOM   568 O OP2   . A   A 1 29 ? 7.281   13.151  -3.666  1.00 88.70  ? 29  A   A OP2   1 
ATOM   569 O "O5'" . A   A 1 29 ? 8.419   13.203  -1.489  1.00 76.51  ? 29  A   A "O5'" 1 
ATOM   570 C "C5'" . A   A 1 29 ? 8.686   11.811  -1.514  1.00 65.73  ? 29  A   A "C5'" 1 
ATOM   571 C "C4'" . A   A 1 29 ? 8.884   11.259  -0.126  1.00 56.64  ? 29  A   A "C4'" 1 
ATOM   572 O "O4'" . A   A 1 29 ? 7.641   10.674  0.346   1.00 54.65  ? 29  A   A "O4'" 1 
ATOM   573 C "C3'" . A   A 1 29 ? 9.896   10.128  -0.024  1.00 49.76  ? 29  A   A "C3'" 1 
ATOM   574 O "O3'" . A   A 1 29 ? 11.217  10.606  0.108   1.00 62.98  ? 29  A   A "O3'" 1 
ATOM   575 C "C2'" . A   A 1 29 ? 9.413   9.346   1.184   1.00 55.66  ? 29  A   A "C2'" 1 
ATOM   576 O "O2'" . A   A 1 29 ? 9.801   10.006  2.380   1.00 58.52  ? 29  A   A "O2'" 1 
ATOM   577 C "C1'" . A   A 1 29 ? 7.898   9.465   1.025   1.00 52.17  ? 29  A   A "C1'" 1 
ATOM   578 N N9    . A   A 1 29 ? 7.342   8.370   0.202   1.00 49.29  ? 29  A   A N9    1 
ATOM   579 C C8    . A   A 1 29 ? 6.983   8.449   -1.122  1.00 51.03  ? 29  A   A C8    1 
ATOM   580 N N7    . A   A 1 29 ? 6.510   7.330   -1.618  1.00 52.86  ? 29  A   A N7    1 
ATOM   581 C C5    . A   A 1 29 ? 6.560   6.448   -0.551  1.00 47.46  ? 29  A   A C5    1 
ATOM   582 C C6    . A   A 1 29 ? 6.189   5.094   -0.432  1.00 36.94  ? 29  A   A C6    1 
ATOM   583 N N6    . A   A 1 29 ? 5.694   4.367   -1.441  1.00 38.20  ? 29  A   A N6    1 
ATOM   584 N N1    . A   A 1 29 ? 6.376   4.501   0.767   1.00 40.67  ? 29  A   A N1    1 
ATOM   585 C C2    . A   A 1 29 ? 6.878   5.233   1.774   1.00 43.02  ? 29  A   A C2    1 
ATOM   586 N N3    . A   A 1 29 ? 7.249   6.512   1.787   1.00 41.95  ? 29  A   A N3    1 
ATOM   587 C C4    . A   A 1 29 ? 7.071   7.071   0.578   1.00 46.45  ? 29  A   A C4    1 
ATOM   588 P P     . C   A 1 30 ? 12.412  9.917   -0.711  1.00 65.78  ? 30  C   A P     1 
ATOM   589 O OP1   . C   A 1 30 ? 13.646  10.669  -0.369  1.00 72.00  ? 30  C   A OP1   1 
ATOM   590 O OP2   . C   A 1 30 ? 12.003  9.768   -2.131  1.00 62.95  ? 30  C   A OP2   1 
ATOM   591 O "O5'" . C   A 1 30 ? 12.534  8.466   -0.063  1.00 65.26  ? 30  C   A "O5'" 1 
ATOM   592 C "C5'" . C   A 1 30 ? 12.844  8.305   1.313   1.00 54.95  ? 30  C   A "C5'" 1 
ATOM   593 C "C4'" . C   A 1 30 ? 12.573  6.897   1.785   1.00 53.21  ? 30  C   A "C4'" 1 
ATOM   594 O "O4'" . C   A 1 30 ? 11.158  6.588   1.646   1.00 59.94  ? 30  C   A "O4'" 1 
ATOM   595 C "C3'" . C   A 1 30 ? 13.268  5.783   1.018   1.00 51.87  ? 30  C   A "C3'" 1 
ATOM   596 O "O3'" . C   A 1 30 ? 14.629  5.609   1.395   1.00 51.17  ? 30  C   A "O3'" 1 
ATOM   597 C "C2'" . C   A 1 30 ? 12.380  4.579   1.314   1.00 50.45  ? 30  C   A "C2'" 1 
ATOM   598 O "O2'" . C   A 1 30 ? 12.631  4.067   2.614   1.00 47.35  ? 30  C   A "O2'" 1 
ATOM   599 C "C1'" . C   A 1 30 ? 10.993  5.223   1.329   1.00 52.47  ? 30  C   A "C1'" 1 
ATOM   600 N N1    . C   A 1 30 ? 10.308  5.110   0.023   1.00 47.09  ? 30  C   A N1    1 
ATOM   601 C C2    . C   A 1 30 ? 9.682   3.900   -0.273  1.00 43.06  ? 30  C   A C2    1 
ATOM   602 O O2    . C   A 1 30 ? 9.750   2.994   0.572   1.00 36.78  ? 30  C   A O2    1 
ATOM   603 N N3    . C   A 1 30 ? 9.023   3.761   -1.452  1.00 40.59  ? 30  C   A N3    1 
ATOM   604 C C4    . C   A 1 30 ? 8.983   4.780   -2.318  1.00 47.24  ? 30  C   A C4    1 
ATOM   605 N N4    . C   A 1 30 ? 8.334   4.611   -3.476  1.00 42.49  ? 30  C   A N4    1 
ATOM   606 C C5    . C   A 1 30 ? 9.617   6.027   -2.035  1.00 48.97  ? 30  C   A C5    1 
ATOM   607 C C6    . C   A 1 30 ? 10.263  6.148   -0.865  1.00 43.12  ? 30  C   A C6    1 
ATOM   608 P P     . A   A 1 31 ? 15.697  5.005   0.354   1.00 55.39  ? 31  A   A P     1 
ATOM   609 O OP1   . A   A 1 31 ? 17.045  5.098   0.981   1.00 55.56  ? 31  A   A OP1   1 
ATOM   610 O OP2   . A   A 1 31 ? 15.508  5.583   -0.999  1.00 57.43  ? 31  A   A OP2   1 
ATOM   611 O "O5'" . A   A 1 31 ? 15.309  3.468   0.271   1.00 51.74  ? 31  A   A "O5'" 1 
ATOM   612 C "C5'" . A   A 1 31 ? 15.458  2.617   1.393   1.00 50.14  ? 31  A   A "C5'" 1 
ATOM   613 C "C4'" . A   A 1 31 ? 15.296  1.178   0.984   1.00 43.28  ? 31  A   A "C4'" 1 
ATOM   614 O "O4'" . A   A 1 31 ? 13.902  0.934   0.672   1.00 49.60  ? 31  A   A "O4'" 1 
ATOM   615 C "C3'" . A   A 1 31 ? 16.049  0.767   -0.275  1.00 42.13  ? 31  A   A "C3'" 1 
ATOM   616 O "O3'" . A   A 1 31 ? 17.393  0.412   0.018   1.00 45.95  ? 31  A   A "O3'" 1 
ATOM   617 C "C2'" . A   A 1 31 ? 15.210  -0.388  -0.807  1.00 42.10  ? 31  A   A "C2'" 1 
ATOM   618 O "O2'" . A   A 1 31 ? 15.506  -1.569  -0.077  1.00 50.12  ? 31  A   A "O2'" 1 
ATOM   619 C "C1'" . A   A 1 31 ? 13.797  0.046   -0.414  1.00 43.68  ? 31  A   A "C1'" 1 
ATOM   620 N N9    . A   A 1 31 ? 13.020  0.725   -1.473  1.00 38.52  ? 31  A   A N9    1 
ATOM   621 C C8    . A   A 1 31 ? 12.892  2.077   -1.687  1.00 42.72  ? 31  A   A C8    1 
ATOM   622 N N7    . A   A 1 31 ? 12.072  2.390   -2.669  1.00 46.54  ? 31  A   A N7    1 
ATOM   623 C C5    . A   A 1 31 ? 11.615  1.158   -3.118  1.00 44.34  ? 31  A   A C5    1 
ATOM   624 C C6    . A   A 1 31 ? 10.714  0.794   -4.138  1.00 44.77  ? 31  A   A C6    1 
ATOM   625 N N6    . A   A 1 31 ? 10.093  1.673   -4.929  1.00 40.86  ? 31  A   A N6    1 
ATOM   626 N N1    . A   A 1 31 ? 10.484  -0.525  -4.330  1.00 41.80  ? 31  A   A N1    1 
ATOM   627 C C2    . A   A 1 31 ? 11.105  -1.410  -3.536  1.00 38.25  ? 31  A   A C2    1 
ATOM   628 N N3    . A   A 1 31 ? 11.968  -1.191  -2.543  1.00 39.74  ? 31  A   A N3    1 
ATOM   629 C C4    . A   A 1 31 ? 12.183  0.127   -2.385  1.00 41.53  ? 31  A   A C4    1 
ATOM   630 P P     . A   A 1 32 ? 18.482  0.164   -1.139  1.00 50.89  ? 32  A   A P     1 
ATOM   631 O OP1   . A   A 1 32 ? 19.735  0.819   -0.691  1.00 66.37  ? 32  A   A OP1   1 
ATOM   632 O OP2   . A   A 1 32 ? 17.928  0.523   -2.465  1.00 51.64  ? 32  A   A OP2   1 
ATOM   633 O "O5'" . A   A 1 32 ? 18.727  -1.410  -1.107  1.00 61.13  ? 32  A   A "O5'" 1 
ATOM   634 C "C5'" . A   A 1 32 ? 19.169  -2.061  0.077   1.00 54.75  ? 32  A   A "C5'" 1 
ATOM   635 C "C4'" . A   A 1 32 ? 19.109  -3.562  -0.059  1.00 51.60  ? 32  A   A "C4'" 1 
ATOM   636 O "O4'" . A   A 1 32 ? 17.729  -3.987  -0.225  1.00 52.60  ? 32  A   A "O4'" 1 
ATOM   637 C "C3'" . A   A 1 32 ? 19.824  -4.147  -1.265  1.00 48.82  ? 32  A   A "C3'" 1 
ATOM   638 O "O3'" . A   A 1 32 ? 21.210  -4.314  -1.054  1.00 63.08  ? 32  A   A "O3'" 1 
ATOM   639 C "C2'" . A   A 1 32 ? 19.087  -5.460  -1.488  1.00 54.12  ? 32  A   A "C2'" 1 
ATOM   640 O "O2'" . A   A 1 32 ? 19.504  -6.440  -0.547  1.00 56.44  ? 32  A   A "O2'" 1 
ATOM   641 C "C1'" . A   A 1 32 ? 17.662  -5.059  -1.144  1.00 50.34  ? 32  A   A "C1'" 1 
ATOM   642 N N9    . A   A 1 32 ? 16.910  -4.609  -2.330  1.00 49.23  ? 32  A   A N9    1 
ATOM   643 C C8    . A   A 1 32 ? 16.553  -3.323  -2.649  1.00 45.64  ? 32  A   A C8    1 
ATOM   644 N N7    . A   A 1 32 ? 15.866  -3.233  -3.760  1.00 49.06  ? 32  A   A N7    1 
ATOM   645 C C5    . A   A 1 32 ? 15.753  -4.544  -4.192  1.00 46.04  ? 32  A   A C5    1 
ATOM   646 C C6    . A   A 1 32 ? 15.129  -5.112  -5.313  1.00 46.89  ? 32  A   A C6    1 
ATOM   647 N N6    . A   A 1 32 ? 14.483  -4.393  -6.230  1.00 48.45  ? 32  A   A N6    1 
ATOM   648 N N1    . A   A 1 32 ? 15.208  -6.456  -5.464  1.00 46.21  ? 32  A   A N1    1 
ATOM   649 C C2    . A   A 1 32 ? 15.863  -7.171  -4.537  1.00 46.29  ? 32  A   A C2    1 
ATOM   650 N N3    . A   A 1 32 ? 16.487  -6.747  -3.436  1.00 51.09  ? 32  A   A N3    1 
ATOM   651 C C4    . A   A 1 32 ? 16.393  -5.407  -3.322  1.00 47.99  ? 32  A   A C4    1 
ATOM   652 P P     . G   A 1 33 ? 22.250  -3.826  -2.170  1.00 62.62  ? 33  G   A P     1 
ATOM   653 O OP1   . G   A 1 33 ? 23.531  -4.543  -1.931  1.00 65.50  ? 33  G   A OP1   1 
ATOM   654 O OP2   . G   A 1 33 ? 22.201  -2.341  -2.196  1.00 66.07  ? 33  G   A OP2   1 
ATOM   655 O "O5'" . G   A 1 33 ? 21.642  -4.369  -3.542  1.00 60.91  ? 33  G   A "O5'" 1 
ATOM   656 C "C5'" . G   A 1 33 ? 21.829  -5.721  -3.934  1.00 59.52  ? 33  G   A "C5'" 1 
ATOM   657 C "C4'" . G   A 1 33 ? 20.944  -6.088  -5.099  1.00 58.91  ? 33  G   A "C4'" 1 
ATOM   658 O "O4'" . G   A 1 33 ? 19.603  -5.596  -4.868  1.00 62.24  ? 33  G   A "O4'" 1 
ATOM   659 C "C3'" . G   A 1 33 ? 21.328  -5.491  -6.441  1.00 60.08  ? 33  G   A "C3'" 1 
ATOM   660 O "O3'" . G   A 1 33 ? 22.372  -6.202  -7.077  1.00 58.62  ? 33  G   A "O3'" 1 
ATOM   661 C "C2'" . G   A 1 33 ? 20.009  -5.522  -7.206  1.00 64.34  ? 33  G   A "C2'" 1 
ATOM   662 O "O2'" . G   A 1 33 ? 19.745  -6.822  -7.703  1.00 71.47  ? 33  G   A "O2'" 1 
ATOM   663 C "C1'" . G   A 1 33 ? 19.010  -5.215  -6.092  1.00 56.33  ? 33  G   A "C1'" 1 
ATOM   664 N N9    . G   A 1 33 ? 18.708  -3.775  -6.033  1.00 51.32  ? 33  G   A N9    1 
ATOM   665 C C8    . G   A 1 33 ? 19.224  -2.848  -5.155  1.00 49.67  ? 33  G   A C8    1 
ATOM   666 N N7    . G   A 1 33 ? 18.774  -1.640  -5.369  1.00 51.72  ? 33  G   A N7    1 
ATOM   667 C C5    . G   A 1 33 ? 17.924  -1.784  -6.458  1.00 46.81  ? 33  G   A C5    1 
ATOM   668 C C6    . G   A 1 33 ? 17.164  -0.820  -7.155  1.00 45.50  ? 33  G   A C6    1 
ATOM   669 O O6    . G   A 1 33 ? 17.090  0.392   -6.936  1.00 51.24  ? 33  G   A O6    1 
ATOM   670 N N1    . G   A 1 33 ? 16.435  -1.389  -8.197  1.00 47.41  ? 33  G   A N1    1 
ATOM   671 C C2    . G   A 1 33 ? 16.453  -2.722  -8.535  1.00 46.59  ? 33  G   A C2    1 
ATOM   672 N N2    . G   A 1 33 ? 15.692  -3.078  -9.578  1.00 55.91  ? 33  G   A N2    1 
ATOM   673 N N3    . G   A 1 33 ? 17.173  -3.634  -7.907  1.00 50.25  ? 33  G   A N3    1 
ATOM   674 C C4    . G   A 1 33 ? 17.876  -3.095  -6.885  1.00 46.67  ? 33  G   A C4    1 
HETATM 675 C C1    . HLV B 2 .  ? 4.141   -0.560  -0.910  1.00 23.36  ? 101 HLV A C1    1 
HETATM 676 C C2    . HLV B 2 .  ? 5.144   -0.620  -0.018  1.00 29.14  ? 101 HLV A C2    1 
HETATM 677 C C3    . HLV B 2 .  ? 3.942   0.721   -1.197  1.00 27.81  ? 101 HLV A C3    1 
HETATM 678 C C4    . HLV B 2 .  ? 5.555   0.621   0.262   1.00 28.25  ? 101 HLV A C4    1 
HETATM 679 C C5    . HLV B 2 .  ? 3.399   -1.516  -1.497  1.00 26.55  ? 101 HLV A C5    1 
HETATM 680 C C6    . HLV B 2 .  ? 2.406   -1.147  -2.417  1.00 30.66  ? 101 HLV A C6    1 
HETATM 681 O O2    . HLV B 2 .  ? 1.605   -2.051  -3.065  1.00 36.06  ? 101 HLV A O2    1 
HETATM 682 C C10   . HLV B 2 .  ? 6.550   0.866   1.122   1.00 31.40  ? 101 HLV A C10   1 
HETATM 683 C C11   . HLV B 2 .  ? 6.751   -1.476  1.500   1.00 29.51  ? 101 HLV A C11   1 
HETATM 684 C C12   . HLV B 2 .  ? 7.182   -0.183  1.777   1.00 31.89  ? 101 HLV A C12   1 
HETATM 685 C C13   . HLV B 2 .  ? 1.919   -3.407  -2.750  1.00 42.57  ? 101 HLV A C13   1 
HETATM 686 C C14   . HLV B 2 .  ? 1.183   -4.303  -3.744  1.00 51.81  ? 101 HLV A C14   1 
HETATM 687 C C7    . HLV B 2 .  ? 3.006   1.121   -2.059  1.00 27.03  ? 101 HLV A C7    1 
HETATM 688 C C8    . HLV B 2 .  ? 5.714   -1.664  0.588   1.00 27.87  ? 101 HLV A C8    1 
HETATM 689 C C9    . HLV B 2 .  ? 2.210   0.192   -2.703  1.00 28.03  ? 101 HLV A C9    1 
HETATM 690 N N1    . HLV B 2 .  ? -0.244  -3.968  -3.757  1.00 59.28  ? 101 HLV A N1    1 
HETATM 691 O O1    . HLV B 2 .  ? 4.837   1.445   -0.460  1.00 32.71  ? 101 HLV A O1    1 
HETATM 692 O O     . HOH C 3 .  ? -0.760  -0.004  -5.269  1.00 49.15  ? 201 HOH A O     1 
HETATM 693 O O     . HOH C 3 .  ? -16.704 0.073   -0.534  1.00 40.04  ? 202 HOH A O     1 
HETATM 694 O O     . HOH C 3 .  ? 22.111  -0.363  -0.698  1.00 61.26  ? 203 HOH A O     1 
HETATM 695 O O     . HOH C 3 .  ? 7.024   2.512   -11.826 1.00 52.98  ? 204 HOH A O     1 
HETATM 696 O O     . HOH C 3 .  ? -1.264  10.468  -5.682  1.00 59.43  ? 205 HOH A O     1 
HETATM 697 O O     . HOH C 3 .  ? -11.594 7.650   7.954   1.00 61.12  ? 206 HOH A O     1 
HETATM 698 O O     . HOH C 3 .  ? -4.448  -8.687  0.874   1.00 50.52  ? 207 HOH A O     1 
HETATM 699 O O     . HOH C 3 .  ? -2.058  -4.216  5.014   1.00 48.88  ? 208 HOH A O     1 
HETATM 700 O O     . HOH C 3 .  ? -11.378 -3.757  -0.619  1.00 38.39  ? 209 HOH A O     1 
HETATM 701 O O     . HOH C 3 .  ? -6.169  -0.766  10.605  1.00 50.46  ? 210 HOH A O     1 
HETATM 702 O O     . HOH C 3 .  ? -5.966  11.711  0.681   1.00 64.85  ? 211 HOH A O     1 
HETATM 703 O O     . HOH C 3 .  ? -13.642 -1.776  -2.228  1.00 49.87  ? 212 HOH A O     1 
HETATM 704 O O     . HOH C 3 .  ? -4.914  0.896   8.911   1.00 46.15  ? 213 HOH A O     1 
HETATM 705 O O     . HOH C 3 .  ? -1.983  -2.799  -5.400  1.00 60.15  ? 214 HOH A O     1 
HETATM 706 O O     . HOH C 3 .  ? -26.184 -7.874  4.051   1.00 49.99  ? 215 HOH A O     1 
HETATM 707 O O     . HOH C 3 .  ? -7.993  0.662   -0.842  1.00 42.29  ? 216 HOH A O     1 
HETATM 708 O O     . HOH C 3 .  ? 15.998  2.044   -3.533  1.00 47.54  ? 217 HOH A O     1 
HETATM 709 O O     . HOH C 3 .  ? -11.038 3.208   10.749  1.00 47.45  ? 218 HOH A O     1 
HETATM 710 O O     . HOH C 3 .  ? -8.596  0.375   10.267  1.00 55.47  ? 219 HOH A O     1 
HETATM 711 O O     . HOH C 3 .  ? 18.788  1.472   -5.150  1.00 50.72  ? 220 HOH A O     1 
HETATM 712 O O     . HOH C 3 .  ? 20.642  -0.306  -3.964  1.00 56.65  ? 221 HOH A O     1 
HETATM 713 O O     . HOH C 3 .  ? 7.187   7.497   -4.397  1.00 57.79  ? 222 HOH A O     1 
HETATM 714 O O     . HOH C 3 .  ? -4.305  3.830   9.020   1.00 52.96  ? 223 HOH A O     1 
HETATM 715 O O     . HOH C 3 .  ? 0.692   9.780   1.436   1.00 52.48  ? 224 HOH A O     1 
HETATM 716 O O     . HOH C 3 .  ? -2.983  -6.405  3.952   1.00 38.33  ? 225 HOH A O     1 
HETATM 717 O O     . HOH C 3 .  ? -19.910 -3.804  5.568   1.00 57.73  ? 226 HOH A O     1 
HETATM 718 O O     . HOH C 3 .  ? 10.205  -9.000  -4.504  1.00 47.44  ? 227 HOH A O     1 
HETATM 719 O O     . HOH C 3 .  ? 14.067  -8.669  -6.612  1.00 51.71  ? 228 HOH A O     1 
HETATM 720 O O     . HOH C 3 .  ? -9.188  2.565   2.019   1.00 36.70  ? 229 HOH A O     1 
HETATM 721 O O     . HOH C 3 .  ? 1.702   -0.599  -6.685  1.00 42.62  ? 230 HOH A O     1 
HETATM 722 O O     . HOH C 3 .  ? -1.587  -4.179  8.223   1.00 53.14  ? 231 HOH A O     1 
HETATM 723 O O     . HOH C 3 .  ? -15.675 7.644   0.357   1.00 47.85  ? 232 HOH A O     1 
HETATM 724 O O     . HOH C 3 .  ? 2.822   1.351   -10.018 1.00 53.36  ? 233 HOH A O     1 
HETATM 725 O O     . HOH C 3 .  ? 10.339  -12.807 0.240   1.00 41.02  ? 234 HOH A O     1 
HETATM 726 O O     . HOH C 3 .  ? 5.218   7.110   5.707   1.00 49.07  ? 235 HOH A O     1 
HETATM 727 O O     . HOH C 3 .  ? -8.357  2.237   -3.065  1.00 60.97  ? 236 HOH A O     1 
HETATM 728 O O     . HOH C 3 .  ? -10.051 -1.448  -4.892  1.00 50.39  ? 237 HOH A O     1 
HETATM 729 O O     . HOH C 3 .  ? -0.401  -4.490  0.004   1.00 61.82  ? 238 HOH A O     1 
HETATM 730 O O     . HOH C 3 .  ? -16.473 4.107   -2.983  1.00 41.12  ? 239 HOH A O     1 
HETATM 731 O O     . HOH C 3 .  ? -14.482 -2.484  12.309  1.00 55.74  ? 240 HOH A O     1 
HETATM 732 O O     . HOH C 3 .  ? -12.804 -0.356  11.769  1.00 48.42  ? 241 HOH A O     1 
HETATM 733 O O     . HOH C 3 .  ? -2.627  -6.070  1.119   1.00 50.10  ? 242 HOH A O     1 
HETATM 734 O O     . HOH C 3 .  ? 11.249  -7.586  -6.773  1.00 47.96  ? 243 HOH A O     1 
HETATM 735 O O     . HOH C 3 .  ? 18.620  -6.843  2.127   1.00 54.73  ? 244 HOH A O     1 
HETATM 736 O O     . HOH C 3 .  ? 1.990   0.455   7.113   1.00 54.14  ? 245 HOH A O     1 
HETATM 737 O O     . HOH C 3 .  ? -0.927  2.909   7.702   1.00 45.12  ? 246 HOH A O     1 
HETATM 738 O O     . HOH C 3 .  ? -15.102 -7.980  0.520   1.00 49.11  ? 247 HOH A O     1 
HETATM 739 O O     . HOH C 3 .  ? 9.552   -3.297  -0.199  1.00 42.50  ? 248 HOH A O     1 
HETATM 740 O O     . HOH C 3 .  ? -13.382 -5.401  -1.672  1.00 51.57  ? 249 HOH A O     1 
HETATM 741 O O     . HOH C 3 .  ? -1.460  -0.350  7.495   1.00 44.46  ? 250 HOH A O     1 
HETATM 742 O O     . HOH C 3 .  ? 11.084  -1.681  1.621   1.00 43.43  ? 251 HOH A O     1 
HETATM 743 O O     . HOH C 3 .  ? 1.001   -1.874  5.839   1.00 39.35  ? 252 HOH A O     1 
HETATM 744 O O     . HOH C 3 .  ? -20.794 -6.497  6.063   1.00 44.45  ? 253 HOH A O     1 
HETATM 745 O O     . HOH C 3 .  ? 3.322   -7.052  -4.057  1.00 44.33  ? 254 HOH A O     1 
HETATM 746 O O     . HOH C 3 .  ? 17.833  -9.017  -2.062  1.00 67.18  ? 255 HOH A O     1 
HETATM 747 O O     . HOH C 3 .  ? -2.299  -2.713  10.812  1.00 41.18  ? 256 HOH A O     1 
HETATM 748 O O     . HOH C 3 .  ? -6.341  3.232   -1.059  1.00 44.17  ? 257 HOH A O     1 
HETATM 749 O O     . HOH C 3 .  ? -3.147  -8.802  4.454   1.00 57.25  ? 258 HOH A O     1 
HETATM 750 O O     . HOH C 3 .  ? -12.128 -8.073  -0.828  1.00 51.75  ? 259 HOH A O     1 
HETATM 751 O O     . HOH C 3 .  ? -9.015  3.897   -0.255  1.00 52.89  ? 260 HOH A O     1 
HETATM 752 O O     . HOH C 3 .  ? 3.829   -3.356  -6.389  1.00 51.00  ? 261 HOH A O     1 
HETATM 753 O O     . HOH C 3 .  ? 15.304  5.326   -7.526  1.00 56.03  ? 262 HOH A O     1 
HETATM 754 O O     . HOH C 3 .  ? 13.783  -5.924  -9.907  1.00 54.33  ? 263 HOH A O     1 
HETATM 755 O O     . HOH C 3 .  ? -3.424  -5.723  -2.141  1.00 51.45  ? 264 HOH A O     1 
HETATM 756 O O     . HOH C 3 .  ? -21.676 -1.233  4.585   1.00 48.18  ? 265 HOH A O     1 
HETATM 757 O O     . HOH C 3 .  ? -16.725 1.801   -2.788  1.00 46.22  ? 266 HOH A O     1 
# 
loop_
_atom_site_anisotrop.id 
_atom_site_anisotrop.type_symbol 
_atom_site_anisotrop.pdbx_label_atom_id 
_atom_site_anisotrop.pdbx_label_alt_id 
_atom_site_anisotrop.pdbx_label_comp_id 
_atom_site_anisotrop.pdbx_label_asym_id 
_atom_site_anisotrop.pdbx_label_seq_id 
_atom_site_anisotrop.pdbx_PDB_ins_code 
_atom_site_anisotrop.U[1][1] 
_atom_site_anisotrop.U[2][2] 
_atom_site_anisotrop.U[3][3] 
_atom_site_anisotrop.U[1][2] 
_atom_site_anisotrop.U[1][3] 
_atom_site_anisotrop.U[2][3] 
_atom_site_anisotrop.pdbx_auth_seq_id 
_atom_site_anisotrop.pdbx_auth_comp_id 
_atom_site_anisotrop.pdbx_auth_asym_id 
_atom_site_anisotrop.pdbx_auth_atom_id 
1   O "O5'" . C A 1  ? 0.6631 0.9792 0.8021 0.1747  0.0986  0.0172  1  C A "O5'" 
2   C "C5'" . C A 1  ? 0.5075 0.8354 0.6581 0.1582  0.1075  0.0073  1  C A "C5'" 
3   C "C4'" . C A 1  ? 0.5256 0.8420 0.6723 0.1530  0.1161  0.0066  1  C A "C4'" 
4   O "O4'" . C A 1  ? 0.5080 0.8151 0.6392 0.1602  0.1091  0.0174  1  C A "O4'" 
5   C "C3'" . C A 1  ? 0.5206 0.8540 0.6737 0.1359  0.1186  -0.0009 1  C A "C3'" 
6   O "O3'" . C A 1  ? 0.4546 0.7899 0.6212 0.1273  0.1306  -0.0127 1  C A "O3'" 
7   C "C2'" . C A 1  ? 0.4955 0.8188 0.6431 0.1356  0.1198  0.0031  1  C A "C2'" 
8   O "O2'" . C A 1  ? 0.5598 0.8636 0.7141 0.1368  0.1342  -0.0022 1  C A "O2'" 
9   C "C1'" . C A 1  ? 0.4772 0.7894 0.6096 0.1494  0.1109  0.0159  1  C A "C1'" 
10  N N1    . C A 1  ? 0.3166 0.6462 0.4423 0.1463  0.0969  0.0220  1  C A N1    
11  C C2    . C A 1  ? 0.3493 0.6859 0.4749 0.1383  0.0944  0.0235  1  C A C2    
12  O O2    . C A 1  ? 0.3508 0.6800 0.4842 0.1341  0.1038  0.0188  1  C A O2    
13  N N3    . C A 1  ? 0.2595 0.6109 0.3790 0.1357  0.0818  0.0296  1  C A N3    
14  C C4    . C A 1  ? 0.2282 0.5870 0.3421 0.1394  0.0726  0.0331  1  C A C4    
15  N N4    . C A 1  ? 0.2752 0.6466 0.3837 0.1355  0.0614  0.0386  1  C A N4    
16  C C5    . C A 1  ? 0.2683 0.6213 0.3842 0.1474  0.0744  0.0307  1  C A C5    
17  C C6    . C A 1  ? 0.3233 0.6622 0.4448 0.1509  0.0862  0.0256  1  C A C6    
18  P P     . U A 2  ? 0.4996 0.8582 0.6706 0.1121  0.1303  -0.0207 2  U A P     
19  O OP1   . U A 2  ? 0.5701 0.9246 0.7539 0.1059  0.1451  -0.0320 2  U A OP1   
20  O OP2   . U A 2  ? 0.4279 0.8013 0.5938 0.1132  0.1183  -0.0159 2  U A OP2   
21  O "O5'" . U A 2  ? 0.4645 0.8321 0.6304 0.1032  0.1269  -0.0206 2  U A "O5'" 
22  C "C5'" . U A 2  ? 0.3815 0.7381 0.5551 0.1011  0.1369  -0.0254 2  U A "C5'" 
23  C "C4'" . U A 2  ? 0.3168 0.6861 0.4881 0.0952  0.1296  -0.0235 2  U A "C4'" 
24  O "O4'" . U A 2  ? 0.4742 0.8382 0.6365 0.1038  0.1196  -0.0114 2  U A "O4'" 
25  C "C3'" . U A 2  ? 0.3048 0.7026 0.4701 0.0838  0.1203  -0.0267 2  U A "C3'" 
26  O "O3'" . U A 2  ? 0.3881 0.7963 0.5591 0.0729  0.1277  -0.0394 2  U A "O3'" 
27  C "C2'" . U A 2  ? 0.3943 0.8011 0.5568 0.0842  0.1092  -0.0192 2  U A "C2'" 
28  O "O2'" . U A 2  ? 0.3754 0.7804 0.5514 0.0812  0.1153  -0.0252 2  U A "O2'" 
29  C "C1'" . U A 2  ? 0.4600 0.8453 0.6176 0.0974  0.1075  -0.0079 2  U A "C1'" 
30  N N1    . U A 2  ? 0.3657 0.7588 0.5111 0.1007  0.0956  0.0006  2  U A N1    
31  C C2    . U A 2  ? 0.3013 0.7085 0.4404 0.0980  0.0836  0.0077  2  U A C2    
32  O O2    . U A 2  ? 0.3023 0.7172 0.4469 0.0935  0.0815  0.0072  2  U A O2    
33  N N3    . U A 2  ? 0.2286 0.6414 0.3582 0.1007  0.0740  0.0150  2  U A N3    
34  C C4    . U A 2  ? 0.2856 0.6933 0.4130 0.1062  0.0745  0.0151  2  U A C4    
35  O O4    . U A 2  ? 0.2341 0.6485 0.3555 0.1077  0.0655  0.0209  2  U A O4    
36  C C5    . U A 2  ? 0.2682 0.6633 0.4036 0.1094  0.0862  0.0077  2  U A C5    
37  C C6    . U A 2  ? 0.4023 0.7895 0.5451 0.1066  0.0965  0.0013  2  U A C6    
38  P P     . G A 3  ? 0.5131 0.9460 0.6732 0.0610  0.1230  -0.0457 3  G A P     
39  O OP1   . G A 3  ? 0.5845 1.0222 0.7498 0.0510  0.1329  -0.0604 3  G A OP1   
40  O OP2   . G A 3  ? 0.4687 0.8990 0.6224 0.0649  0.1208  -0.0403 3  G A OP2   
41  O "O5'" . G A 3  ? 0.4813 0.9383 0.6329 0.0562  0.1080  -0.0410 3  G A "O5'" 
42  C "C5'" . G A 3  ? 0.3922 0.8631 0.5517 0.0505  0.1056  -0.0470 3  G A "C5'" 
43  C "C4'" . G A 3  ? 0.2709 0.7641 0.4235 0.0479  0.0897  -0.0394 3  G A "C4'" 
44  O "O4'" . G A 3  ? 0.2901 0.7694 0.4426 0.0592  0.0837  -0.0243 3  G A "O4'" 
45  C "C3'" . G A 3  ? 0.3002 0.8042 0.4297 0.0389  0.0807  -0.0373 3  G A "C3'" 
46  O "O3'" . G A 3  ? 0.3976 0.9096 0.5161 0.0250  0.0794  -0.0493 3  G A "O3'" 
47  C "C2'" . G A 3  ? 0.2870 0.7922 0.4103 0.0416  0.0640  -0.0231 3  G A "C2'" 
48  O "O2'" . G A 3  ? 0.3706 0.8799 0.4978 0.0356  0.0532  -0.0257 3  G A "O2'" 
49  C "C1'" . G A 3  ? 0.2784 0.7711 0.4170 0.0564  0.0697  -0.0150 3  G A "C1'" 
50  N N9    . G A 3  ? 0.2794 0.7633 0.4094 0.0634  0.0701  -0.0068 3  G A N9    
51  C C8    . G A 3  ? 0.2540 0.7192 0.3850 0.0685  0.0792  -0.0094 3  G A C8    
52  N N7    . G A 3  ? 0.2368 0.6985 0.3611 0.0734  0.0743  -0.0017 3  G A N7    
53  C C5    . G A 3  ? 0.2430 0.7191 0.3599 0.0710  0.0624  0.0070  3  G A C5    
54  C C6    . G A 3  ? 0.2958 0.7745 0.4050 0.0737  0.0536  0.0169  3  G A C6    
55  O O6    . G A 3  ? 0.2030 0.6734 0.3114 0.0789  0.0536  0.0193  3  G A O6    
56  N N1    . G A 3  ? 0.2835 0.7773 0.3882 0.0695  0.0434  0.0241  3  G A N1    
57  C C2    . G A 3  ? 0.2516 0.7503 0.3568 0.0630  0.0387  0.0220  3  G A C2    
58  N N2    . G A 3  ? 0.2019 0.7045 0.2995 0.0591  0.0254  0.0305  3  G A N2    
59  N N3    . G A 3  ? 0.2375 0.7353 0.3515 0.0603  0.0459  0.0116  3  G A N3    
60  C C4    . G A 3  ? 0.3416 0.8320 0.4622 0.0650  0.0593  0.0046  3  G A C4    
61  P P     . G A 4  ? 0.5079 1.0250 0.6041 0.0154  0.0836  -0.0541 4  G A P     
62  O OP1   . G A 4  ? 0.4978 1.0184 0.5861 0.0027  0.0854  -0.0695 4  G A OP1   
63  O OP2   . G A 4  ? 0.4586 0.9717 0.5631 0.0232  0.0978  -0.0530 4  G A OP2   
64  O "O5'" . G A 4  ? 0.4122 0.9331 0.4865 0.0127  0.0675  -0.0410 4  G A "O5'" 
65  C "C5'" . G A 4  ? 0.4933 1.0180 0.5555 0.0065  0.0499  -0.0378 4  G A "C5'" 
66  C "C4'" . G A 4  ? 0.4319 0.9568 0.4843 0.0103  0.0368  -0.0214 4  G A "C4'" 
67  O "O4'" . G A 4  ? 0.3830 0.9033 0.4558 0.0238  0.0394  -0.0118 4  G A "O4'" 
68  C "C3'" . G A 4  ? 0.3875 0.9127 0.4169 0.0057  0.0388  -0.0164 4  G A "C3'" 
69  O "O3'" . G A 4  ? 0.4482 0.9742 0.4480 -0.0069 0.0327  -0.0202 4  G A "O3'" 
70  C "C2'" . G A 4  ? 0.4033 0.9275 0.4371 0.0141  0.0288  -0.0002 4  G A "C2'" 
71  O "O2'" . G A 4  ? 0.3599 0.8856 0.3855 0.0114  0.0112  0.0066  4  G A "O2'" 
72  C "C1'" . G A 4  ? 0.3000 0.8204 0.3622 0.0264  0.0344  0.0004  4  G A "C1'" 
73  N N9    . G A 4  ? 0.3116 0.8291 0.3828 0.0337  0.0470  0.0002  4  G A N9    
74  C C8    . G A 4  ? 0.2964 0.8114 0.3804 0.0368  0.0620  -0.0097 4  G A C8    
75  N N7    . G A 4  ? 0.3102 0.8236 0.4015 0.0443  0.0680  -0.0066 4  G A N7    
76  C C5    . G A 4  ? 0.3119 0.8268 0.3946 0.0454  0.0571  0.0052  4  G A C5    
77  C C6    . G A 4  ? 0.2769 0.7919 0.3642 0.0520  0.0565  0.0118  4  G A C6    
78  O O6    . G A 4  ? 0.2754 0.7779 0.3715 0.0576  0.0618  0.0086  4  G A O6    
79  N N1    . G A 4  ? 0.2170 0.7336 0.2938 0.0502  0.0448  0.0228  4  G A N1    
80  C C2    . G A 4  ? 0.3160 0.8335 0.3794 0.0437  0.0343  0.0277  4  G A C2    
81  N N2    . G A 4  ? 0.2196 0.7375 0.2749 0.0433  0.0244  0.0389  4  G A N2    
82  N N3    . G A 4  ? 0.2991 0.8173 0.3590 0.0381  0.0329  0.0215  4  G A N3    
83  C C4    . G A 4  ? 0.2889 0.8059 0.3588 0.0390  0.0449  0.0100  4  G A C4    
84  P P     . G A 5  ? 0.4977 1.0206 0.4721 -0.0155 0.0438  -0.0227 5  G A P     
85  O OP1   . G A 5  ? 0.4926 1.0130 0.4336 -0.0281 0.0357  -0.0278 5  G A OP1   
86  O OP2   . G A 5  ? 0.4692 0.9920 0.4617 -0.0127 0.0639  -0.0319 5  G A OP2   
87  O "O5'" . G A 5  ? 0.4717 0.9935 0.4418 -0.0106 0.0382  -0.0065 5  G A "O5'" 
88  C "C5'" . G A 5  ? 0.4577 0.9788 0.4143 -0.0107 0.0201  0.0059  5  G A "C5'" 
89  C "C4'" . G A 5  ? 0.3797 0.8991 0.3366 -0.0060 0.0196  0.0193  5  G A "C4'" 
90  O "O4'" . G A 5  ? 0.3936 0.9156 0.3819 0.0063  0.0231  0.0226  5  G A "O4'" 
91  C "C3'" . G A 5  ? 0.3773 0.8931 0.3191 -0.0123 0.0340  0.0172  5  G A "C3'" 
92  O "O3'" . G A 5  ? 0.5289 1.0375 0.4339 -0.0227 0.0297  0.0203  5  G A "O3'" 
93  C "C2'" . G A 5  ? 0.4138 0.9313 0.3756 -0.0030 0.0352  0.0270  5  G A "C2'" 
94  O "O2'" . G A 5  ? 0.4502 0.9650 0.3990 -0.0030 0.0223  0.0410  5  G A "O2'" 
95  C "C1'" . G A 5  ? 0.3228 0.8442 0.3146 0.0086  0.0316  0.0264  5  G A "C1'" 
96  N N9    . G A 5  ? 0.3592 0.8824 0.3720 0.0134  0.0463  0.0165  5  G A N9    
97  C C8    . G A 5  ? 0.3473 0.8710 0.3668 0.0119  0.0550  0.0040  5  G A C8    
98  N N7    . G A 5  ? 0.4104 0.9348 0.4504 0.0181  0.0671  -0.0018 5  G A N7    
99  C C5    . G A 5  ? 0.3019 0.8271 0.3495 0.0240  0.0649  0.0068  5  G A C5    
100 C C6    . G A 5  ? 0.2952 0.8221 0.3651 0.0327  0.0719  0.0052  5  G A C6    
101 O O6    . G A 5  ? 0.3116 0.8292 0.3966 0.0370  0.0794  -0.0031 5  G A O6    
102 N N1    . G A 5  ? 0.2895 0.8176 0.3615 0.0359  0.0655  0.0144  5  G A N1    
103 C C2    . G A 5  ? 0.2374 0.7643 0.2920 0.0315  0.0552  0.0248  5  G A C2    
104 N N2    . G A 5  ? 0.2562 0.7843 0.3180 0.0354  0.0515  0.0320  5  G A N2    
105 N N3    . G A 5  ? 0.2501 0.7748 0.2834 0.0242  0.0484  0.0275  5  G A N3    
106 C C4    . G A 5  ? 0.3180 0.8426 0.3492 0.0208  0.0531  0.0178  5  G A C4    
107 P P     . U A 6  ? 0.6427 1.1434 0.5232 -0.0336 0.0478  0.0135  6  U A P     
108 O OP1   . U A 6  ? 0.6498 1.1427 0.4923 -0.0445 0.0427  0.0082  6  U A OP1   
109 O OP2   . U A 6  ? 0.5318 1.0372 0.4398 -0.0308 0.0667  0.0030  6  U A OP2   
110 O "O5'" . U A 6  ? 0.7850 1.2803 0.6549 -0.0334 0.0470  0.0275  6  U A "O5'" 
111 C "C5'" . U A 6  ? 0.6396 1.1294 0.4865 -0.0341 0.0298  0.0407  6  U A "C5'" 
112 C "C4'" . U A 6  ? 0.5626 1.0499 0.4143 -0.0307 0.0309  0.0536  6  U A "C4'" 
113 O "O4'" . U A 6  ? 0.5172 1.0152 0.4091 -0.0188 0.0278  0.0568  6  U A "O4'" 
114 C "C3'" . U A 6  ? 0.5764 1.0576 0.4230 -0.0366 0.0522  0.0501  6  U A "C3'" 
115 O "O3'" . U A 6  ? 0.6542 1.1196 0.4573 -0.0481 0.0588  0.0507  6  U A "O3'" 
116 C "C2'" . U A 6  ? 0.5986 1.0836 0.4687 -0.0288 0.0498  0.0610  6  U A "C2'" 
117 O "O2'" . U A 6  ? 0.6569 1.1333 0.5033 -0.0302 0.0383  0.0757  6  U A "O2'" 
118 C "C1'" . U A 6  ? 0.5328 1.0301 0.4359 -0.0171 0.0376  0.0610  6  U A "C1'" 
119 N N1    . U A 6  ? 0.4762 0.9818 0.4125 -0.0116 0.0495  0.0511  6  U A N1    
120 C C2    . U A 6  ? 0.4993 1.0078 0.4568 -0.0067 0.0539  0.0548  6  U A C2    
121 O O2    . U A 6  ? 0.5545 1.0589 0.5049 -0.0073 0.0498  0.0654  6  U A O2    
122 N N3    . U A 6  ? 0.4450 0.9608 0.4333 -0.0007 0.0626  0.0454  6  U A N3    
123 C C4    . U A 6  ? 0.3986 0.9182 0.3980 0.0010  0.0687  0.0338  6  U A C4    
124 O O4    . U A 6  ? 0.4157 0.9411 0.4437 0.0076  0.0753  0.0271  6  U A O4    
125 C C5    . U A 6  ? 0.4002 0.9162 0.3765 -0.0052 0.0658  0.0303  6  U A C5    
126 C C6    . U A 6  ? 0.4559 0.9656 0.4022 -0.0112 0.0558  0.0384  6  U A C6    
127 P P     . C A 7  ? 0.6944 1.1519 0.4862 -0.0585 0.0850  0.0368  7  C A P     
128 O OP1   . C A 7  ? 0.7072 1.1412 0.4498 -0.0689 0.0892  0.0414  7  C A OP1   
129 O OP2   . C A 7  ? 0.7490 1.2144 0.5539 -0.0588 0.0885  0.0218  7  C A OP2   
130 O "O5'" . C A 7  ? 0.7427 1.2074 0.5737 -0.0540 0.1003  0.0357  7  C A "O5'" 
131 C "C5'" . C A 7  ? 0.6405 1.1016 0.4743 -0.0521 0.1003  0.0476  7  C A "C5'" 
132 C "C4'" . C A 7  ? 0.5535 1.0265 0.4341 -0.0454 0.1095  0.0437  7  C A "C4'" 
133 O "O4'" . C A 7  ? 0.5385 1.0273 0.4536 -0.0337 0.0974  0.0410  7  C A "O4'" 
134 C "C3'" . C A 7  ? 0.5566 1.0291 0.4520 -0.0514 0.1344  0.0293  7  C A "C3'" 
135 O "O3'" . C A 7  ? 0.5904 1.0467 0.4660 -0.0614 0.1515  0.0306  7  C A "O3'" 
136 C "C2'" . C A 7  ? 0.5339 1.0235 0.4818 -0.0400 0.1324  0.0254  7  C A "C2'" 
137 O "O2'" . C A 7  ? 0.5136 1.0043 0.4771 -0.0370 0.1315  0.0332  7  C A "O2'" 
138 C "C1'" . C A 7  ? 0.5068 1.0049 0.4600 -0.0297 0.1099  0.0307  7  C A "C1'" 
139 N N1    . C A 7  ? 0.4978 1.0018 0.4628 -0.0275 0.1129  0.0186  7  C A N1    
140 C C2    . C A 7  ? 0.4965 1.0109 0.5019 -0.0201 0.1199  0.0097  7  C A C2    
141 O O2    . C A 7  ? 0.4781 0.9974 0.5086 -0.0155 0.1216  0.0114  7  C A O2    
142 N N3    . C A 7  ? 0.4307 0.9490 0.4481 -0.0176 0.1242  -0.0009 7  C A N3    
143 C C4    . C A 7  ? 0.4038 0.9175 0.3962 -0.0232 0.1227  -0.0041 7  C A C4    
144 N N4    . C A 7  ? 0.3766 0.8911 0.3847 -0.0205 0.1276  -0.0151 7  C A N4    
145 C C5    . C A 7  ? 0.3670 0.8714 0.3186 -0.0311 0.1141  0.0036  7  C A C5    
146 C C6    . C A 7  ? 0.4120 0.9113 0.3505 -0.0327 0.1093  0.0153  7  C A C6    
147 P P     . G A 8  ? 0.6789 1.1124 0.5294 -0.0737 0.1730  0.0183  8  G A P     
148 O OP1   . G A 8  ? 0.7716 1.1829 0.6013 -0.0819 0.1888  0.0229  8  G A OP1   
149 O OP2   . G A 8  ? 0.6918 1.1197 0.5091 -0.0770 0.1633  0.0155  8  G A OP2   
150 O "O5'" . G A 8  ? 0.7540 1.1987 0.6535 -0.0705 0.1871  0.0024  8  G A "O5'" 
151 C "C5'" . G A 8  ? 0.6269 1.0819 0.5712 -0.0652 0.1938  0.0004  8  G A "C5'" 
152 C "C4'" . G A 8  ? 0.5614 1.0253 0.5496 -0.0601 0.2012  -0.0141 8  G A "C4'" 
153 O "O4'" . G A 8  ? 0.5738 1.0555 0.5794 -0.0484 0.1817  -0.0131 8  G A "O4'" 
154 C "C3'" . G A 8  ? 0.5334 0.9813 0.5101 -0.0684 0.2188  -0.0271 8  G A "C3'" 
155 O "O3'" . G A 8  ? 0.6246 1.0539 0.5988 -0.0776 0.2429  -0.0324 8  G A "O3'" 
156 C "C2'" . G A 8  ? 0.5666 1.0288 0.5876 -0.0582 0.2148  -0.0365 8  G A "C2'" 
157 O "O2'" . G A 8  ? 0.5543 1.0213 0.6220 -0.0534 0.2234  -0.0422 8  G A "O2'" 
158 C "C1'" . G A 8  ? 0.5804 1.0609 0.6046 -0.0470 0.1891  -0.0262 8  G A "C1'" 
159 N N9    . G A 8  ? 0.5249 1.0044 0.5214 -0.0484 0.1807  -0.0266 8  G A N9    
160 C C8    . G A 8  ? 0.4730 0.9471 0.4241 -0.0549 0.1726  -0.0194 8  G A C8    
161 N N7    . G A 8  ? 0.5489 1.0241 0.4889 -0.0555 0.1678  -0.0248 8  G A N7    
162 C C5    . G A 8  ? 0.4832 0.9626 0.4622 -0.0491 0.1746  -0.0355 8  G A C5    
163 C C6    . G A 8  ? 0.4883 0.9687 0.4770 -0.0466 0.1748  -0.0450 8  G A C6    
164 O O6    . G A 8  ? 0.4849 0.9654 0.4503 -0.0503 0.1694  -0.0472 8  G A O6    
165 N N1    . G A 8  ? 0.3885 0.8695 0.4190 -0.0389 0.1821  -0.0524 8  G A N1    
166 C C2    . G A 8  ? 0.4088 0.8912 0.4698 -0.0341 0.1872  -0.0518 8  G A C2    
167 N N2    . G A 8  ? 0.4034 0.8858 0.5032 -0.0259 0.1918  -0.0590 8  G A N2    
168 N N3    . G A 8  ? 0.3809 0.8648 0.4361 -0.0370 0.1872  -0.0447 8  G A N3    
169 C C4    . G A 8  ? 0.4453 0.9267 0.4584 -0.0444 0.1816  -0.0364 8  G A C4    
170 P P     . C A 9  ? 0.6705 1.0702 0.5918 -0.0911 0.2592  -0.0349 9  C A P     
171 O OP1   . C A 9  ? 0.6954 1.0782 0.6226 -0.0975 0.2831  -0.0374 9  C A OP1   
172 O OP2   . C A 9  ? 0.8049 1.1985 0.6739 -0.0941 0.2425  -0.0238 9  C A OP2   
173 O "O5'" . C A 9  ? 0.6993 1.0976 0.6314 -0.0915 0.2662  -0.0490 9  C A "O5'" 
174 C "C5'" . C A 9  ? 0.5976 0.9730 0.4894 -0.1019 0.2787  -0.0549 9  C A "C5'" 
175 C "C4'" . C A 9  ? 0.5950 0.9706 0.5154 -0.1011 0.2907  -0.0694 9  C A "C4'" 
176 O "O4'" . C A 9  ? 0.6655 1.0390 0.6254 -0.1004 0.3091  -0.0750 9  C A "O4'" 
177 C "C3'" . C A 9  ? 0.5656 0.9641 0.5241 -0.0901 0.2758  -0.0730 9  C A "C3'" 
178 O "O3'" . C A 9  ? 0.6648 1.0654 0.5948 -0.0913 0.2626  -0.0734 9  C A "O3'" 
179 C "C2'" . C A 9  ? 0.6089 1.0047 0.6069 -0.0884 0.2927  -0.0851 9  C A "C2'" 
180 O "O2'" . C A 9  ? 0.6145 0.9939 0.5863 -0.0972 0.3043  -0.0943 9  C A "O2'" 
181 C "C1'" . C A 9  ? 0.6196 1.0066 0.6281 -0.0926 0.3092  -0.0842 9  C A "C1'" 
182 N N1    . C A 9  ? 0.5299 0.9355 0.5891 -0.0822 0.3029  -0.0813 9  C A N1    
183 C C2    . C A 9  ? 0.5062 0.9234 0.6178 -0.0731 0.3031  -0.0889 9  C A C2    
184 O O2    . C A 9  ? 0.5146 0.9267 0.6306 -0.0739 0.3094  -0.0975 9  C A O2    
185 N N3    . C A 9  ? 0.4763 0.9096 0.6321 -0.0637 0.2953  -0.0867 9  C A N3    
186 C C4    . C A 9  ? 0.4852 0.9235 0.6358 -0.0636 0.2890  -0.0779 9  C A C4    
187 N N4    . C A 9  ? 0.4400 0.8942 0.6352 -0.0542 0.2804  -0.0771 9  C A N4    
188 C C5    . C A 9  ? 0.4913 0.9179 0.5896 -0.0729 0.2899  -0.0695 9  C A C5    
189 C C6    . C A 9  ? 0.5224 0.9325 0.5758 -0.0817 0.2963  -0.0712 9  C A C6    
190 P P     . A A 10 ? 0.5529 0.9776 0.5011 -0.0796 0.2379  -0.0679 10 A A P     
191 O OP1   . A A 10 ? 0.7154 1.1384 0.6303 -0.0841 0.2289  -0.0706 10 A A OP1   
192 O OP2   . A A 10 ? 0.4893 0.9255 0.4416 -0.0742 0.2247  -0.0546 10 A A OP2   
193 O "O5'" . A A 10 ? 0.5172 0.9519 0.5212 -0.0688 0.2414  -0.0757 10 A A "O5'" 
194 C "C5'" . A A 10 ? 0.4914 0.9172 0.5048 -0.0711 0.2543  -0.0878 10 A A "C5'" 
195 C "C4'" . A A 10 ? 0.4739 0.9067 0.5419 -0.0599 0.2579  -0.0919 10 A A "C4'" 
196 O "O4'" . A A 10 ? 0.5106 0.9429 0.5999 -0.0599 0.2672  -0.0906 10 A A "O4'" 
197 C "C3'" . A A 10 ? 0.4255 0.8752 0.5221 -0.0449 0.2383  -0.0861 10 A A "C3'" 
198 O "O3'" . A A 10 ? 0.4257 0.8754 0.5231 -0.0410 0.2335  -0.0901 10 A A "O3'" 
199 C "C2'" . A A 10 ? 0.4629 0.9176 0.6073 -0.0358 0.2421  -0.0872 10 A A "C2'" 
200 O "O2'" . A A 10 ? 0.4682 0.9179 0.6381 -0.0324 0.2518  -0.0957 10 A A "O2'" 
201 C "C1'" . A A 10 ? 0.4330 0.8800 0.5688 -0.0461 0.2574  -0.0881 10 A A "C1'" 
202 N N9    . A A 10 ? 0.4296 0.8855 0.5667 -0.0441 0.2483  -0.0791 10 A A N9    
203 C C8    . A A 10 ? 0.4299 0.8841 0.5286 -0.0512 0.2435  -0.0708 10 A A C8    
204 N N7    . A A 10 ? 0.4146 0.8778 0.5275 -0.0473 0.2369  -0.0639 10 A A N7    
205 C C5    . A A 10 ? 0.3938 0.8653 0.5577 -0.0373 0.2367  -0.0689 10 A A C5    
206 C C6    . A A 10 ? 0.3728 0.8557 0.5740 -0.0293 0.2302  -0.0669 10 A A C6    
207 N N6    . A A 10 ? 0.3669 0.8553 0.5613 -0.0304 0.2237  -0.0590 10 A A N6    
208 N N1    . A A 10 ? 0.4116 0.9001 0.6582 -0.0196 0.2293  -0.0731 10 A A N1    
209 C C2    . A A 10 ? 0.3656 0.8485 0.6194 -0.0181 0.2358  -0.0800 10 A A C2    
210 N N3    . A A 10 ? 0.4087 0.8807 0.6317 -0.0254 0.2437  -0.0829 10 A A N3    
211 C C4    . A A 10 ? 0.3973 0.8642 0.5758 -0.0350 0.2433  -0.0775 10 A A C4    
212 P P     . G A 11 ? 0.4033 0.7565 0.4772 -0.0867 0.0977  -0.0692 11 G A P     
213 O OP1   . G A 11 ? 0.3939 0.7542 0.4680 -0.0974 0.0936  -0.0615 11 G A OP1   
214 O OP2   . G A 11 ? 0.3088 0.6636 0.4072 -0.0757 0.1071  -0.0497 11 G A OP2   
215 O "O5'" . G A 11 ? 0.4290 0.7679 0.4724 -0.0756 0.1151  -0.0805 11 G A "O5'" 
216 C "C5'" . G A 11 ? 0.4938 0.8216 0.5046 -0.0812 0.1103  -0.1013 11 G A "C5'" 
217 C "C4'" . G A 11 ? 0.4054 0.7080 0.3772 -0.0661 0.1311  -0.0967 11 G A "C4'" 
218 O "O4'" . G A 11 ? 0.4884 0.7764 0.4575 -0.0454 0.1443  -0.0960 11 G A "O4'" 
219 C "C3'" . G A 11 ? 0.3667 0.6795 0.3417 -0.0687 0.1484  -0.0696 11 G A "C3'" 
220 O "O3'" . G A 11 ? 0.5698 0.8557 0.4937 -0.0631 0.1600  -0.0723 11 G A "O3'" 
221 C "C2'" . G A 11 ? 0.3820 0.6988 0.3800 -0.0523 0.1658  -0.0531 11 G A "C2'" 
222 O "O2'" . G A 11 ? 0.3939 0.7102 0.3874 -0.0463 0.1884  -0.0339 11 G A "O2'" 
223 C "C1'" . G A 11 ? 0.4596 0.7525 0.4331 -0.0355 0.1677  -0.0726 11 G A "C1'" 
224 N N9    . G A 11 ? 0.3693 0.6674 0.3682 -0.0227 0.1754  -0.0674 11 G A N9    
225 C C8    . G A 11 ? 0.3450 0.6647 0.3854 -0.0243 0.1787  -0.0491 11 G A C8    
226 N N7    . G A 11 ? 0.3380 0.6562 0.3902 -0.0113 0.1853  -0.0508 11 G A N7    
227 C C5    . G A 11 ? 0.3862 0.6791 0.4040 -0.0001 0.1856  -0.0719 11 G A C5    
228 C C6    . G A 11 ? 0.4696 0.7474 0.4826 0.0167  0.1904  -0.0843 11 G A C6    
229 O O6    . G A 11 ? 0.3948 0.6833 0.4344 0.0243  0.1968  -0.0789 11 G A O6    
230 N N1    . G A 11 ? 0.4463 0.6893 0.4185 0.0257  0.1851  -0.1058 11 G A N1    
231 C C2    . G A 11 ? 0.4806 0.7058 0.4191 0.0197  0.1764  -0.1141 11 G A C2    
232 N N2    . G A 11 ? 0.4844 0.6680 0.3849 0.0324  0.1689  -0.1332 11 G A N2    
233 N N3    . G A 11 ? 0.3953 0.6385 0.3373 0.0032  0.1736  -0.1037 11 G A N3    
234 C C4    . G A 11 ? 0.3882 0.6656 0.3719 -0.0061 0.1787  -0.0826 11 G A C4    
235 P P     . U A 12 ? 0.7561 1.0248 0.6387 -0.0781 0.1456  -0.0861 12 U A P     
236 O OP1   . U A 12 ? 0.7986 1.0281 0.6216 -0.0655 0.1594  -0.0836 12 U A OP1   
237 O OP2   . U A 12 ? 0.8177 1.0787 0.7011 -0.0825 0.1176  -0.1162 12 U A OP2   
238 O "O5'" . U A 12 ? 0.6040 0.9053 0.5177 -0.1008 0.1467  -0.0637 12 U A "O5'" 
239 C "C5'" . U A 12 ? 0.4070 0.7136 0.3291 -0.0982 0.1684  -0.0353 12 U A "C5'" 
240 C "C4'" . U A 12 ? 0.4394 0.7345 0.3276 -0.1149 0.1727  -0.0239 12 U A "C4'" 
241 O "O4'" . U A 12 ? 0.5186 0.8290 0.4201 -0.1394 0.1498  -0.0314 12 U A "O4'" 
242 C "C3'" . U A 12 ? 0.5002 0.7486 0.3104 -0.1081 0.1777  -0.0330 12 U A "C3'" 
243 O "O3'" . U A 12 ? 0.5838 0.8207 0.3688 -0.1151 0.1955  -0.0084 12 U A "O3'" 
244 C "C2'" . U A 12 ? 0.5197 0.7369 0.3114 -0.1168 0.1402  -0.0530 12 U A "C2'" 
245 O "O2'" . U A 12 ? 0.5856 0.7446 0.3121 -0.1143 0.1292  -0.0541 12 U A "O2'" 
246 C "C1'" . U A 12 ? 0.4688 0.7256 0.3142 -0.1410 0.1311  -0.0404 12 U A "C1'" 
247 N N1    . U A 12 ? 0.4538 0.7026 0.3147 -0.1486 0.0925  -0.0629 12 U A N1    
248 C C2    . U A 12 ? 0.4496 0.6733 0.2969 -0.1633 0.0698  -0.0601 12 U A C2    
249 O O2    . U A 12 ? 0.5267 0.7342 0.3499 -0.1720 0.0816  -0.0370 12 U A O2    
250 N N3    . U A 12 ? 0.4223 0.6413 0.2867 -0.1681 0.0329  -0.0857 12 U A N3    
251 C C4    . U A 12 ? 0.4013 0.6393 0.2921 -0.1615 0.0189  -0.1129 12 U A C4    
252 O O4    . U A 12 ? 0.4824 0.7168 0.3875 -0.1669 -0.0137 -0.1362 12 U A O4    
253 C C5    . U A 12 ? 0.4308 0.6915 0.3314 -0.1482 0.0450  -0.1114 12 U A C5    
254 C C6    . U A 12 ? 0.4036 0.6678 0.2900 -0.1414 0.0789  -0.0874 12 U A C6    
255 P P     . N A 13 ? 0.8129 1.0358 0.5752 -0.0929 0.2246  0.0039  13 N A P     
256 O OP1   . N A 13 ? 0.7906 0.9703 0.4908 -0.0741 0.2196  -0.0175 13 N A OP1   
257 O OP2   . N A 13 ? 0.9391 1.1622 0.6935 -0.1068 0.2407  0.0308  13 N A OP2   
258 O "O5'" . N A 13 ? 0.7617 1.0186 0.5893 -0.0767 0.2348  0.0062  13 N A "O5'" 
259 P P     . N A 14 ? 1.6970 1.9029 1.4603 0.0097  0.3035  -0.0135 14 N A P     
260 O OP1   . N A 14 ? 1.6992 1.9238 1.4889 -0.0114 0.2816  -0.0081 14 N A OP1   
261 O OP2   . N A 14 ? 1.5495 1.7429 1.3204 0.0269  0.2979  -0.0353 14 N A OP2   
262 O "O5'" . N A 14 ? 1.7497 1.9261 1.4421 0.0153  0.3049  -0.0123 14 N A "O5'" 
263 C "C5'" . N A 14 ? 1.7078 1.8849 1.3714 -0.0016 0.3021  0.0036  14 N A "C5'" 
264 C "C4'" . N A 14 ? 1.7676 1.9127 1.3843 -0.0058 0.2737  -0.0139 14 N A "C4'" 
265 O "O4'" . N A 14 ? 1.7347 1.8869 1.3887 -0.0212 0.2523  -0.0242 14 N A "O4'" 
266 C "C3'" . N A 14 ? 1.7977 1.9201 1.3792 0.0201  0.2607  -0.0399 14 N A "C3'" 
267 O "O3'" . N A 14 ? 1.8567 1.9802 1.3932 0.0216  0.2639  -0.0420 14 N A "O3'" 
268 C "C2'" . N A 14 ? 1.6906 1.7788 1.2582 0.0119  0.2290  -0.0612 14 N A "C2'" 
269 O "O2'" . N A 14 ? 1.7341 1.7867 1.2464 -0.0022 0.2156  -0.0588 14 N A "O2'" 
270 C "C1'" . N A 14 ? 1.6292 1.7499 1.2575 -0.0106 0.2279  -0.0527 14 N A "C1'" 
271 P P     . C A 15 ? 1.7772 1.9115 1.3139 0.0292  0.2676  -0.0693 15 C A P     
272 O OP1   . C A 15 ? 1.6932 1.7856 1.1597 0.0325  0.2630  -0.0764 15 C A OP1   
273 O OP2   . C A 15 ? 1.7700 1.9497 1.3507 0.0209  0.2922  -0.0626 15 C A OP2   
274 O "O5'" . C A 15 ? 1.5028 1.6219 1.0696 0.0375  0.2467  -0.0983 15 C A "O5'" 
275 C "C5'" . C A 15 ? 1.2561 1.3827 0.8696 0.0357  0.2595  -0.1110 15 C A "C5'" 
276 C "C4'" . C A 15 ? 1.0140 1.0999 0.6460 0.0400  0.2436  -0.1279 15 C A "C4'" 
277 O "O4'" . C A 15 ? 0.9671 1.0174 0.5815 0.0598  0.2280  -0.1046 15 C A "O4'" 
278 C "C3'" . C A 15 ? 0.8780 0.9591 0.5528 0.0539  0.2579  -0.1221 15 C A "C3'" 
279 O "O3'" . C A 15 ? 0.9171 1.0067 0.5992 0.0630  0.2601  -0.1440 15 C A "O3'" 
280 C "C2'" . C A 15 ? 0.8960 0.9647 0.5851 0.0666  0.2343  -0.1206 15 C A "C2'" 
281 O "O2'" . C A 15 ? 0.9513 0.9854 0.6335 0.0711  0.2174  -0.1447 15 C A "O2'" 
282 C "C1'" . C A 15 ? 1.0320 1.0983 0.6920 0.0595  0.2183  -0.1142 15 C A "C1'" 
283 N N1    . C A 15 ? 1.2315 1.3469 0.9353 0.0405  0.2188  -0.0988 15 C A N1    
284 C C2    . C A 15 ? 1.2745 1.3984 1.0074 0.0280  0.1935  -0.1108 15 C A C2    
285 O O2    . C A 15 ? 1.2951 1.3861 1.0159 0.0369  0.1725  -0.1318 15 C A O2    
286 N N3    . C A 15 ? 1.1866 1.3519 0.9620 0.0059  0.1919  -0.0984 15 C A N3    
287 C C4    . C A 15 ? 1.1239 1.3176 0.9163 -0.0030 0.2123  -0.0733 15 C A C4    
288 N N4    . C A 15 ? 0.9277 1.1570 0.7646 -0.0234 0.2067  -0.0611 15 C A N4    
289 C C5    . C A 15 ? 1.1753 1.3596 0.9411 0.0093  0.2378  -0.0604 15 C A C5    
290 C C6    . C A 15 ? 1.2462 1.3936 0.9671 0.0303  0.2411  -0.0741 15 C A C6    
291 P P     . C A 16 ? 0.5345 0.9742 0.6065 0.0042  0.0342  -0.1274 16 C A P     
292 O OP1   . C A 16 ? 0.5812 1.0703 0.6688 0.0005  0.0245  -0.1596 16 C A OP1   
293 O OP2   . C A 16 ? 0.5239 0.9595 0.5721 0.0153  0.0336  -0.1061 16 C A OP2   
294 O "O5'" . C A 16 ? 0.5441 0.9240 0.6210 -0.0037 0.0453  -0.1307 16 C A "O5'" 
295 C "C5'" . C A 16 ? 0.3559 0.7253 0.4670 -0.0147 0.0514  -0.1489 16 C A "C5'" 
296 C "C4'" . C A 16 ? 0.3338 0.6538 0.4507 -0.0161 0.0640  -0.1405 16 C A "C4'" 
297 O "O4'" . C A 16 ? 0.3104 0.6054 0.4077 -0.0131 0.0731  -0.1117 16 C A "O4'" 
298 C "C3'" . C A 16 ? 0.2747 0.5824 0.3724 -0.0088 0.0612  -0.1391 16 C A "C3'" 
299 O "O3'" . C A 16 ? 0.3317 0.6522 0.4561 -0.0120 0.0590  -0.1701 16 C A "O3'" 
300 C "C2'" . C A 16 ? 0.3638 0.6315 0.4581 -0.0064 0.0740  -0.1129 16 C A "C2'" 
301 O "O2'" . C A 16 ? 0.4007 0.6494 0.5427 -0.0125 0.0877  -0.1172 16 C A "O2'" 
302 C "C1'" . C A 16 ? 0.3500 0.6190 0.4288 -0.0071 0.0776  -0.0962 16 C A "C1'" 
303 N N1    . C A 16 ? 0.3076 0.5801 0.3478 -0.0001 0.0722  -0.0832 16 C A N1    
304 C C2    . C A 16 ? 0.3241 0.5820 0.3412 0.0053  0.0751  -0.0676 16 C A C2    
305 O O2    . C A 16 ? 0.3409 0.5845 0.3676 0.0071  0.0824  -0.0571 16 C A O2    
306 N N3    . C A 16 ? 0.3603 0.6246 0.3521 0.0090  0.0706  -0.0639 16 C A N3    
307 C C4    . C A 16 ? 0.2909 0.5689 0.2860 0.0087  0.0668  -0.0697 16 C A C4    
308 N N4    . C A 16 ? 0.3133 0.5940 0.2981 0.0112  0.0659  -0.0685 16 C A N4    
309 C C5    . C A 16 ? 0.2919 0.5869 0.3083 0.0060  0.0647  -0.0765 16 C A C5    
310 C C6    . C A 16 ? 0.3195 0.6140 0.3542 0.0011  0.0659  -0.0858 16 C A C6    
311 P P     . C A 17 ? 0.4058 0.7372 0.5098 -0.0031 0.0521  -0.1778 17 C A P     
312 O OP1   . C A 17 ? 0.3974 0.7492 0.5392 -0.0090 0.0525  -0.2207 17 C A OP1   
313 O OP2   . C A 17 ? 0.3562 0.7161 0.4195 0.0061  0.0412  -0.1613 17 C A OP2   
314 O "O5'" . C A 17 ? 0.4034 0.6886 0.5008 0.0027  0.0617  -0.1499 17 C A "O5'" 
315 C "C5'" . C A 17 ? 0.4185 0.6715 0.5581 -0.0001 0.0769  -0.1481 17 C A "C5'" 
316 C "C4'" . C A 17 ? 0.3792 0.6074 0.5032 0.0098  0.0821  -0.1148 17 C A "C4'" 
317 O "O4'" . C A 17 ? 0.4119 0.6381 0.4996 0.0124  0.0806  -0.0852 17 C A "O4'" 
318 C "C3'" . C A 17 ? 0.3593 0.5981 0.4550 0.0186  0.0722  -0.1158 17 C A "C3'" 
319 O "O3'" . C A 17 ? 0.3766 0.6128 0.5066 0.0201  0.0777  -0.1381 17 C A "O3'" 
320 C "C2'" . C A 17 ? 0.3615 0.5872 0.4317 0.0264  0.0731  -0.0784 17 C A "C2'" 
321 O "O2'" . C A 17 ? 0.4224 0.6269 0.5279 0.0308  0.0878  -0.0593 17 C A "O2'" 
322 C "C1'" . C A 17 ? 0.4074 0.6353 0.4612 0.0215  0.0739  -0.0673 17 C A "C1'" 
323 N N1    . C A 17 ? 0.3605 0.6067 0.3777 0.0211  0.0620  -0.0704 17 C A N1    
324 C C2    . C A 17 ? 0.3865 0.6370 0.3745 0.0262  0.0565  -0.0554 17 C A C2    
325 O O2    . C A 17 ? 0.3834 0.6290 0.3691 0.0320  0.0589  -0.0386 17 C A O2    
326 N N3    . C A 17 ? 0.2744 0.5379 0.2457 0.0249  0.0499  -0.0596 17 C A N3    
327 C C4    . C A 17 ? 0.2907 0.5652 0.2701 0.0214  0.0489  -0.0703 17 C A C4    
328 N N4    . C A 17 ? 0.3066 0.5928 0.2817 0.0220  0.0463  -0.0687 17 C A N4    
329 C C5    . C A 17 ? 0.2845 0.5633 0.2850 0.0172  0.0512  -0.0836 17 C A C5    
330 C C6    . C A 17 ? 0.3442 0.6073 0.3643 0.0158  0.0577  -0.0869 17 C A C6    
331 P P     . C A 18 ? 0.4148 0.6773 0.5219 0.0273  0.0676  -0.1547 18 C A P     
332 O OP1   . C A 18 ? 0.3934 0.6527 0.5481 0.0266  0.0781  -0.1869 18 C A OP1   
333 O OP2   . C A 18 ? 0.3800 0.6816 0.4524 0.0265  0.0539  -0.1634 18 C A OP2   
334 O "O5'" . C A 18 ? 0.4345 0.6840 0.5125 0.0377  0.0645  -0.1174 18 C A "O5'" 
335 C "C5'" . C A 18 ? 0.4202 0.6442 0.5228 0.0438  0.0753  -0.0954 18 C A "C5'" 
336 C "C4'" . C A 18 ? 0.3677 0.5958 0.4362 0.0521  0.0670  -0.0637 18 C A "C4'" 
337 O "O4'" . C A 18 ? 0.4174 0.6509 0.4541 0.0482  0.0607  -0.0484 18 C A "O4'" 
338 C "C3'" . C A 18 ? 0.3832 0.6322 0.4257 0.0569  0.0555  -0.0706 18 C A "C3'" 
339 O "O3'" . C A 18 ? 0.4838 0.7328 0.5482 0.0644  0.0606  -0.0786 18 C A "O3'" 
340 C "C2'" . C A 18 ? 0.3365 0.5910 0.3500 0.0591  0.0465  -0.0444 18 C A "C2'" 
341 O "O2'" . C A 18 ? 0.3945 0.6436 0.4198 0.0669  0.0501  -0.0196 18 C A "O2'" 
342 C "C1'" . C A 18 ? 0.3688 0.6186 0.3731 0.0513  0.0483  -0.0411 18 C A "C1'" 
343 N N1    . C A 18 ? 0.3291 0.5919 0.3154 0.0453  0.0415  -0.0549 18 C A N1    
344 C C2    . C A 18 ? 0.3431 0.6175 0.3098 0.0450  0.0336  -0.0481 18 C A C2    
345 O O2    . C A 18 ? 0.3431 0.6214 0.3032 0.0487  0.0296  -0.0359 18 C A O2    
346 N N3    . C A 18 ? 0.3034 0.5879 0.2663 0.0410  0.0316  -0.0554 18 C A N3    
347 C C4    . C A 18 ? 0.3833 0.6736 0.3536 0.0383  0.0342  -0.0662 18 C A C4    
348 N N4    . C A 18 ? 0.3246 0.6298 0.2962 0.0370  0.0333  -0.0660 18 C A N4    
349 C C5    . C A 18 ? 0.3373 0.6222 0.3224 0.0370  0.0390  -0.0788 18 C A C5    
350 C C6    . C A 18 ? 0.4027 0.6702 0.3990 0.0399  0.0439  -0.0740 18 C A C6    
351 P P     . A A 19 ? 0.4654 0.7443 0.5156 0.0684  0.0549  -0.0999 19 A A P     
352 O OP1   . A A 19 ? 0.4430 0.7177 0.5262 0.0753  0.0660  -0.1148 19 A A OP1   
353 O OP2   . A A 19 ? 0.5160 0.8193 0.5520 0.0619  0.0500  -0.1211 19 A A OP2   
354 O "O5'" . A A 19 ? 0.4529 0.7439 0.4736 0.0727  0.0436  -0.0741 19 A A "O5'" 
355 C "C5'" . A A 19 ? 0.3340 0.6207 0.3602 0.0802  0.0425  -0.0539 19 A A "C5'" 
356 C "C4'" . A A 19 ? 0.3148 0.6110 0.3206 0.0782  0.0311  -0.0353 19 A A "C4'" 
357 O "O4'" . A A 19 ? 0.3272 0.6187 0.3181 0.0691  0.0283  -0.0364 19 A A "O4'" 
358 C "C3'" . A A 19 ? 0.2904 0.6093 0.2908 0.0805  0.0264  -0.0353 19 A A "C3'" 
359 O "O3'" . A A 19 ? 0.2592 0.5869 0.2722 0.0891  0.0269  -0.0266 19 A A "O3'" 
360 C "C2'" . A A 19 ? 0.2406 0.5612 0.2327 0.0728  0.0188  -0.0279 19 A A "C2'" 
361 O "O2'" . A A 19 ? 0.2671 0.5896 0.2617 0.0733  0.0121  -0.0165 19 A A "O2'" 
362 C "C1'" . A A 19 ? 0.2480 0.5536 0.2292 0.0658  0.0211  -0.0345 19 A A "C1'" 
363 N N9    . A A 19 ? 0.2760 0.5882 0.2537 0.0617  0.0234  -0.0450 19 A A N9    
364 C C8    . A A 19 ? 0.3556 0.6676 0.3345 0.0602  0.0283  -0.0589 19 A A C8    
365 N N7    . A A 19 ? 0.2829 0.6101 0.2587 0.0574  0.0279  -0.0628 19 A A N7    
366 C C5    . A A 19 ? 0.3051 0.6368 0.2832 0.0574  0.0254  -0.0491 19 A A C5    
367 C C6    . A A 19 ? 0.2934 0.6386 0.2813 0.0564  0.0274  -0.0420 19 A A C6    
368 N N6    . A A 19 ? 0.2752 0.6379 0.2642 0.0565  0.0297  -0.0441 19 A A N6    
369 N N1    . A A 19 ? 0.2409 0.5843 0.2459 0.0552  0.0279  -0.0332 19 A A N1    
370 C C2    . A A 19 ? 0.3114 0.6463 0.3169 0.0543  0.0233  -0.0338 19 A A C2    
371 N N3    . A A 19 ? 0.2321 0.5593 0.2231 0.0566  0.0192  -0.0357 19 A A N3    
372 C C4    . A A 19 ? 0.2777 0.6005 0.2575 0.0585  0.0220  -0.0420 19 A A C4    
373 P P     . G A 20 ? 0.3013 0.6567 0.3193 0.0966  0.0298  -0.0256 20 G A P     
374 O OP1   . G A 20 ? 0.3296 0.6877 0.3646 0.1055  0.0323  -0.0169 20 G A OP1   
375 O OP2   . G A 20 ? 0.3237 0.6974 0.3321 0.0983  0.0356  -0.0424 20 G A OP2   
376 O "O5'" . G A 20 ? 0.2943 0.6588 0.3173 0.0910  0.0236  -0.0125 20 G A "O5'" 
377 C "C5'" . G A 20 ? 0.2762 0.6381 0.3120 0.0868  0.0157  -0.0039 20 G A "C5'" 
378 C "C4'" . G A 20 ? 0.2802 0.6521 0.3363 0.0811  0.0154  0.0001  20 G A "C4'" 
379 O "O4'" . G A 20 ? 0.2988 0.6641 0.3443 0.0752  0.0179  -0.0069 20 G A "O4'" 
380 C "C3'" . G A 20 ? 0.2476 0.6421 0.3292 0.0902  0.0247  0.0155  20 G A "C3'" 
381 O "O3'" . G A 20 ? 0.3117 0.7114 0.4337 0.0841  0.0250  0.0218  20 G A "O3'" 
382 C "C2'" . G A 20 ? 0.2708 0.6765 0.3393 0.0940  0.0322  0.0170  20 G A "C2'" 
383 O "O2'" . G A 20 ? 0.2819 0.7161 0.3784 0.1022  0.0428  0.0393  20 G A "O2'" 
384 C "C1'" . G A 20 ? 0.2553 0.6400 0.3163 0.0815  0.0272  0.0050  20 G A "C1'" 
385 N N9    . G A 20 ? 0.2604 0.6476 0.2991 0.0817  0.0297  -0.0016 20 G A N9    
386 C C8    . G A 20 ? 0.2926 0.6731 0.3044 0.0820  0.0279  -0.0171 20 G A C8    
387 N N7    . G A 20 ? 0.3451 0.7352 0.3473 0.0806  0.0296  -0.0236 20 G A N7    
388 C C5    . G A 20 ? 0.2201 0.6240 0.2420 0.0813  0.0335  -0.0067 20 G A C5    
389 C C6    . G A 20 ? 0.3234 0.7458 0.3499 0.0820  0.0372  -0.0004 20 G A C6    
390 O O6    . G A 20 ? 0.2672 0.7006 0.2766 0.0807  0.0353  -0.0123 20 G A O6    
391 N N1    . G A 20 ? 0.2452 0.6754 0.3083 0.0844  0.0450  0.0224  20 G A N1    
392 C C2    . G A 20 ? 0.2694 0.6902 0.3644 0.0839  0.0484  0.0322  20 G A C2    
393 N N2    . G A 20 ? 0.2571 0.6785 0.3984 0.0845  0.0586  0.0523  20 G A N2    
394 N N3    . G A 20 ? 0.2606 0.6678 0.3485 0.0817  0.0424  0.0231  20 G A N3    
395 C C4    . G A 20 ? 0.2499 0.6495 0.2986 0.0815  0.0350  0.0061  20 G A C4    
396 P P     . U A 21 ? 0.3515 0.7621 0.5104 0.0843  0.0220  0.0282  21 U A P     
397 O OP1   . U A 21 ? 0.2466 0.6530 0.3808 0.0864  0.0119  0.0225  21 U A OP1   
398 O OP2   . U A 21 ? 0.3778 0.8096 0.5734 0.0947  0.0361  0.0523  21 U A OP2   
399 O "O5'" . U A 21 ? 0.2875 0.6944 0.4798 0.0683  0.0158  0.0115  21 U A "O5'" 
400 C "C5'" . U A 21 ? 0.2510 0.6507 0.4162 0.0577  0.0031  -0.0118 21 U A "C5'" 
401 C "C4'" . U A 21 ? 0.2684 0.6722 0.4751 0.0433  0.0025  -0.0337 21 U A "C4'" 
402 O "O4'" . U A 21 ? 0.3022 0.6907 0.5114 0.0417  0.0141  -0.0336 21 U A "O4'" 
403 C "C3'" . U A 21 ? 0.2615 0.6780 0.5415 0.0403  0.0093  -0.0298 21 U A "C3'" 
404 O "O3'" . U A 21 ? 0.3299 0.7591 0.6478 0.0237  0.0015  -0.0650 21 U A "O3'" 
405 C "C2'" . U A 21 ? 0.2662 0.6726 0.5793 0.0462  0.0300  -0.0082 21 U A "C2'" 
406 O "O2'" . U A 21 ? 0.3338 0.7449 0.7333 0.0406  0.0434  -0.0061 21 U A "O2'" 
407 C "C1'" . U A 21 ? 0.2647 0.6555 0.5428 0.0408  0.0291  -0.0241 21 U A "C1'" 
408 N N1    . U A 21 ? 0.3494 0.7357 0.6220 0.0511  0.0435  0.0013  21 U A N1    
409 C C2    . U A 21 ? 0.4616 0.8417 0.7823 0.0469  0.0574  0.0017  21 U A C2    
410 O O2    . U A 21 ? 0.4265 0.8008 0.7968 0.0338  0.0597  -0.0234 21 U A O2    
411 N N3    . U A 21 ? 0.4713 0.8575 0.7846 0.0589  0.0689  0.0302  21 U A N3    
412 C C4    . U A 21 ? 0.5209 0.9237 0.7825 0.0726  0.0665  0.0504  21 U A C4    
413 O O4    . U A 21 ? 0.5329 0.9410 0.7869 0.0801  0.0738  0.0704  21 U A O4    
414 C C5    . U A 21 ? 0.3982 0.8017 0.6156 0.0746  0.0535  0.0412  21 U A C5    
415 C C6    . U A 21 ? 0.3543 0.7478 0.5797 0.0648  0.0433  0.0214  21 U A C6    
416 P P     . U A 22 ? 0.3461 0.8075 0.6906 0.0175  -0.0142 -0.0802 22 U A P     
417 O OP1   . U A 22 ? 0.2657 0.7290 0.6474 0.0277  -0.0049 -0.0486 22 U A OP1   
418 O OP2   . U A 22 ? 0.4386 0.9197 0.8294 -0.0017 -0.0200 -0.1264 22 U A OP2   
419 O "O5'" . U A 22 ? 0.3073 0.7814 0.5742 0.0246  -0.0321 -0.0760 22 U A "O5'" 
420 C "C5'" . U A 22 ? 0.2464 0.7402 0.4753 0.0171  -0.0457 -0.1022 22 U A "C5'" 
421 C "C4'" . U A 22 ? 0.2917 0.7973 0.4610 0.0292  -0.0565 -0.0810 22 U A "C4'" 
422 O "O4'" . U A 22 ? 0.2867 0.8212 0.4757 0.0345  -0.0666 -0.0687 22 U A "O4'" 
423 C "C3'" . U A 22 ? 0.2445 0.7114 0.3772 0.0428  -0.0441 -0.0505 22 U A "C3'" 
424 O "O3'" . U A 22 ? 0.3057 0.7789 0.3895 0.0484  -0.0499 -0.0421 22 U A "O3'" 
425 C "C2'" . U A 22 ? 0.2359 0.7021 0.3892 0.0539  -0.0408 -0.0260 22 U A "C2'" 
426 O "O2'" . U A 22 ? 0.2587 0.7058 0.3794 0.0677  -0.0344 -0.0034 22 U A "O2'" 
427 C "C1'" . U A 22 ? 0.2459 0.7567 0.4181 0.0507  -0.0581 -0.0329 22 U A "C1'" 
428 N N1    . U A 22 ? 0.2379 0.7611 0.4602 0.0527  -0.0574 -0.0246 22 U A N1    
429 C C2    . U A 22 ? 0.2427 0.7893 0.4642 0.0633  -0.0653 -0.0046 22 U A C2    
430 O O2    . U A 22 ? 0.2602 0.8131 0.4447 0.0730  -0.0699 0.0111  22 U A O2    
431 N N3    . U A 22 ? 0.2360 0.7983 0.5097 0.0637  -0.0649 0.0007  22 U A N3    
432 C C4    . U A 22 ? 0.2262 0.7839 0.5568 0.0543  -0.0561 -0.0098 22 U A C4    
433 O O4    . U A 22 ? 0.2219 0.7966 0.6017 0.0562  -0.0548 -0.0004 22 U A O4    
434 C C5    . U A 22 ? 0.2234 0.7571 0.5573 0.0443  -0.0469 -0.0279 22 U A C5    
435 C C6    . U A 22 ? 0.2288 0.7474 0.5079 0.0436  -0.0488 -0.0360 22 U A C6    
436 P P     . A A 23 ? 0.3238 0.7867 0.3738 0.0428  -0.0462 -0.0554 23 A A P     
437 O OP1   . A A 23 ? 0.3603 0.8416 0.3707 0.0509  -0.0513 -0.0388 23 A A OP1   
438 O OP2   . A A 23 ? 0.2988 0.7737 0.3745 0.0278  -0.0475 -0.0906 23 A A OP2   
439 O "O5'" . A A 23 ? 0.2544 0.6709 0.2993 0.0474  -0.0298 -0.0432 23 A A "O5'" 
440 C "C5'" . A A 23 ? 0.2481 0.6457 0.2801 0.0595  -0.0233 -0.0205 23 A A "C5'" 
441 C "C4'" . A A 23 ? 0.2406 0.6098 0.2615 0.0597  -0.0113 -0.0216 23 A A "C4'" 
442 O "O4'" . A A 23 ? 0.2471 0.6148 0.2952 0.0564  -0.0054 -0.0265 23 A A "O4'" 
443 C "C3'" . A A 23 ? 0.2483 0.6104 0.2453 0.0533  -0.0101 -0.0309 23 A A "C3'" 
444 O "O3'" . A A 23 ? 0.3100 0.6634 0.2871 0.0598  -0.0071 -0.0176 23 A A "O3'" 
445 C "C2'" . A A 23 ? 0.2684 0.6143 0.2737 0.0503  -0.0006 -0.0369 23 A A "C2'" 
446 O "O2'" . A A 23 ? 0.2802 0.6125 0.2744 0.0571  0.0062  -0.0295 23 A A "O2'" 
447 C "C1'" . A A 23 ? 0.3378 0.6932 0.3790 0.0515  0.0012  -0.0340 23 A A "C1'" 
448 N N9    . A A 23 ? 0.3155 0.6779 0.3889 0.0415  0.0018  -0.0487 23 A A N9    
449 C C8    . A A 23 ? 0.3674 0.7475 0.4545 0.0325  -0.0069 -0.0685 23 A A C8    
450 N N7    . A A 23 ? 0.3392 0.7206 0.4699 0.0235  -0.0007 -0.0853 23 A A N7    
451 C C5    . A A 23 ? 0.3106 0.6746 0.4566 0.0294  0.0135  -0.0666 23 A A C5    
452 C C6    . A A 23 ? 0.3642 0.7223 0.5623 0.0272  0.0286  -0.0639 23 A A C6    
453 N N6    . A A 23 ? 0.3395 0.7002 0.5935 0.0160  0.0341  -0.0875 23 A A N6    
454 N N1    . A A 23 ? 0.3384 0.6932 0.5360 0.0379  0.0393  -0.0361 23 A A N1    
455 C C2    . A A 23 ? 0.2960 0.6530 0.4442 0.0474  0.0343  -0.0220 23 A A C2    
456 N N3    . A A 23 ? 0.3326 0.6874 0.4372 0.0487  0.0229  -0.0278 23 A A N3    
457 C C4    . A A 23 ? 0.2871 0.6446 0.3938 0.0403  0.0134  -0.0459 23 A A C4    
458 P P     . A A 24 ? 0.3549 0.7144 0.3081 0.0576  -0.0066 -0.0150 24 A A P     
459 O OP1   . A A 24 ? 0.3021 0.6935 0.2496 0.0503  -0.0162 -0.0307 24 A A OP1   
460 O OP2   . A A 24 ? 0.3413 0.6735 0.2890 0.0552  0.0045  -0.0184 24 A A OP2   
461 O "O5'" . A A 24 ? 0.3678 0.7354 0.3217 0.0695  -0.0055 0.0125  24 A A "O5'" 
462 C "C5'" . A A 24 ? 0.3510 0.7465 0.3148 0.0757  -0.0150 0.0237  24 A A "C5'" 
463 C "C4'" . A A 24 ? 0.3240 0.7164 0.3022 0.0896  -0.0075 0.0548  24 A A "C4'" 
464 O "O4'" . A A 24 ? 0.3263 0.6824 0.3271 0.0929  0.0040  0.0506  24 A A "O4'" 
465 C "C3'" . A A 24 ? 0.3660 0.7556 0.3400 0.0952  0.0036  0.0773  24 A A "C3'" 
466 O "O3'" . A A 24 ? 0.4162 0.8558 0.3694 0.0990  -0.0046 0.0939  24 A A "O3'" 
467 C "C2'" . A A 24 ? 0.3767 0.7448 0.3885 0.1076  0.0175  0.1005  24 A A "C2'" 
468 O "O2'" . A A 24 ? 0.4668 0.8715 0.4901 0.1198  0.0113  0.1297  24 A A "O2'" 
469 C "C1'" . A A 24 ? 0.3159 0.6561 0.3384 0.1027  0.0183  0.0721  24 A A "C1'" 
470 N N9    . A A 24 ? 0.3830 0.6872 0.4145 0.0974  0.0314  0.0529  24 A A N9    
471 C C8    . A A 24 ? 0.3592 0.6538 0.3707 0.0860  0.0293  0.0276  24 A A C8    
472 N N7    . A A 24 ? 0.3126 0.5838 0.3407 0.0836  0.0410  0.0129  24 A A N7    
473 C C5    . A A 24 ? 0.4200 0.6792 0.4861 0.0930  0.0537  0.0260  24 A A C5    
474 C C6    . A A 24 ? 0.4386 0.6733 0.5468 0.0938  0.0711  0.0130  24 A A C6    
475 N N6    . A A 24 ? 0.4013 0.6258 0.5128 0.0840  0.0751  -0.0187 24 A A N6    
476 N N1    . A A 24 ? 0.4897 0.7150 0.6443 0.1049  0.0850  0.0317  24 A A N1    
477 C C2    . A A 24 ? 0.5059 0.7504 0.6572 0.1158  0.0792  0.0661  24 A A C2    
478 N N3    . A A 24 ? 0.4524 0.7276 0.5612 0.1155  0.0600  0.0791  24 A A N3    
479 C C4    . A A 24 ? 0.4126 0.6911 0.4817 0.1029  0.0488  0.0549  24 A A C4    
480 P P     . C A 25 ? 0.4629 0.9119 0.3980 0.1005  0.0054  0.1087  25 C A P     
481 O OP1   . C A 25 ? 0.4191 0.9388 0.3248 0.1041  -0.0078 0.1159  25 C A OP1   
482 O OP2   . C A 25 ? 0.4445 0.8522 0.3730 0.0873  0.0122  0.0790  25 C A OP2   
483 O "O5'" . C A 25 ? 0.5762 1.0064 0.5492 0.1154  0.0252  0.1522  25 C A "O5'" 
484 C "C5'" . C A 25 ? 0.5484 1.0054 0.5464 0.1314  0.0257  0.1897  25 C A "C5'" 
485 C "C4'" . C A 25 ? 0.5600 0.9823 0.6125 0.1431  0.0510  0.2236  25 C A "C4'" 
486 O "O4'" . C A 25 ? 0.4900 0.8532 0.5728 0.1355  0.0593  0.1915  25 C A "O4'" 
487 C "C3'" . C A 25 ? 0.5700 0.9810 0.6314 0.1437  0.0695  0.2417  25 C A "C3'" 
488 O "O3'" . C A 25 ? 0.6261 1.0986 0.6755 0.1586  0.0717  0.2905  25 C A "O3'" 
489 C "C2'" . C A 25 ? 0.5508 0.9049 0.6826 0.1468  0.0945  0.2476  25 C A "C2'" 
490 O "O2'" . C A 25 ? 0.6079 0.9789 0.7911 0.1673  0.1092  0.3017  25 C A "O2'" 
491 C "C1'" . C A 25 ? 0.5816 0.9049 0.7102 0.1365  0.0837  0.1994  25 C A "C1'" 
492 N N1    . C A 25 ? 0.5372 0.8235 0.6532 0.1189  0.0833  0.1505  25 C A N1    
493 C C2    . C A 25 ? 0.6272 0.8707 0.7967 0.1156  0.1032  0.1348  25 C A C2    
494 O O2    . C A 25 ? 0.7377 0.9690 0.9686 0.1271  0.1230  0.1614  25 C A O2    
495 N N3    . C A 25 ? 0.5475 0.7688 0.7074 0.1005  0.1014  0.0905  25 C A N3    
496 C C4    . C A 25 ? 0.4930 0.7286 0.5962 0.0907  0.0830  0.0690  25 C A C4    
497 N N4    . C A 25 ? 0.5234 0.7444 0.6222 0.0784  0.0821  0.0321  25 C A N4    
498 C C5    . C A 25 ? 0.4390 0.7096 0.4951 0.0930  0.0658  0.0830  25 C A C5    
499 C C6    . C A 25 ? 0.4694 0.7667 0.5315 0.1063  0.0652  0.1202  25 C A C6    
500 P P     . A A 26 ? 0.7253 1.2144 0.7525 0.1573  0.0822  0.3026  26 A A P     
501 O OP1   . A A 26 ? 0.7516 1.3217 0.7688 0.1785  0.0848  0.3621  26 A A OP1   
502 O OP2   . A A 26 ? 0.5614 1.0396 0.5378 0.1369  0.0670  0.2454  26 A A OP2   
503 O "O5'" . A A 26 ? 0.7572 1.1821 0.8542 0.1577  0.1128  0.3174  26 A A "O5'" 
504 C "C5'" . A A 26 ? 0.6430 1.0294 0.7396 0.1429  0.1216  0.2891  26 A A "C5'" 
505 C "C4'" . A A 26 ? 0.6007 0.9183 0.7624 0.1348  0.1378  0.2664  26 A A "C4'" 
506 O "O4'" . A A 26 ? 0.6643 0.9571 0.8008 0.1205  0.1187  0.2092  26 A A "O4'" 
507 C "C3'" . A A 26 ? 0.6537 0.9373 0.8448 0.1241  0.1554  0.2548  26 A A "C3'" 
508 O "O3'" . A A 26 ? 0.7225 1.0075 0.9796 0.1379  0.1851  0.3105  26 A A "O3'" 
509 C "C2'" . A A 26 ? 0.6813 0.9128 0.9024 0.1088  0.1542  0.1989  26 A A "C2'" 
510 O "O2'" . A A 26 ? 0.6649 0.8673 0.9703 0.1158  0.1764  0.2115  26 A A "O2'" 
511 C "C1'" . A A 26 ? 0.5856 0.8320 0.7505 0.1061  0.1272  0.1701  26 A A "C1'" 
512 N N9    . A A 26 ? 0.5209 0.7709 0.6272 0.0911  0.1078  0.1283  26 A A N9    
513 C C8    . A A 26 ? 0.4688 0.7539 0.5136 0.0900  0.0885  0.1245  26 A A C8    
514 N N7    . A A 26 ? 0.4819 0.7592 0.4974 0.0766  0.0779  0.0868  26 A A N7    
515 C C5    . A A 26 ? 0.4640 0.7057 0.5167 0.0691  0.0881  0.0654  26 A A C5    
516 C C6    . A A 26 ? 0.3828 0.6109 0.4302 0.0564  0.0835  0.0282  26 A A C6    
517 N N6    . A A 26 ? 0.3744 0.6158 0.3814 0.0500  0.0702  0.0109  26 A A N6    
518 N N1    . A A 26 ? 0.3839 0.5893 0.4759 0.0509  0.0942  0.0086  26 A A N1    
519 C C2    . A A 26 ? 0.4710 0.6596 0.6178 0.0570  0.1112  0.0235  26 A A C2    
520 N N3    . A A 26 ? 0.5273 0.7202 0.6915 0.0704  0.1202  0.0643  26 A A N3    
521 C C4    . A A 26 ? 0.4355 0.6592 0.5454 0.0765  0.1063  0.0854  26 A A C4    
522 P P     . A A 27 ? 0.7801 1.0732 1.0446 0.1367  0.2030  0.3336  27 A A P     
523 O OP1   . A A 27 ? 0.7871 1.0833 1.1375 0.1552  0.2373  0.4017  27 A A OP1   
524 O OP2   . A A 27 ? 0.6852 1.0313 0.8579 0.1364  0.1831  0.3303  27 A A OP2   
525 O "O5'" . A A 27 ? 0.7556 0.9913 1.0477 0.1132  0.2050  0.2726  27 A A "O5'" 
526 C "C5'" . A A 27 ? 0.6784 0.8647 1.0548 0.1065  0.2205  0.2489  27 A A "C5'" 
527 C "C4'" . A A 27 ? 0.6376 0.7934 1.0168 0.0838  0.2139  0.1850  27 A A "C4'" 
528 O "O4'" . A A 27 ? 0.6752 0.8388 0.9800 0.0748  0.1830  0.1372  27 A A "O4'" 
529 C "C3'" . A A 27 ? 0.6628 0.8277 1.0250 0.0765  0.2182  0.1899  27 A A "C3'" 
530 O "O3'" . A A 27 ? 0.7038 0.8481 1.1585 0.0769  0.2503  0.2153  27 A A "O3'" 
531 C "C2'" . A A 27 ? 0.6657 0.8209 0.9879 0.0568  0.1956  0.1238  27 A A "C2'" 
532 O "O2'" . A A 27 ? 0.7172 0.8416 1.1128 0.0433  0.2060  0.0835  27 A A "O2'" 
533 C "C1'" . A A 27 ? 0.5847 0.7495 0.8543 0.0598  0.1720  0.1030  27 A A "C1'" 
534 N N9    . A A 27 ? 0.5311 0.7280 0.7131 0.0620  0.1500  0.1056  27 A A N9    
535 C C8    . A A 27 ? 0.4880 0.7190 0.6286 0.0755  0.1441  0.1414  27 A A C8    
536 N N7    . A A 27 ? 0.4811 0.7359 0.5552 0.0714  0.1242  0.1230  27 A A N7    
537 C C5    . A A 27 ? 0.5180 0.7509 0.5903 0.0562  0.1177  0.0797  27 A A C5    
538 C C6    . A A 27 ? 0.4375 0.6784 0.4659 0.0470  0.1016  0.0484  27 A A C6    
539 N N6    . A A 27 ? 0.4254 0.6937 0.4056 0.0492  0.0893  0.0479  27 A A N6    
540 N N1    . A A 27 ? 0.4129 0.6371 0.4565 0.0357  0.0997  0.0167  27 A A N1    
541 C C2    . A A 27 ? 0.4287 0.6319 0.5256 0.0316  0.1111  0.0079  27 A A C2    
542 N N3    . A A 27 ? 0.4490 0.6372 0.5976 0.0370  0.1280  0.0278  27 A A N3    
543 C C4    . A A 27 ? 0.5074 0.7097 0.6409 0.0504  0.1315  0.0679  27 A A C4    
544 P P     . A A 28 ? 0.7502 0.9169 1.2040 0.0821  0.2676  0.2612  28 A A P     
545 O OP1   . A A 28 ? 0.7747 0.9390 1.3219 0.0984  0.3043  0.3272  28 A A OP1   
546 O OP2   . A A 28 ? 0.7929 1.0054 1.1366 0.0872  0.2448  0.2677  28 A A OP2   
547 O "O5'" . A A 28 ? 0.8537 0.9923 1.3416 0.0591  0.2692  0.2099  28 A A "O5'" 
548 C "C5'" . A A 28 ? 0.8173 0.9212 1.3635 0.0425  0.2672  0.1507  28 A A "C5'" 
549 C "C4'" . A A 28 ? 0.7709 0.8721 1.3101 0.0218  0.2558  0.0983  28 A A "C4'" 
550 O "O4'" . A A 28 ? 0.7175 0.8376 1.1602 0.0166  0.2213  0.0592  28 A A "O4'" 
551 C "C3'" . A A 28 ? 0.7222 0.8359 1.2612 0.0214  0.2689  0.1296  28 A A "C3'" 
552 O "O3'" . A A 28 ? 0.8925 0.9916 1.4952 0.0018  0.2743  0.0874  28 A A "O3'" 
553 C "C2'" . A A 28 ? 0.5873 0.7311 1.0099 0.0229  0.2412  0.1212  28 A A "C2'" 
554 O "O2'" . A A 28 ? 0.6705 0.8268 1.0765 0.0167  0.2436  0.1216  28 A A "O2'" 
555 C "C1'" . A A 28 ? 0.6289 0.7669 1.0243 0.0117  0.2141  0.0602  28 A A "C1'" 
556 N N9    . A A 28 ? 0.6114 0.7720 0.9090 0.0151  0.1875  0.0503  28 A A N9    
557 C C8    . A A 28 ? 0.5628 0.7467 0.7959 0.0279  0.1827  0.0838  28 A A C8    
558 N N7    . A A 28 ? 0.4913 0.6895 0.6581 0.0254  0.1595  0.0589  28 A A N7    
559 C C5    . A A 28 ? 0.4682 0.6555 0.6524 0.0125  0.1485  0.0138  28 A A C5    
560 C C6    . A A 28 ? 0.3941 0.5931 0.5389 0.0068  0.1270  -0.0201 28 A A C6    
561 N N6    . A A 28 ? 0.3853 0.5996 0.4717 0.0114  0.1139  -0.0174 28 A A N6    
562 N N1    . A A 28 ? 0.4350 0.6349 0.6089 -0.0034 0.1207  -0.0573 28 A A N1    
563 C C2    . A A 28 ? 0.4553 0.6418 0.6976 -0.0103 0.1346  -0.0688 28 A A C2    
564 N N3    . A A 28 ? 0.4697 0.6357 0.7650 -0.0077 0.1574  -0.0418 28 A A N3    
565 C C4    . A A 28 ? 0.4883 0.6566 0.7488 0.0054  0.1638  0.0041  28 A A C4    
566 P P     . A A 29 ? 0.8882 0.9848 1.5587 -0.0007 0.3038  0.1214  29 A A P     
567 O OP1   . A A 29 ? 0.7809 0.8469 1.5856 -0.0029 0.3365  0.1311  29 A A OP1   
568 O OP2   . A A 29 ? 0.8814 1.0081 1.4807 0.0163  0.3083  0.1801  29 A A OP2   
569 O "O5'" . A A 29 ? 0.7129 0.8168 1.3772 -0.0226 0.2859  0.0619  29 A A "O5'" 
570 C "C5'" . A A 29 ? 0.6018 0.7318 1.1639 -0.0229 0.2603  0.0501  29 A A "C5'" 
571 C "C4'" . A A 29 ? 0.4899 0.6301 1.0322 -0.0386 0.2316  -0.0174 29 A A "C4'" 
572 O "O4'" . A A 29 ? 0.4860 0.6323 0.9581 -0.0311 0.2090  -0.0305 29 A A "O4'" 
573 C "C3'" . A A 29 ? 0.4103 0.5755 0.9048 -0.0451 0.2163  -0.0319 29 A A "C3'" 
574 O "O3'" . A A 29 ? 0.5526 0.7195 1.1211 -0.0589 0.2285  -0.0452 29 A A "O3'" 
575 C "C2'" . A A 29 ? 0.4961 0.6808 0.9380 -0.0492 0.1848  -0.0776 29 A A "C2'" 
576 O "O2'" . A A 29 ? 0.5085 0.7025 1.0125 -0.0645 0.1790  -0.1301 29 A A "O2'" 
577 C "C1'" . A A 29 ? 0.4679 0.6395 0.8747 -0.0361 0.1822  -0.0616 29 A A "C1'" 
578 N N9    . A A 29 ? 0.4567 0.6377 0.7781 -0.0228 0.1743  -0.0298 29 A A N9    
579 C C8    . A A 29 ? 0.4859 0.6646 0.7882 -0.0095 0.1894  0.0192  29 A A C8    
580 N N7    . A A 29 ? 0.5289 0.7248 0.7549 -0.0014 0.1770  0.0284  29 A A N7    
581 C C5    . A A 29 ? 0.4668 0.6708 0.6657 -0.0092 0.1548  -0.0109 29 A A C5    
582 C C6    . A A 29 ? 0.3489 0.5685 0.4860 -0.0063 0.1373  -0.0209 29 A A C6    
583 N N6    . A A 29 ? 0.3775 0.6076 0.4662 0.0026  0.1376  -0.0017 29 A A N6    
584 N N1    . A A 29 ? 0.3938 0.6242 0.5272 -0.0127 0.1209  -0.0521 29 A A N1    
585 C C2    . A A 29 ? 0.4073 0.6403 0.5870 -0.0218 0.1189  -0.0776 29 A A C2    
586 N N3    . A A 29 ? 0.3781 0.5968 0.6190 -0.0280 0.1327  -0.0816 29 A A N3    
587 C C4    . A A 29 ? 0.4376 0.6377 0.6893 -0.0210 0.1521  -0.0443 29 A A C4    
588 P P     . C A 30 ? 0.5890 0.7702 1.1400 -0.0579 0.2370  -0.0188 30 C A P     
589 O OP1   . C A 30 ? 0.6351 0.8167 1.2838 -0.0747 0.2498  -0.0390 30 C A OP1   
590 O OP2   . C A 30 ? 0.5678 0.7459 1.0782 -0.0394 0.2552  0.0412  30 C A OP2   
591 O "O5'" . C A 30 ? 0.5999 0.8094 1.0702 -0.0592 0.2065  -0.0471 30 C A "O5'" 
592 C "C5'" . C A 30 ? 0.4569 0.6899 0.9409 -0.0720 0.1837  -0.0990 30 C A "C5'" 
593 C "C4'" . C A 30 ? 0.4533 0.7120 0.8563 -0.0658 0.1591  -0.1074 30 C A "C4'" 
594 O "O4'" . C A 30 ? 0.5623 0.8083 0.9067 -0.0537 0.1520  -0.0958 30 C A "O4'" 
595 C "C3'" . C A 30 ? 0.4464 0.7136 0.8107 -0.0596 0.1633  -0.0815 30 C A "C3'" 
596 O "O3'" . C A 30 ? 0.4160 0.7080 0.8199 -0.0694 0.1623  -0.0952 30 C A "O3'" 
597 C "C2'" . C A 30 ? 0.4496 0.7271 0.7400 -0.0496 0.1448  -0.0828 30 C A "C2'" 
598 O "O2'" . C A 30 ? 0.3987 0.7113 0.6891 -0.0539 0.1235  -0.1116 30 C A "O2'" 
599 C "C1'" . C A 30 ? 0.4867 0.7437 0.7633 -0.0446 0.1429  -0.0815 30 C A "C1'" 
600 N N1    . C A 30 ? 0.4370 0.6753 0.6769 -0.0329 0.1561  -0.0455 30 C A N1    
601 C C2    . C A 30 ? 0.4046 0.6505 0.5810 -0.0242 0.1466  -0.0400 30 C A C2    
602 O O2    . C A 30 ? 0.3250 0.5872 0.4853 -0.0257 0.1308  -0.0588 30 C A O2    
603 N N3    . C A 30 ? 0.3867 0.6283 0.5273 -0.0139 0.1556  -0.0143 30 C A N3    
604 C C4    . C A 30 ? 0.4661 0.6998 0.6289 -0.0093 0.1743  0.0143  30 C A C4    
605 N N4    . C A 30 ? 0.4154 0.6604 0.5384 0.0026  0.1814  0.0411  30 C A N4    
606 C C5    . C A 30 ? 0.4688 0.6885 0.7032 -0.0166 0.1878  0.0170  30 C A C5    
607 C C6    . C A 30 ? 0.3817 0.6024 0.6543 -0.0296 0.1778  -0.0177 30 C A C6    
608 P P     . A A 31 ? 0.4697 0.7625 0.8725 -0.0657 0.1802  -0.0656 31 A A P     
609 O OP1   . A A 31 ? 0.4430 0.7645 0.9038 -0.0782 0.1769  -0.0853 31 A A OP1   
610 O OP2   . A A 31 ? 0.5033 0.7692 0.9094 -0.0583 0.2071  -0.0279 31 A A OP2   
611 O "O5'" . A A 31 ? 0.4442 0.7478 0.7740 -0.0542 0.1690  -0.0590 31 A A "O5'" 
612 C "C5'" . A A 31 ? 0.4167 0.7522 0.7362 -0.0548 0.1473  -0.0788 31 A A "C5'" 
613 C "C4'" . A A 31 ? 0.3445 0.6821 0.6176 -0.0434 0.1484  -0.0640 31 A A "C4'" 
614 O "O4'" . A A 31 ? 0.4480 0.7657 0.6709 -0.0355 0.1447  -0.0598 31 A A "O4'" 
615 C "C3'" . A A 31 ? 0.3333 0.6607 0.6066 -0.0395 0.1718  -0.0436 31 A A "C3'" 
616 O "O3'" . A A 31 ? 0.3602 0.7114 0.6741 -0.0434 0.1748  -0.0440 31 A A "O3'" 
617 C "C2'" . A A 31 ? 0.3534 0.6723 0.5739 -0.0286 0.1727  -0.0388 31 A A "C2'" 
618 O "O2'" . A A 31 ? 0.4461 0.7854 0.6728 -0.0252 0.1641  -0.0437 31 A A "O2'" 
619 C "C1'" . A A 31 ? 0.3870 0.6945 0.5781 -0.0273 0.1578  -0.0456 31 A A "C1'" 
620 N N9    . A A 31 ? 0.3367 0.6241 0.5028 -0.0234 0.1686  -0.0325 31 A A N9    
621 C C8    . A A 31 ? 0.3862 0.6614 0.5754 -0.0264 0.1758  -0.0227 31 A A C8    
622 N N7    . A A 31 ? 0.4470 0.7145 0.6068 -0.0182 0.1848  -0.0038 31 A A N7    
623 C C5    . A A 31 ? 0.4322 0.7091 0.5434 -0.0115 0.1810  -0.0094 31 A A C5    
624 C C6    . A A 31 ? 0.4507 0.7359 0.5143 -0.0023 0.1842  -0.0021 31 A A C6    
625 N N6    . A A 31 ? 0.4038 0.6935 0.4554 0.0047  0.1922  0.0219  31 A A N6    
626 N N1    . A A 31 ? 0.4192 0.7142 0.4549 -0.0001 0.1802  -0.0205 31 A A N1    
627 C C2    . A A 31 ? 0.3677 0.6607 0.4250 -0.0046 0.1754  -0.0364 31 A A C2    
628 N N3    . A A 31 ? 0.3742 0.6651 0.4709 -0.0107 0.1711  -0.0373 31 A A N3    
629 C C4    . A A 31 ? 0.3914 0.6755 0.5111 -0.0149 0.1729  -0.0270 31 A A C4    
630 P P     . A A 32 ? 0.4184 0.7659 0.7494 -0.0410 0.2017  -0.0256 32 A A P     
631 O OP1   . A A 32 ? 0.5862 0.9532 0.9825 -0.0518 0.2033  -0.0290 32 A A OP1   
632 O OP2   . A A 32 ? 0.4464 0.7705 0.7453 -0.0348 0.2211  -0.0089 32 A A OP2   
633 O "O5'" . A A 32 ? 0.5486 0.9089 0.8652 -0.0319 0.2028  -0.0244 32 A A "O5'" 
634 C "C5'" . A A 32 ? 0.4486 0.8407 0.7909 -0.0317 0.1866  -0.0291 32 A A "C5'" 
635 C "C4'" . A A 32 ? 0.4107 0.8053 0.7445 -0.0203 0.1937  -0.0224 32 A A "C4'" 
636 O "O4'" . A A 32 ? 0.4456 0.8192 0.7336 -0.0151 0.1888  -0.0285 32 A A "O4'" 
637 C "C3'" . A A 32 ? 0.3825 0.7590 0.7132 -0.0146 0.2149  -0.0139 32 A A "C3'" 
638 O "O3'" . A A 32 ? 0.5433 0.9388 0.9145 -0.0153 0.2165  -0.0044 32 A A "O3'" 
639 C "C2'" . A A 32 ? 0.4617 0.8251 0.7698 -0.0048 0.2171  -0.0182 32 A A "C2'" 
640 O "O2'" . A A 32 ? 0.4732 0.8572 0.8143 0.0009  0.2090  -0.0091 32 A A "O2'" 
641 C "C1'" . A A 32 ? 0.4266 0.7833 0.7030 -0.0071 0.2058  -0.0284 32 A A "C1'" 
642 N N9    . A A 32 ? 0.4345 0.7696 0.6663 -0.0077 0.2155  -0.0364 32 A A N9    
643 C C8    . A A 32 ? 0.3976 0.7264 0.6102 -0.0128 0.2140  -0.0330 32 A A C8    
644 N N7    . A A 32 ? 0.4570 0.7778 0.6292 -0.0088 0.2239  -0.0348 32 A A N7    
645 C C5    . A A 32 ? 0.4235 0.7406 0.5854 -0.0020 0.2284  -0.0467 32 A A C5    
646 C C6    . A A 32 ? 0.4481 0.7611 0.5725 0.0044  0.2346  -0.0594 32 A A C6    
647 N N6    . A A 32 ? 0.4802 0.7979 0.5629 0.0067  0.2371  -0.0555 32 A A N6    
648 N N1    . A A 32 ? 0.4369 0.7450 0.5740 0.0081  0.2383  -0.0762 32 A A N1    
649 C C2    . A A 32 ? 0.4225 0.7297 0.6068 0.0080  0.2371  -0.0716 32 A A C2    
650 N N3    . A A 32 ? 0.4695 0.7858 0.6859 0.0049  0.2294  -0.0540 32 A A N3    
651 C C4    . A A 32 ? 0.4334 0.7545 0.6357 -0.0011 0.2246  -0.0461 32 A A C4    
652 P P     . G A 33 ? 0.5383 0.9226 0.9183 -0.0179 0.2353  0.0020  33 G A P     
653 O OP1   . G A 33 ? 0.5571 0.9583 0.9734 -0.0151 0.2368  0.0096  33 G A OP1   
654 O OP2   . G A 33 ? 0.5790 0.9608 0.9705 -0.0282 0.2354  0.0025  33 G A OP2   
655 O "O5'" . G A 33 ? 0.5404 0.9005 0.8736 -0.0097 0.2529  -0.0027 33 G A "O5'" 
656 C "C5'" . G A 33 ? 0.5250 0.8807 0.8557 -0.0009 0.2607  -0.0087 33 G A "C5'" 
657 C "C4'" . G A 33 ? 0.5368 0.8801 0.8214 0.0052  0.2723  -0.0226 33 G A "C4'" 
658 O "O4'" . G A 33 ? 0.5920 0.9288 0.8440 0.0033  0.2615  -0.0275 33 G A "O4'" 
659 C "C3'" . G A 33 ? 0.5568 0.9073 0.8187 0.0072  0.2905  -0.0188 33 G A "C3'" 
660 O "O3'" . G A 33 ? 0.5305 0.8872 0.8097 0.0121  0.3061  -0.0215 33 G A "O3'" 
661 C "C2'" . G A 33 ? 0.6285 0.9788 0.8372 0.0129  0.2917  -0.0307 33 G A "C2'" 
662 O "O2'" . G A 33 ? 0.7234 1.0689 0.9231 0.0206  0.2977  -0.0533 33 G A "O2'" 
663 C "C1'" . G A 33 ? 0.5320 0.8694 0.7390 0.0073  0.2722  -0.0314 33 G A "C1'" 
664 N N9    . G A 33 ? 0.4704 0.8103 0.6692 0.0014  0.2701  -0.0164 33 G A N9    
665 C C8    . G A 33 ? 0.4369 0.7755 0.6748 -0.0080 0.2637  -0.0048 33 G A C8    
666 N N7    . G A 33 ? 0.4660 0.8011 0.6982 -0.0113 0.2670  0.0068  33 G A N7    
667 C C5    . G A 33 ? 0.4195 0.7596 0.5995 -0.0033 0.2747  0.0063  33 G A C5    
668 C C6    . G A 33 ? 0.4117 0.7528 0.5643 -0.0005 0.2805  0.0225  33 G A C6    
669 O O6    . G A 33 ? 0.4788 0.8118 0.6561 -0.0029 0.2821  0.0439  33 G A O6    
670 N N1    . G A 33 ? 0.4517 0.7996 0.5499 0.0064  0.2847  0.0118  33 G A N1    
671 C C2    . G A 33 ? 0.4493 0.7908 0.5302 0.0130  0.2886  -0.0112 33 G A C2    
672 N N2    . G A 33 ? 0.5808 0.9319 0.6117 0.0204  0.2873  -0.0212 33 G A N2    
673 N N3    . G A 33 ? 0.4839 0.8288 0.5964 0.0164  0.2836  -0.0187 33 G A N3    
674 C C4    . G A 33 ? 0.4231 0.7690 0.5811 0.0049  0.2758  -0.0106 33 G A C4    
# 
loop_
_pdbx_poly_seq_scheme.asym_id 
_pdbx_poly_seq_scheme.entity_id 
_pdbx_poly_seq_scheme.seq_id 
_pdbx_poly_seq_scheme.mon_id 
_pdbx_poly_seq_scheme.ndb_seq_num 
_pdbx_poly_seq_scheme.pdb_seq_num 
_pdbx_poly_seq_scheme.auth_seq_num 
_pdbx_poly_seq_scheme.pdb_mon_id 
_pdbx_poly_seq_scheme.auth_mon_id 
_pdbx_poly_seq_scheme.pdb_strand_id 
_pdbx_poly_seq_scheme.pdb_ins_code 
_pdbx_poly_seq_scheme.hetero 
A 1 1  C 1  1  1  C C A . n 
A 1 2  U 2  2  2  U U A . n 
A 1 3  G 3  3  3  G G A . n 
A 1 4  G 4  4  4  G G A . n 
A 1 5  G 5  5  5  G G A . n 
A 1 6  U 6  6  6  U U A . n 
A 1 7  C 7  7  7  C C A . n 
A 1 8  G 8  8  8  G G A . n 
A 1 9  C 9  9  9  C C A . n 
A 1 10 A 10 10 10 A A A . n 
A 1 11 G 11 11 11 G G A . n 
A 1 12 U 12 12 12 U U A . n 
A 1 13 N 13 13 13 N N A . n 
A 1 14 N 14 14 14 N N A . n 
A 1 15 C 15 15 15 C C A . n 
A 1 16 C 16 16 16 C C A . n 
A 1 17 C 17 17 17 C C A . n 
A 1 18 C 18 18 18 C C A . n 
A 1 19 A 19 19 19 A A A . n 
A 1 20 G 20 20 20 G G A . n 
A 1 21 U 21 21 21 U U A . n 
A 1 22 U 22 22 22 U U A . n 
A 1 23 A 23 23 23 A A A . n 
A 1 24 A 24 24 24 A A A . n 
A 1 25 C 25 25 25 C C A . n 
A 1 26 A 26 26 26 A A A . n 
A 1 27 A 27 27 27 A A A . n 
A 1 28 A 28 28 28 A A A . n 
A 1 29 A 29 29 29 A A A . n 
A 1 30 C 30 30 30 C C A . n 
A 1 31 A 31 31 31 A A A . n 
A 1 32 A 32 32 32 A A A . n 
A 1 33 G 33 33 33 G G A . n 
# 
loop_
_pdbx_nonpoly_scheme.asym_id 
_pdbx_nonpoly_scheme.entity_id 
_pdbx_nonpoly_scheme.mon_id 
_pdbx_nonpoly_scheme.ndb_seq_num 
_pdbx_nonpoly_scheme.pdb_seq_num 
_pdbx_nonpoly_scheme.auth_seq_num 
_pdbx_nonpoly_scheme.pdb_mon_id 
_pdbx_nonpoly_scheme.auth_mon_id 
_pdbx_nonpoly_scheme.pdb_strand_id 
_pdbx_nonpoly_scheme.pdb_ins_code 
B 2 HLV 1  101 1  HLV CBI A . 
C 3 HOH 1  201 65 HOH HOH A . 
C 3 HOH 2  202 62 HOH HOH A . 
C 3 HOH 3  203 57 HOH HOH A . 
C 3 HOH 4  204 63 HOH HOH A . 
C 3 HOH 5  205 45 HOH HOH A . 
C 3 HOH 6  206 48 HOH HOH A . 
C 3 HOH 7  207 64 HOH HOH A . 
C 3 HOH 8  208 36 HOH HOH A . 
C 3 HOH 9  209 8  HOH HOH A . 
C 3 HOH 10 210 53 HOH HOH A . 
C 3 HOH 11 211 51 HOH HOH A . 
C 3 HOH 12 212 27 HOH HOH A . 
C 3 HOH 13 213 25 HOH HOH A . 
C 3 HOH 14 214 49 HOH HOH A . 
C 3 HOH 15 215 15 HOH HOH A . 
C 3 HOH 16 216 3  HOH HOH A . 
C 3 HOH 17 217 6  HOH HOH A . 
C 3 HOH 18 218 40 HOH HOH A . 
C 3 HOH 19 219 21 HOH HOH A . 
C 3 HOH 20 220 13 HOH HOH A . 
C 3 HOH 21 221 32 HOH HOH A . 
C 3 HOH 22 222 41 HOH HOH A . 
C 3 HOH 23 223 39 HOH HOH A . 
C 3 HOH 24 224 24 HOH HOH A . 
C 3 HOH 25 225 7  HOH HOH A . 
C 3 HOH 26 226 35 HOH HOH A . 
C 3 HOH 27 227 55 HOH HOH A . 
C 3 HOH 28 228 18 HOH HOH A . 
C 3 HOH 29 229 2  HOH HOH A . 
C 3 HOH 30 230 11 HOH HOH A . 
C 3 HOH 31 231 56 HOH HOH A . 
C 3 HOH 32 232 42 HOH HOH A . 
C 3 HOH 33 233 58 HOH HOH A . 
C 3 HOH 34 234 1  HOH HOH A . 
C 3 HOH 35 235 43 HOH HOH A . 
C 3 HOH 36 236 46 HOH HOH A . 
C 3 HOH 37 237 44 HOH HOH A . 
C 3 HOH 38 238 38 HOH HOH A . 
C 3 HOH 39 239 17 HOH HOH A . 
C 3 HOH 40 240 50 HOH HOH A . 
C 3 HOH 41 241 60 HOH HOH A . 
C 3 HOH 42 242 4  HOH HOH A . 
C 3 HOH 43 243 26 HOH HOH A . 
C 3 HOH 44 244 66 HOH HOH A . 
C 3 HOH 45 245 23 HOH HOH A . 
C 3 HOH 46 246 12 HOH HOH A . 
C 3 HOH 47 247 47 HOH HOH A . 
C 3 HOH 48 248 5  HOH HOH A . 
C 3 HOH 49 249 22 HOH HOH A . 
C 3 HOH 50 250 10 HOH HOH A . 
C 3 HOH 51 251 28 HOH HOH A . 
C 3 HOH 52 252 19 HOH HOH A . 
C 3 HOH 53 253 20 HOH HOH A . 
C 3 HOH 54 254 29 HOH HOH A . 
C 3 HOH 55 255 59 HOH HOH A . 
C 3 HOH 56 256 9  HOH HOH A . 
C 3 HOH 57 257 14 HOH HOH A . 
C 3 HOH 58 258 61 HOH HOH A . 
C 3 HOH 59 259 54 HOH HOH A . 
C 3 HOH 60 260 31 HOH HOH A . 
C 3 HOH 61 261 33 HOH HOH A . 
C 3 HOH 62 262 37 HOH HOH A . 
C 3 HOH 63 263 52 HOH HOH A . 
C 3 HOH 64 264 16 HOH HOH A . 
C 3 HOH 65 265 34 HOH HOH A . 
C 3 HOH 66 266 30 HOH HOH A . 
# 
_pdbx_struct_assembly.id                   1 
_pdbx_struct_assembly.details              author_defined_assembly 
_pdbx_struct_assembly.method_details       ? 
_pdbx_struct_assembly.oligomeric_details   monomeric 
_pdbx_struct_assembly.oligomeric_count     1 
# 
_pdbx_struct_assembly_gen.assembly_id       1 
_pdbx_struct_assembly_gen.oper_expression   1 
_pdbx_struct_assembly_gen.asym_id_list      A,B,C 
# 
loop_
_pdbx_struct_assembly_prop.biol_id 
_pdbx_struct_assembly_prop.type 
_pdbx_struct_assembly_prop.value 
_pdbx_struct_assembly_prop.details 
1 'ABSA (A^2)' 480  ? 
1 MORE         -2   ? 
1 'SSA (A^2)'  5350 ? 
# 
_pdbx_struct_oper_list.id                   1 
_pdbx_struct_oper_list.type                 'identity operation' 
_pdbx_struct_oper_list.name                 1_555 
_pdbx_struct_oper_list.symmetry_operation   x,y,z 
_pdbx_struct_oper_list.matrix[1][1]         1.0000000000 
_pdbx_struct_oper_list.matrix[1][2]         0.0000000000 
_pdbx_struct_oper_list.matrix[1][3]         0.0000000000 
_pdbx_struct_oper_list.vector[1]            0.0000000000 
_pdbx_struct_oper_list.matrix[2][1]         0.0000000000 
_pdbx_struct_oper_list.matrix[2][2]         1.0000000000 
_pdbx_struct_oper_list.matrix[2][3]         0.0000000000 
_pdbx_struct_oper_list.vector[2]            0.0000000000 
_pdbx_struct_oper_list.matrix[3][1]         0.0000000000 
_pdbx_struct_oper_list.matrix[3][2]         0.0000000000 
_pdbx_struct_oper_list.matrix[3][3]         1.0000000000 
_pdbx_struct_oper_list.vector[3]            0.0000000000 
# 
loop_
_pdbx_audit_revision_history.ordinal 
_pdbx_audit_revision_history.data_content_type 
_pdbx_audit_revision_history.major_revision 
_pdbx_audit_revision_history.minor_revision 
_pdbx_audit_revision_history.revision_date 
1 'Structure model' 1 0 2019-04-10 
2 'Structure model' 1 1 2019-04-17 
3 'Structure model' 2 0 2019-12-04 
4 'Structure model' 2 1 2023-10-11 
# 
_pdbx_audit_revision_details.ordinal             1 
_pdbx_audit_revision_details.revision_ordinal    1 
_pdbx_audit_revision_details.data_content_type   'Structure model' 
_pdbx_audit_revision_details.provider            repository 
_pdbx_audit_revision_details.type                'Initial release' 
_pdbx_audit_revision_details.description         ? 
_pdbx_audit_revision_details.details             ? 
# 
loop_
_pdbx_audit_revision_group.ordinal 
_pdbx_audit_revision_group.revision_ordinal 
_pdbx_audit_revision_group.data_content_type 
_pdbx_audit_revision_group.group 
1 2 'Structure model' 'Data collection'            
2 2 'Structure model' 'Database references'        
3 3 'Structure model' 'Author supporting evidence' 
4 3 'Structure model' 'Polymer sequence'           
5 4 'Structure model' 'Data collection'            
6 4 'Structure model' 'Database references'        
7 4 'Structure model' 'Refinement description'     
# 
loop_
_pdbx_audit_revision_category.ordinal 
_pdbx_audit_revision_category.revision_ordinal 
_pdbx_audit_revision_category.data_content_type 
_pdbx_audit_revision_category.category 
1 2 'Structure model' citation                      
2 2 'Structure model' citation_author               
3 3 'Structure model' entity_poly                   
4 3 'Structure model' pdbx_audit_support            
5 4 'Structure model' chem_comp_atom                
6 4 'Structure model' chem_comp_bond                
7 4 'Structure model' database_2                    
8 4 'Structure model' pdbx_initial_refinement_model 
# 
loop_
_pdbx_audit_revision_item.ordinal 
_pdbx_audit_revision_item.revision_ordinal 
_pdbx_audit_revision_item.data_content_type 
_pdbx_audit_revision_item.item 
1 2 'Structure model' '_citation.page_first'                     
2 2 'Structure model' '_citation.page_last'                      
3 2 'Structure model' '_citation.pdbx_database_id_PubMed'        
4 2 'Structure model' '_citation.title'                          
5 2 'Structure model' '_citation_author.name'                    
6 3 'Structure model' '_entity_poly.pdbx_seq_one_letter_code'    
7 3 'Structure model' '_pdbx_audit_support.funding_organization' 
8 4 'Structure model' '_database_2.pdbx_DOI'                     
9 4 'Structure model' '_database_2.pdbx_database_accession'      
# 
loop_
_pdbx_refine_tls.pdbx_refine_id 
_pdbx_refine_tls.id 
_pdbx_refine_tls.details 
_pdbx_refine_tls.method 
_pdbx_refine_tls.origin_x 
_pdbx_refine_tls.origin_y 
_pdbx_refine_tls.origin_z 
_pdbx_refine_tls.T[1][1] 
_pdbx_refine_tls.T[2][2] 
_pdbx_refine_tls.T[3][3] 
_pdbx_refine_tls.T[1][2] 
_pdbx_refine_tls.T[1][3] 
_pdbx_refine_tls.T[2][3] 
_pdbx_refine_tls.L[1][1] 
_pdbx_refine_tls.L[2][2] 
_pdbx_refine_tls.L[3][3] 
_pdbx_refine_tls.L[1][2] 
_pdbx_refine_tls.L[1][3] 
_pdbx_refine_tls.L[2][3] 
_pdbx_refine_tls.S[1][1] 
_pdbx_refine_tls.S[2][2] 
_pdbx_refine_tls.S[3][3] 
_pdbx_refine_tls.S[1][2] 
_pdbx_refine_tls.S[1][3] 
_pdbx_refine_tls.S[2][3] 
_pdbx_refine_tls.S[2][1] 
_pdbx_refine_tls.S[3][1] 
_pdbx_refine_tls.S[3][2] 
'X-RAY DIFFRACTION' 1 ? refined 0.5481  -1.3344 -3.0571 0.2819 0.8085 0.3225 0.0076  0.0949 -0.0126 1.0528  2.8043 0.4928 -0.0735 -0.6377 0.5930  -0.2528 0.2697 0.0709  0.4571  -0.2123 -0.2821 -0.5623 0.0118  0.0334  
'X-RAY DIFFRACTION' 2 ? refined 6.7008  -6.3321 1.1267  0.4986 0.7494 0.2965 -0.0402 0.2170 -0.0766 2.4328  1.7514 1.7212 0.0972  1.0206  1.5444  -0.2101 0.5241 -0.5328 -0.3865 0.0371  0.4877  1.2741  0.1652  -0.7840 
'X-RAY DIFFRACTION' 3 ? refined -1.5898 2.3586  1.3029  0.2887 0.5394 0.2620 0.0271  0.0610 -0.0390 10.3426 2.3646 1.5415 -1.0894 -2.2932 -0.4143 0.1327  0.0485 -0.1973 0.3521  0.7467  -0.2148 -0.2877 -0.2722 -0.0847 
# 
loop_
_pdbx_refine_tls_group.pdbx_refine_id 
_pdbx_refine_tls_group.id 
_pdbx_refine_tls_group.refine_tls_id 
_pdbx_refine_tls_group.beg_auth_asym_id 
_pdbx_refine_tls_group.beg_auth_seq_id 
_pdbx_refine_tls_group.end_auth_asym_id 
_pdbx_refine_tls_group.end_auth_seq_id 
_pdbx_refine_tls_group.selection_details 
_pdbx_refine_tls_group.beg_label_asym_id 
_pdbx_refine_tls_group.beg_label_seq_id 
_pdbx_refine_tls_group.end_label_asym_id 
_pdbx_refine_tls_group.end_label_seq_id 
_pdbx_refine_tls_group.selection 
'X-RAY DIFFRACTION' 1 1 A 1  A 10 '(chain A and resid 1:10)'  ? ? ? ? ? 
'X-RAY DIFFRACTION' 2 2 A 11 A 15 '(chain A and resid 11:15)' ? ? ? ? ? 
'X-RAY DIFFRACTION' 3 3 A 16 A 33 '(chain A and resid 16:33)' ? ? ? ? ? 
# 
_pdbx_phasing_MR.entry_id                     6E1S 
_pdbx_phasing_MR.method_rotation              ? 
_pdbx_phasing_MR.method_translation           ? 
_pdbx_phasing_MR.model_details                ? 
_pdbx_phasing_MR.R_factor                     ? 
_pdbx_phasing_MR.R_rigid_body                 ? 
_pdbx_phasing_MR.correlation_coeff_Fo_to_Fc   ? 
_pdbx_phasing_MR.correlation_coeff_Io_to_Ic   ? 
_pdbx_phasing_MR.d_res_high_rotation          5.550 
_pdbx_phasing_MR.d_res_low_rotation           57.700 
_pdbx_phasing_MR.d_res_high_translation       5.550 
_pdbx_phasing_MR.d_res_low_translation        57.700 
_pdbx_phasing_MR.packing                      ? 
_pdbx_phasing_MR.reflns_percent_rotation      ? 
_pdbx_phasing_MR.reflns_percent_translation   ? 
_pdbx_phasing_MR.sigma_F_rotation             ? 
_pdbx_phasing_MR.sigma_F_translation          ? 
_pdbx_phasing_MR.sigma_I_rotation             ? 
_pdbx_phasing_MR.sigma_I_translation          ? 
# 
_phasing.method   MR 
# 
loop_
_software.citation_id 
_software.classification 
_software.compiler_name 
_software.compiler_version 
_software.contact_author 
_software.contact_author_email 
_software.date 
_software.description 
_software.dependencies 
_software.hardware 
_software.language 
_software.location 
_software.mods 
_software.name 
_software.os 
_software.os_version 
_software.type 
_software.version 
_software.pdbx_ordinal 
? refinement        ? ? ? ? ? ? ? ? ? ? ? PHENIX      ? ? ? .      1 
? 'data scaling'    ? ? ? ? ? ? ? ? ? ? ? Aimless     ? ? ? 0.5.27 2 
? phasing           ? ? ? ? ? ? ? ? ? ? ? PHASER      ? ? ? 2.7.16 3 
? 'data extraction' ? ? ? ? ? ? ? ? ? ? ? PDB_EXTRACT ? ? ? 3.24   4 
? 'data reduction'  ? ? ? ? ? ? ? ? ? ? ? DIALS       ? ? ? .      5 
# 
loop_
_chem_comp_atom.comp_id 
_chem_comp_atom.atom_id 
_chem_comp_atom.type_symbol 
_chem_comp_atom.pdbx_aromatic_flag 
_chem_comp_atom.pdbx_stereo_config 
_chem_comp_atom.pdbx_ordinal 
A   OP3    O N N 1   
A   P      P N N 2   
A   OP1    O N N 3   
A   OP2    O N N 4   
A   "O5'"  O N N 5   
A   "C5'"  C N N 6   
A   "C4'"  C N R 7   
A   "O4'"  O N N 8   
A   "C3'"  C N S 9   
A   "O3'"  O N N 10  
A   "C2'"  C N R 11  
A   "O2'"  O N N 12  
A   "C1'"  C N R 13  
A   N9     N Y N 14  
A   C8     C Y N 15  
A   N7     N Y N 16  
A   C5     C Y N 17  
A   C6     C Y N 18  
A   N6     N N N 19  
A   N1     N Y N 20  
A   C2     C Y N 21  
A   N3     N Y N 22  
A   C4     C Y N 23  
A   HOP3   H N N 24  
A   HOP2   H N N 25  
A   "H5'"  H N N 26  
A   "H5''" H N N 27  
A   "H4'"  H N N 28  
A   "H3'"  H N N 29  
A   "HO3'" H N N 30  
A   "H2'"  H N N 31  
A   "HO2'" H N N 32  
A   "H1'"  H N N 33  
A   H8     H N N 34  
A   H61    H N N 35  
A   H62    H N N 36  
A   H2     H N N 37  
C   OP3    O N N 38  
C   P      P N N 39  
C   OP1    O N N 40  
C   OP2    O N N 41  
C   "O5'"  O N N 42  
C   "C5'"  C N N 43  
C   "C4'"  C N R 44  
C   "O4'"  O N N 45  
C   "C3'"  C N S 46  
C   "O3'"  O N N 47  
C   "C2'"  C N R 48  
C   "O2'"  O N N 49  
C   "C1'"  C N R 50  
C   N1     N N N 51  
C   C2     C N N 52  
C   O2     O N N 53  
C   N3     N N N 54  
C   C4     C N N 55  
C   N4     N N N 56  
C   C5     C N N 57  
C   C6     C N N 58  
C   HOP3   H N N 59  
C   HOP2   H N N 60  
C   "H5'"  H N N 61  
C   "H5''" H N N 62  
C   "H4'"  H N N 63  
C   "H3'"  H N N 64  
C   "HO3'" H N N 65  
C   "H2'"  H N N 66  
C   "HO2'" H N N 67  
C   "H1'"  H N N 68  
C   H41    H N N 69  
C   H42    H N N 70  
C   H5     H N N 71  
C   H6     H N N 72  
G   OP3    O N N 73  
G   P      P N N 74  
G   OP1    O N N 75  
G   OP2    O N N 76  
G   "O5'"  O N N 77  
G   "C5'"  C N N 78  
G   "C4'"  C N R 79  
G   "O4'"  O N N 80  
G   "C3'"  C N S 81  
G   "O3'"  O N N 82  
G   "C2'"  C N R 83  
G   "O2'"  O N N 84  
G   "C1'"  C N R 85  
G   N9     N Y N 86  
G   C8     C Y N 87  
G   N7     N Y N 88  
G   C5     C Y N 89  
G   C6     C N N 90  
G   O6     O N N 91  
G   N1     N N N 92  
G   C2     C N N 93  
G   N2     N N N 94  
G   N3     N N N 95  
G   C4     C Y N 96  
G   HOP3   H N N 97  
G   HOP2   H N N 98  
G   "H5'"  H N N 99  
G   "H5''" H N N 100 
G   "H4'"  H N N 101 
G   "H3'"  H N N 102 
G   "HO3'" H N N 103 
G   "H2'"  H N N 104 
G   "HO2'" H N N 105 
G   "H1'"  H N N 106 
G   H8     H N N 107 
G   H1     H N N 108 
G   H21    H N N 109 
G   H22    H N N 110 
HLV C1     C Y N 111 
HLV C2     C Y N 112 
HLV C3     C Y N 113 
HLV C4     C Y N 114 
HLV C5     C Y N 115 
HLV C6     C Y N 116 
HLV O2     O N N 117 
HLV C10    C Y N 118 
HLV C11    C Y N 119 
HLV C12    C Y N 120 
HLV C13    C N N 121 
HLV C14    C N N 122 
HLV C7     C Y N 123 
HLV C8     C Y N 124 
HLV C9     C Y N 125 
HLV N1     N N N 126 
HLV O1     O Y N 127 
HLV H1     H N N 128 
HLV H2     H N N 129 
HLV H3     H N N 130 
HLV H4     H N N 131 
HLV H5     H N N 132 
HLV H6     H N N 133 
HLV H7     H N N 134 
HLV H8     H N N 135 
HLV H9     H N N 136 
HLV H10    H N N 137 
HLV H11    H N N 138 
HLV H12    H N N 139 
HLV H13    H N N 140 
HOH O      O N N 141 
HOH H1     H N N 142 
HOH H2     H N N 143 
U   OP3    O N N 144 
U   P      P N N 145 
U   OP1    O N N 146 
U   OP2    O N N 147 
U   "O5'"  O N N 148 
U   "C5'"  C N N 149 
U   "C4'"  C N R 150 
U   "O4'"  O N N 151 
U   "C3'"  C N S 152 
U   "O3'"  O N N 153 
U   "C2'"  C N R 154 
U   "O2'"  O N N 155 
U   "C1'"  C N R 156 
U   N1     N N N 157 
U   C2     C N N 158 
U   O2     O N N 159 
U   N3     N N N 160 
U   C4     C N N 161 
U   O4     O N N 162 
U   C5     C N N 163 
U   C6     C N N 164 
U   HOP3   H N N 165 
U   HOP2   H N N 166 
U   "H5'"  H N N 167 
U   "H5''" H N N 168 
U   "H4'"  H N N 169 
U   "H3'"  H N N 170 
U   "HO3'" H N N 171 
U   "H2'"  H N N 172 
U   "HO2'" H N N 173 
U   "H1'"  H N N 174 
U   H3     H N N 175 
U   H5     H N N 176 
U   H6     H N N 177 
# 
loop_
_chem_comp_bond.comp_id 
_chem_comp_bond.atom_id_1 
_chem_comp_bond.atom_id_2 
_chem_comp_bond.value_order 
_chem_comp_bond.pdbx_aromatic_flag 
_chem_comp_bond.pdbx_stereo_config 
_chem_comp_bond.pdbx_ordinal 
A   OP3   P      sing N N 1   
A   OP3   HOP3   sing N N 2   
A   P     OP1    doub N N 3   
A   P     OP2    sing N N 4   
A   P     "O5'"  sing N N 5   
A   OP2   HOP2   sing N N 6   
A   "O5'" "C5'"  sing N N 7   
A   "C5'" "C4'"  sing N N 8   
A   "C5'" "H5'"  sing N N 9   
A   "C5'" "H5''" sing N N 10  
A   "C4'" "O4'"  sing N N 11  
A   "C4'" "C3'"  sing N N 12  
A   "C4'" "H4'"  sing N N 13  
A   "O4'" "C1'"  sing N N 14  
A   "C3'" "O3'"  sing N N 15  
A   "C3'" "C2'"  sing N N 16  
A   "C3'" "H3'"  sing N N 17  
A   "O3'" "HO3'" sing N N 18  
A   "C2'" "O2'"  sing N N 19  
A   "C2'" "C1'"  sing N N 20  
A   "C2'" "H2'"  sing N N 21  
A   "O2'" "HO2'" sing N N 22  
A   "C1'" N9     sing N N 23  
A   "C1'" "H1'"  sing N N 24  
A   N9    C8     sing Y N 25  
A   N9    C4     sing Y N 26  
A   C8    N7     doub Y N 27  
A   C8    H8     sing N N 28  
A   N7    C5     sing Y N 29  
A   C5    C6     sing Y N 30  
A   C5    C4     doub Y N 31  
A   C6    N6     sing N N 32  
A   C6    N1     doub Y N 33  
A   N6    H61    sing N N 34  
A   N6    H62    sing N N 35  
A   N1    C2     sing Y N 36  
A   C2    N3     doub Y N 37  
A   C2    H2     sing N N 38  
A   N3    C4     sing Y N 39  
C   OP3   P      sing N N 40  
C   OP3   HOP3   sing N N 41  
C   P     OP1    doub N N 42  
C   P     OP2    sing N N 43  
C   P     "O5'"  sing N N 44  
C   OP2   HOP2   sing N N 45  
C   "O5'" "C5'"  sing N N 46  
C   "C5'" "C4'"  sing N N 47  
C   "C5'" "H5'"  sing N N 48  
C   "C5'" "H5''" sing N N 49  
C   "C4'" "O4'"  sing N N 50  
C   "C4'" "C3'"  sing N N 51  
C   "C4'" "H4'"  sing N N 52  
C   "O4'" "C1'"  sing N N 53  
C   "C3'" "O3'"  sing N N 54  
C   "C3'" "C2'"  sing N N 55  
C   "C3'" "H3'"  sing N N 56  
C   "O3'" "HO3'" sing N N 57  
C   "C2'" "O2'"  sing N N 58  
C   "C2'" "C1'"  sing N N 59  
C   "C2'" "H2'"  sing N N 60  
C   "O2'" "HO2'" sing N N 61  
C   "C1'" N1     sing N N 62  
C   "C1'" "H1'"  sing N N 63  
C   N1    C2     sing N N 64  
C   N1    C6     sing N N 65  
C   C2    O2     doub N N 66  
C   C2    N3     sing N N 67  
C   N3    C4     doub N N 68  
C   C4    N4     sing N N 69  
C   C4    C5     sing N N 70  
C   N4    H41    sing N N 71  
C   N4    H42    sing N N 72  
C   C5    C6     doub N N 73  
C   C5    H5     sing N N 74  
C   C6    H6     sing N N 75  
G   OP3   P      sing N N 76  
G   OP3   HOP3   sing N N 77  
G   P     OP1    doub N N 78  
G   P     OP2    sing N N 79  
G   P     "O5'"  sing N N 80  
G   OP2   HOP2   sing N N 81  
G   "O5'" "C5'"  sing N N 82  
G   "C5'" "C4'"  sing N N 83  
G   "C5'" "H5'"  sing N N 84  
G   "C5'" "H5''" sing N N 85  
G   "C4'" "O4'"  sing N N 86  
G   "C4'" "C3'"  sing N N 87  
G   "C4'" "H4'"  sing N N 88  
G   "O4'" "C1'"  sing N N 89  
G   "C3'" "O3'"  sing N N 90  
G   "C3'" "C2'"  sing N N 91  
G   "C3'" "H3'"  sing N N 92  
G   "O3'" "HO3'" sing N N 93  
G   "C2'" "O2'"  sing N N 94  
G   "C2'" "C1'"  sing N N 95  
G   "C2'" "H2'"  sing N N 96  
G   "O2'" "HO2'" sing N N 97  
G   "C1'" N9     sing N N 98  
G   "C1'" "H1'"  sing N N 99  
G   N9    C8     sing Y N 100 
G   N9    C4     sing Y N 101 
G   C8    N7     doub Y N 102 
G   C8    H8     sing N N 103 
G   N7    C5     sing Y N 104 
G   C5    C6     sing N N 105 
G   C5    C4     doub Y N 106 
G   C6    O6     doub N N 107 
G   C6    N1     sing N N 108 
G   N1    C2     sing N N 109 
G   N1    H1     sing N N 110 
G   C2    N2     sing N N 111 
G   C2    N3     doub N N 112 
G   N2    H21    sing N N 113 
G   N2    H22    sing N N 114 
G   N3    C4     sing N N 115 
HLV C12   C11    doub Y N 116 
HLV C12   C10    sing Y N 117 
HLV C11   C8     sing Y N 118 
HLV C10   C4     doub Y N 119 
HLV C8    C2     doub Y N 120 
HLV C4    C2     sing Y N 121 
HLV C4    O1     sing Y N 122 
HLV C2    C1     sing Y N 123 
HLV O1    C3     sing Y N 124 
HLV C1    C5     doub Y N 125 
HLV C1    C3     sing Y N 126 
HLV C5    C6     sing Y N 127 
HLV C3    C7     doub Y N 128 
HLV C13   C14    sing N N 129 
HLV C13   O2     sing N N 130 
HLV C7    C9     sing Y N 131 
HLV C6    C9     doub Y N 132 
HLV C6    O2     sing N N 133 
HLV C14   N1     sing N N 134 
HLV C5    H1     sing N N 135 
HLV C10   H2     sing N N 136 
HLV C11   H3     sing N N 137 
HLV C12   H4     sing N N 138 
HLV C13   H5     sing N N 139 
HLV C13   H6     sing N N 140 
HLV C14   H7     sing N N 141 
HLV C14   H8     sing N N 142 
HLV C7    H9     sing N N 143 
HLV C8    H10    sing N N 144 
HLV C9    H11    sing N N 145 
HLV N1    H12    sing N N 146 
HLV N1    H13    sing N N 147 
HOH O     H1     sing N N 148 
HOH O     H2     sing N N 149 
U   OP3   P      sing N N 150 
U   OP3   HOP3   sing N N 151 
U   P     OP1    doub N N 152 
U   P     OP2    sing N N 153 
U   P     "O5'"  sing N N 154 
U   OP2   HOP2   sing N N 155 
U   "O5'" "C5'"  sing N N 156 
U   "C5'" "C4'"  sing N N 157 
U   "C5'" "H5'"  sing N N 158 
U   "C5'" "H5''" sing N N 159 
U   "C4'" "O4'"  sing N N 160 
U   "C4'" "C3'"  sing N N 161 
U   "C4'" "H4'"  sing N N 162 
U   "O4'" "C1'"  sing N N 163 
U   "C3'" "O3'"  sing N N 164 
U   "C3'" "C2'"  sing N N 165 
U   "C3'" "H3'"  sing N N 166 
U   "O3'" "HO3'" sing N N 167 
U   "C2'" "O2'"  sing N N 168 
U   "C2'" "C1'"  sing N N 169 
U   "C2'" "H2'"  sing N N 170 
U   "O2'" "HO2'" sing N N 171 
U   "C1'" N1     sing N N 172 
U   "C1'" "H1'"  sing N N 173 
U   N1    C2     sing N N 174 
U   N1    C6     sing N N 175 
U   C2    O2     doub N N 176 
U   C2    N3     sing N N 177 
U   N3    C4     sing N N 178 
U   N3    H3     sing N N 179 
U   C4    O4     doub N N 180 
U   C4    C5     sing N N 181 
U   C5    C6     doub N N 182 
U   C5    H5     sing N N 183 
U   C6    H6     sing N N 184 
# 
loop_
_ndb_struct_conf_na.entry_id 
_ndb_struct_conf_na.feature 
6E1S 'double helix'        
6E1S 'a-form double helix' 
6E1S 'quadruple helix'     
# 
loop_
_ndb_struct_na_base_pair.model_number 
_ndb_struct_na_base_pair.i_label_asym_id 
_ndb_struct_na_base_pair.i_label_comp_id 
_ndb_struct_na_base_pair.i_label_seq_id 
_ndb_struct_na_base_pair.i_symmetry 
_ndb_struct_na_base_pair.j_label_asym_id 
_ndb_struct_na_base_pair.j_label_comp_id 
_ndb_struct_na_base_pair.j_label_seq_id 
_ndb_struct_na_base_pair.j_symmetry 
_ndb_struct_na_base_pair.shear 
_ndb_struct_na_base_pair.stretch 
_ndb_struct_na_base_pair.stagger 
_ndb_struct_na_base_pair.buckle 
_ndb_struct_na_base_pair.propeller 
_ndb_struct_na_base_pair.opening 
_ndb_struct_na_base_pair.pair_number 
_ndb_struct_na_base_pair.pair_name 
_ndb_struct_na_base_pair.i_auth_asym_id 
_ndb_struct_na_base_pair.i_auth_seq_id 
_ndb_struct_na_base_pair.i_PDB_ins_code 
_ndb_struct_na_base_pair.j_auth_asym_id 
_ndb_struct_na_base_pair.j_auth_seq_id 
_ndb_struct_na_base_pair.j_PDB_ins_code 
_ndb_struct_na_base_pair.hbond_type_28 
_ndb_struct_na_base_pair.hbond_type_12 
1 A C 1  1_555 A G 20 1_555 0.119  -0.148 0.060  0.668   -8.293  -1.969  1  A_C1:G20_A  A 1  ? A 20 ? 19 1  
1 A U 2  1_555 A A 19 1_555 0.080  -0.122 0.238  -3.048  -17.604 1.389   2  A_U2:A19_A  A 2  ? A 19 ? 20 1  
1 A G 3  1_555 A C 18 1_555 -0.119 -0.152 0.003  -7.515  -10.383 -1.088  3  A_G3:C18_A  A 3  ? A 18 ? 19 1  
1 A G 4  1_555 A C 17 1_555 -0.043 -0.115 0.098  -4.230  -10.643 -0.735  4  A_G4:C17_A  A 4  ? A 17 ? 19 1  
1 A G 5  1_555 A C 16 1_555 -0.125 -0.101 -0.076 -7.852  -11.879 0.636   5  A_G5:C16_A  A 5  ? A 16 ? 19 1  
1 A U 6  1_555 A A 28 1_555 -0.597 3.342  1.403  -32.213 -12.707 -71.092 6  A_U6:A28_A  A 6  ? A 28 ? 23 3  
1 A C 7  1_555 A A 29 1_555 4.191  0.193  2.266  -26.958 20.075  -48.456 7  A_C7:A29_A  A 7  ? A 29 ? ?  ?  
1 A G 11 1_555 A C 30 1_555 -0.306 -0.240 0.117  -4.770  -24.525 -1.089  8  A_G11:C30_A A 11 ? A 30 ? 19 1  
1 A G 8  1_555 A A 31 1_555 3.332  -3.953 -0.412 16.395  12.531  -69.439 9  A_G8:A31_A  A 8  ? A 31 ? 10 6  
1 A A 10 1_555 A A 32 1_555 6.454  -4.270 -0.082 9.288   -11.802 -17.720 10 A_A10:A32_A A 10 ? A 32 ? ?  10 
1 A C 9  1_555 A G 33 1_555 0.348  -0.260 0.000  0.204   -4.841  0.743   11 A_C9:G33_A  A 9  ? A 33 ? 19 1  
# 
loop_
_ndb_struct_na_base_pair_step.model_number 
_ndb_struct_na_base_pair_step.i_label_asym_id_1 
_ndb_struct_na_base_pair_step.i_label_comp_id_1 
_ndb_struct_na_base_pair_step.i_label_seq_id_1 
_ndb_struct_na_base_pair_step.i_symmetry_1 
_ndb_struct_na_base_pair_step.j_label_asym_id_1 
_ndb_struct_na_base_pair_step.j_label_comp_id_1 
_ndb_struct_na_base_pair_step.j_label_seq_id_1 
_ndb_struct_na_base_pair_step.j_symmetry_1 
_ndb_struct_na_base_pair_step.i_label_asym_id_2 
_ndb_struct_na_base_pair_step.i_label_comp_id_2 
_ndb_struct_na_base_pair_step.i_label_seq_id_2 
_ndb_struct_na_base_pair_step.i_symmetry_2 
_ndb_struct_na_base_pair_step.j_label_asym_id_2 
_ndb_struct_na_base_pair_step.j_label_comp_id_2 
_ndb_struct_na_base_pair_step.j_label_seq_id_2 
_ndb_struct_na_base_pair_step.j_symmetry_2 
_ndb_struct_na_base_pair_step.shift 
_ndb_struct_na_base_pair_step.slide 
_ndb_struct_na_base_pair_step.rise 
_ndb_struct_na_base_pair_step.tilt 
_ndb_struct_na_base_pair_step.roll 
_ndb_struct_na_base_pair_step.twist 
_ndb_struct_na_base_pair_step.x_displacement 
_ndb_struct_na_base_pair_step.y_displacement 
_ndb_struct_na_base_pair_step.helical_rise 
_ndb_struct_na_base_pair_step.inclination 
_ndb_struct_na_base_pair_step.tip 
_ndb_struct_na_base_pair_step.helical_twist 
_ndb_struct_na_base_pair_step.step_number 
_ndb_struct_na_base_pair_step.step_name 
_ndb_struct_na_base_pair_step.i_auth_asym_id_1 
_ndb_struct_na_base_pair_step.i_auth_seq_id_1 
_ndb_struct_na_base_pair_step.i_PDB_ins_code_1 
_ndb_struct_na_base_pair_step.j_auth_asym_id_1 
_ndb_struct_na_base_pair_step.j_auth_seq_id_1 
_ndb_struct_na_base_pair_step.j_PDB_ins_code_1 
_ndb_struct_na_base_pair_step.i_auth_asym_id_2 
_ndb_struct_na_base_pair_step.i_auth_seq_id_2 
_ndb_struct_na_base_pair_step.i_PDB_ins_code_2 
_ndb_struct_na_base_pair_step.j_auth_asym_id_2 
_ndb_struct_na_base_pair_step.j_auth_seq_id_2 
_ndb_struct_na_base_pair_step.j_PDB_ins_code_2 
1 A C 1  1_555 A G 20 1_555 A U 2  1_555 A A 19 1_555 0.638  -1.490 3.183  1.846    9.013   36.934   -3.350 -0.761 2.784  13.962  
-2.860  38.024   1  AA_C1U2:A19G20_AA  A 1  ? A 20 ? A 2  ? A 19 ? 
1 A U 2  1_555 A A 19 1_555 A G 3  1_555 A C 18 1_555 -0.376 -1.631 3.230  0.946    8.762   30.846   -4.404 0.838  2.665  16.065  
-1.734  32.051   2  AA_U2G3:C18A19_AA  A 2  ? A 19 ? A 3  ? A 18 ? 
1 A G 3  1_555 A C 18 1_555 A G 4  1_555 A C 17 1_555 0.449  -1.465 3.174  1.240    3.964   29.593   -3.618 -0.628 2.973  7.713   
-2.413  29.876   3  AA_G3G4:C17C18_AA  A 3  ? A 18 ? A 4  ? A 17 ? 
1 A G 4  1_555 A C 17 1_555 A G 5  1_555 A C 16 1_555 0.309  -1.713 3.369  4.044    5.096   35.989   -3.434 0.065  3.120  8.166   
-6.480  36.553   4  AA_G4G5:C16C17_AA  A 4  ? A 17 ? A 5  ? A 16 ? 
1 A G 5  1_555 A C 16 1_555 A U 6  1_555 A A 28 1_555 -6.689 -1.286 1.344  14.716   7.590   18.741   -2.203 13.981 -3.283 19.153  
-37.139 24.959   5  AA_G5U6:A28C16_AA  A 5  ? A 16 ? A 6  ? A 28 ? 
1 A U 6  1_555 A A 28 1_555 A C 7  1_555 A A 29 1_555 2.534  -1.800 3.772  1.788    -0.092  47.834   -2.210 -2.958 3.862  -0.114  
-2.204  47.865   6  AA_U6C7:A29A28_AA  A 6  ? A 28 ? A 7  ? A 29 ? 
1 A C 7  1_555 A A 29 1_555 A G 11 1_555 A C 30 1_555 1.008  -1.839 0.590  -147.337 -96.629 175.199  -0.913 -0.514 0.596  -48.316 
73.670  179.841  7  AA_C7G11:C30A29_AA A 7  ? A 29 ? A 11 ? A 30 ? 
1 A G 11 1_555 A C 30 1_555 A G 8  1_555 A A 31 1_555 -3.549 2.940  1.906  -165.553 -10.145 -149.470 -1.459 -1.966 0.960  5.088   
-83.023 -176.287 8  AA_G11G8:A31C30_AA A 11 ? A 30 ? A 8  ? A 31 ? 
1 A G 8  1_555 A A 31 1_555 A A 10 1_555 A A 32 1_555 -5.944 2.652  -1.869 154.146  44.785  -16.945  -1.682 -1.857 4.633  -24.706 
85.035  -160.735 9  AA_G8A10:A32A31_AA A 8  ? A 31 ? A 10 ? A 32 ? 
1 A A 10 1_555 A A 32 1_555 A C 9  1_555 A G 33 1_555 1.458  0.940  -3.285 -0.664   -2.935  -57.483  -1.134 1.550  -3.222 3.049   
-0.690  -57.555  10 AA_A10C9:G33A32_AA A 10 ? A 32 ? A 9  ? A 33 ? 
# 
loop_
_pdbx_audit_support.funding_organization 
_pdbx_audit_support.country 
_pdbx_audit_support.grant_number 
_pdbx_audit_support.ordinal 
'National Institutes of Health/National Heart, Lung, and Blood Institute (NIH/NHLBI)' 'United States' ? 1 
'National Institutes of Health/National Cancer Institute (NIH/NCI)'                   'United States' ? 2 
'Japan Society for the Promotion of Science (JSPS)'                                   Japan           ? 3 
# 
_pdbx_entity_instance_feature.ordinal        1 
_pdbx_entity_instance_feature.comp_id        HLV 
_pdbx_entity_instance_feature.asym_id        ? 
_pdbx_entity_instance_feature.seq_num        ? 
_pdbx_entity_instance_feature.auth_comp_id   HLV 
_pdbx_entity_instance_feature.auth_asym_id   ? 
_pdbx_entity_instance_feature.auth_seq_num   ? 
_pdbx_entity_instance_feature.feature_type   'SUBJECT OF INVESTIGATION' 
_pdbx_entity_instance_feature.details        ? 
# 
loop_
_pdbx_entity_nonpoly.entity_id 
_pdbx_entity_nonpoly.name 
_pdbx_entity_nonpoly.comp_id 
2 '2-[(dibenzo[b,d]furan-2-yl)oxy]ethan-1-amine' HLV 
3 water                                          HOH 
# 
_pdbx_initial_refinement_model.id               1 
_pdbx_initial_refinement_model.entity_id_list   ? 
_pdbx_initial_refinement_model.type             'experimental model' 
_pdbx_initial_refinement_model.source_name      PDB 
_pdbx_initial_refinement_model.accession_code   3Q50 
_pdbx_initial_refinement_model.details          ? 
# 
_pdbx_struct_assembly_auth_evidence.id                     1 
_pdbx_struct_assembly_auth_evidence.assembly_id            1 
_pdbx_struct_assembly_auth_evidence.experimental_support   homology 
_pdbx_struct_assembly_auth_evidence.details                ? 
# 
